data_3PH2
# 
_entry.id   3PH2 
# 
_audit_conform.dict_name       mmcif_pdbx.dic 
_audit_conform.dict_version    5.399 
_audit_conform.dict_location   http://mmcif.pdb.org/dictionaries/ascii/mmcif_pdbx.dic 
# 
loop_
_database_2.database_id 
_database_2.database_code 
_database_2.pdbx_database_accession 
_database_2.pdbx_DOI 
PDB   3PH2         pdb_00003ph2 10.2210/pdb3ph2/pdb 
RCSB  RCSB062364   ?            ?                   
WWPDB D_1000062364 ?            ?                   
# 
loop_
_pdbx_audit_revision_history.ordinal 
_pdbx_audit_revision_history.data_content_type 
_pdbx_audit_revision_history.major_revision 
_pdbx_audit_revision_history.minor_revision 
_pdbx_audit_revision_history.revision_date 
1 'Structure model' 1 0 2011-02-09 
2 'Structure model' 1 1 2011-07-13 
3 'Structure model' 1 2 2011-08-10 
4 'Structure model' 2 0 2021-03-03 
5 'Structure model' 2 1 2023-09-06 
6 'Structure model' 2 2 2024-11-27 
# 
_pdbx_audit_revision_details.ordinal             1 
_pdbx_audit_revision_details.revision_ordinal    1 
_pdbx_audit_revision_details.data_content_type   'Structure model' 
_pdbx_audit_revision_details.provider            repository 
_pdbx_audit_revision_details.type                'Initial release' 
_pdbx_audit_revision_details.description         ? 
_pdbx_audit_revision_details.details             ? 
# 
loop_
_pdbx_audit_revision_group.ordinal 
_pdbx_audit_revision_group.revision_ordinal 
_pdbx_audit_revision_group.data_content_type 
_pdbx_audit_revision_group.group 
1  2 'Structure model' 'Version format compliance' 
2  3 'Structure model' 'Database references'       
3  4 'Structure model' Advisory                    
4  4 'Structure model' 'Atomic model'              
5  4 'Structure model' 'Data collection'           
6  4 'Structure model' 'Derived calculations'      
7  4 'Structure model' 'Non-polymer description'   
8  4 'Structure model' 'Structure summary'         
9  5 'Structure model' 'Data collection'           
10 5 'Structure model' 'Database references'       
11 5 'Structure model' 'Refinement description'    
12 6 'Structure model' 'Structure summary'         
# 
loop_
_pdbx_audit_revision_category.ordinal 
_pdbx_audit_revision_category.revision_ordinal 
_pdbx_audit_revision_category.data_content_type 
_pdbx_audit_revision_category.category 
1  4 'Structure model' atom_site                     
2  4 'Structure model' atom_site_anisotrop           
3  4 'Structure model' chem_comp                     
4  4 'Structure model' entity                        
5  4 'Structure model' pdbx_entity_nonpoly           
6  4 'Structure model' pdbx_nonpoly_scheme           
7  4 'Structure model' pdbx_struct_conn_angle        
8  4 'Structure model' pdbx_validate_close_contact   
9  4 'Structure model' struct_conn                   
10 4 'Structure model' struct_conn_type              
11 4 'Structure model' struct_site                   
12 4 'Structure model' struct_site_gen               
13 5 'Structure model' chem_comp_atom                
14 5 'Structure model' chem_comp_bond                
15 5 'Structure model' database_2                    
16 5 'Structure model' pdbx_initial_refinement_model 
17 6 'Structure model' pdbx_entry_details            
18 6 'Structure model' pdbx_modification_feature     
# 
loop_
_pdbx_audit_revision_item.ordinal 
_pdbx_audit_revision_item.revision_ordinal 
_pdbx_audit_revision_item.data_content_type 
_pdbx_audit_revision_item.item 
1  4 'Structure model' '_atom_site.B_iso_or_equiv'                   
2  4 'Structure model' '_atom_site.Cartn_x'                          
3  4 'Structure model' '_atom_site.Cartn_y'                          
4  4 'Structure model' '_atom_site.Cartn_z'                          
5  4 'Structure model' '_atom_site.auth_atom_id'                     
6  4 'Structure model' '_atom_site.auth_comp_id'                     
7  4 'Structure model' '_atom_site.label_atom_id'                    
8  4 'Structure model' '_atom_site.label_comp_id'                    
9  4 'Structure model' '_atom_site.type_symbol'                      
10 4 'Structure model' '_atom_site_anisotrop.U[1][1]'                
11 4 'Structure model' '_atom_site_anisotrop.U[1][2]'                
12 4 'Structure model' '_atom_site_anisotrop.U[1][3]'                
13 4 'Structure model' '_atom_site_anisotrop.U[2][2]'                
14 4 'Structure model' '_atom_site_anisotrop.U[2][3]'                
15 4 'Structure model' '_atom_site_anisotrop.U[3][3]'                
16 4 'Structure model' '_atom_site_anisotrop.pdbx_auth_atom_id'      
17 4 'Structure model' '_atom_site_anisotrop.pdbx_auth_comp_id'      
18 4 'Structure model' '_atom_site_anisotrop.pdbx_label_atom_id'     
19 4 'Structure model' '_atom_site_anisotrop.pdbx_label_comp_id'     
20 4 'Structure model' '_atom_site_anisotrop.type_symbol'            
21 4 'Structure model' '_chem_comp.formula'                          
22 4 'Structure model' '_chem_comp.formula_weight'                   
23 4 'Structure model' '_chem_comp.id'                               
24 4 'Structure model' '_chem_comp.name'                             
25 4 'Structure model' '_chem_comp.pdbx_synonyms'                    
26 4 'Structure model' '_entity.formula_weight'                      
27 4 'Structure model' '_entity.pdbx_description'                    
28 4 'Structure model' '_pdbx_entity_nonpoly.comp_id'                
29 4 'Structure model' '_pdbx_entity_nonpoly.name'                   
30 4 'Structure model' '_pdbx_nonpoly_scheme.mon_id'                 
31 4 'Structure model' '_pdbx_nonpoly_scheme.pdb_mon_id'             
32 4 'Structure model' '_pdbx_struct_conn_angle.ptnr1_auth_comp_id'  
33 4 'Structure model' '_pdbx_struct_conn_angle.ptnr1_label_comp_id' 
34 4 'Structure model' '_pdbx_struct_conn_angle.ptnr2_auth_comp_id'  
35 4 'Structure model' '_pdbx_struct_conn_angle.ptnr2_label_comp_id' 
36 4 'Structure model' '_pdbx_struct_conn_angle.ptnr3_auth_comp_id'  
37 4 'Structure model' '_pdbx_struct_conn_angle.ptnr3_label_comp_id' 
38 4 'Structure model' '_pdbx_validate_close_contact.auth_comp_id_2' 
39 4 'Structure model' '_struct_conn.conn_type_id'                   
40 4 'Structure model' '_struct_conn.id'                             
41 4 'Structure model' '_struct_conn.pdbx_dist_value'                
42 4 'Structure model' '_struct_conn.pdbx_leaving_atom_flag'         
43 4 'Structure model' '_struct_conn.ptnr1_auth_comp_id'             
44 4 'Structure model' '_struct_conn.ptnr1_auth_seq_id'              
45 4 'Structure model' '_struct_conn.ptnr1_label_asym_id'            
46 4 'Structure model' '_struct_conn.ptnr1_label_atom_id'            
47 4 'Structure model' '_struct_conn.ptnr1_label_comp_id'            
48 4 'Structure model' '_struct_conn.ptnr1_label_seq_id'             
49 4 'Structure model' '_struct_conn.ptnr2_auth_comp_id'             
50 4 'Structure model' '_struct_conn.ptnr2_auth_seq_id'              
51 4 'Structure model' '_struct_conn.ptnr2_label_asym_id'            
52 4 'Structure model' '_struct_conn.ptnr2_label_atom_id'            
53 4 'Structure model' '_struct_conn.ptnr2_label_comp_id'            
54 4 'Structure model' '_struct_conn_type.id'                        
55 4 'Structure model' '_struct_site.details'                        
56 4 'Structure model' '_struct_site.pdbx_auth_asym_id'              
57 4 'Structure model' '_struct_site.pdbx_auth_comp_id'              
58 4 'Structure model' '_struct_site.pdbx_auth_seq_id'               
59 4 'Structure model' '_struct_site_gen.auth_comp_id'               
60 4 'Structure model' '_struct_site_gen.label_comp_id'              
61 5 'Structure model' '_database_2.pdbx_DOI'                        
62 5 'Structure model' '_database_2.pdbx_database_accession'         
# 
_pdbx_database_status.status_code                     REL 
_pdbx_database_status.entry_id                        3PH2 
_pdbx_database_status.recvd_initial_deposition_date   2010-11-03 
_pdbx_database_status.deposit_site                    RCSB 
_pdbx_database_status.process_site                    RCSB 
_pdbx_database_status.status_code_sf                  REL 
_pdbx_database_status.status_code_mr                  ? 
_pdbx_database_status.SG_entry                        ? 
_pdbx_database_status.status_code_cs                  ? 
_pdbx_database_status.pdb_format_compatible           Y 
_pdbx_database_status.status_code_nmr_data            ? 
_pdbx_database_status.methods_development_category    ? 
# 
_pdbx_database_related.db_name        PDB 
_pdbx_database_related.db_id          2V08 
_pdbx_database_related.details        'X-ray structure of wild-type Phormidium laminosum cytochrome c6' 
_pdbx_database_related.content_type   unspecified 
# 
_audit_author.name           'Worrall, J.A.R.' 
_audit_author.pdbx_ordinal   1 
# 
_citation.id                        primary 
_citation.title                     
;Structural and kinetic studies of imidazole binding to two members of the cytochrome c (6) family reveal an important role for a conserved heme pocket residue.
;
_citation.journal_abbrev            J.Biol.Inorg.Chem. 
_citation.journal_volume            16 
_citation.page_first                577 
_citation.page_last                 588 
_citation.year                      2011 
_citation.journal_id_ASTM           JJBCFA 
_citation.country                   GW 
_citation.journal_id_ISSN           0949-8257 
_citation.journal_id_CSD            2154 
_citation.book_publisher            ? 
_citation.pdbx_database_id_PubMed   21267610 
_citation.pdbx_database_id_DOI      10.1007/s00775-011-0758-y 
# 
loop_
_citation_author.citation_id 
_citation_author.name 
_citation_author.ordinal 
_citation_author.identifier_ORCID 
primary 'Rajagopal, B.S.' 1 ? 
primary 'Wilson, M.T.'    2 ? 
primary 'Bendall, D.S.'   3 ? 
primary 'Howe, C.J.'      4 ? 
primary 'Worrall, J.A.'   5 ? 
# 
loop_
_entity.id 
_entity.type 
_entity.src_method 
_entity.pdbx_description 
_entity.formula_weight 
_entity.pdbx_number_of_molecules 
_entity.pdbx_ec 
_entity.pdbx_mutation 
_entity.pdbx_fragment 
_entity.details 
1 polymer     man 'Cytochrome c6' 8893.162 1  ? Q51V ? ? 
2 non-polymer syn 'HEME C'        618.503  1  ? ?    ? ? 
3 non-polymer syn IMIDAZOLE       69.085   1  ? ?    ? ? 
4 water       nat water           18.015   71 ? ?    ? ? 
# 
_entity_poly.entity_id                      1 
_entity_poly.type                           'polypeptide(L)' 
_entity_poly.nstd_linkage                   no 
_entity_poly.nstd_monomer                   no 
_entity_poly.pdbx_seq_one_letter_code       
;DADLATGAKVFSANCAACHAGGINLVNAEKTLKKEALEKFGMNSIVAITTVVTNGKAGMPAFKGRLTDDQIAAVAAYVLD
QAEKGW
;
_entity_poly.pdbx_seq_one_letter_code_can   
;DADLATGAKVFSANCAACHAGGINLVNAEKTLKKEALEKFGMNSIVAITTVVTNGKAGMPAFKGRLTDDQIAAVAAYVLD
QAEKGW
;
_entity_poly.pdbx_strand_id                 B 
_entity_poly.pdbx_target_identifier         ? 
# 
loop_
_pdbx_entity_nonpoly.entity_id 
_pdbx_entity_nonpoly.name 
_pdbx_entity_nonpoly.comp_id 
2 'HEME C'  HEC 
3 IMIDAZOLE IMD 
4 water     HOH 
# 
loop_
_entity_poly_seq.entity_id 
_entity_poly_seq.num 
_entity_poly_seq.mon_id 
_entity_poly_seq.hetero 
1 1  ASP n 
1 2  ALA n 
1 3  ASP n 
1 4  LEU n 
1 5  ALA n 
1 6  THR n 
1 7  GLY n 
1 8  ALA n 
1 9  LYS n 
1 10 VAL n 
1 11 PHE n 
1 12 SER n 
1 13 ALA n 
1 14 ASN n 
1 15 CYS n 
1 16 ALA n 
1 17 ALA n 
1 18 CYS n 
1 19 HIS n 
1 20 ALA n 
1 21 GLY n 
1 22 GLY n 
1 23 ILE n 
1 24 ASN n 
1 25 LEU n 
1 26 VAL n 
1 27 ASN n 
1 28 ALA n 
1 29 GLU n 
1 30 LYS n 
1 31 THR n 
1 32 LEU n 
1 33 LYS n 
1 34 LYS n 
1 35 GLU n 
1 36 ALA n 
1 37 LEU n 
1 38 GLU n 
1 39 LYS n 
1 40 PHE n 
1 41 GLY n 
1 42 MET n 
1 43 ASN n 
1 44 SER n 
1 45 ILE n 
1 46 VAL n 
1 47 ALA n 
1 48 ILE n 
1 49 THR n 
1 50 THR n 
1 51 VAL n 
1 52 VAL n 
1 53 THR n 
1 54 ASN n 
1 55 GLY n 
1 56 LYS n 
1 57 ALA n 
1 58 GLY n 
1 59 MET n 
1 60 PRO n 
1 61 ALA n 
1 62 PHE n 
1 63 LYS n 
1 64 GLY n 
1 65 ARG n 
1 66 LEU n 
1 67 THR n 
1 68 ASP n 
1 69 ASP n 
1 70 GLN n 
1 71 ILE n 
1 72 ALA n 
1 73 ALA n 
1 74 VAL n 
1 75 ALA n 
1 76 ALA n 
1 77 TYR n 
1 78 VAL n 
1 79 LEU n 
1 80 ASP n 
1 81 GLN n 
1 82 ALA n 
1 83 GLU n 
1 84 LYS n 
1 85 GLY n 
1 86 TRP n 
# 
_entity_src_gen.entity_id                          1 
_entity_src_gen.pdbx_src_id                        1 
_entity_src_gen.pdbx_alt_source_flag               sample 
_entity_src_gen.pdbx_seq_type                      ? 
_entity_src_gen.pdbx_beg_seq_num                   ? 
_entity_src_gen.pdbx_end_seq_num                   ? 
_entity_src_gen.gene_src_common_name               ? 
_entity_src_gen.gene_src_genus                     ? 
_entity_src_gen.pdbx_gene_src_gene                 ? 
_entity_src_gen.gene_src_species                   ? 
_entity_src_gen.gene_src_strain                    ? 
_entity_src_gen.gene_src_tissue                    ? 
_entity_src_gen.gene_src_tissue_fraction           ? 
_entity_src_gen.gene_src_details                   ? 
_entity_src_gen.pdbx_gene_src_fragment             ? 
_entity_src_gen.pdbx_gene_src_scientific_name      'Phormidium laminosum' 
_entity_src_gen.pdbx_gene_src_ncbi_taxonomy_id     32059 
_entity_src_gen.pdbx_gene_src_variant              ? 
_entity_src_gen.pdbx_gene_src_cell_line            ? 
_entity_src_gen.pdbx_gene_src_atcc                 ? 
_entity_src_gen.pdbx_gene_src_organ                ? 
_entity_src_gen.pdbx_gene_src_organelle            ? 
_entity_src_gen.pdbx_gene_src_cell                 ? 
_entity_src_gen.pdbx_gene_src_cellular_location    ? 
_entity_src_gen.host_org_common_name               ? 
_entity_src_gen.pdbx_host_org_scientific_name      'Escherichia coli' 
_entity_src_gen.pdbx_host_org_ncbi_taxonomy_id     469008 
_entity_src_gen.host_org_genus                     ? 
_entity_src_gen.pdbx_host_org_gene                 ? 
_entity_src_gen.pdbx_host_org_organ                ? 
_entity_src_gen.host_org_species                   ? 
_entity_src_gen.pdbx_host_org_tissue               ? 
_entity_src_gen.pdbx_host_org_tissue_fraction      ? 
_entity_src_gen.pdbx_host_org_strain               'BL21(DE3)' 
_entity_src_gen.pdbx_host_org_variant              ? 
_entity_src_gen.pdbx_host_org_cell_line            ? 
_entity_src_gen.pdbx_host_org_atcc                 ? 
_entity_src_gen.pdbx_host_org_culture_collection   ? 
_entity_src_gen.pdbx_host_org_cell                 ? 
_entity_src_gen.pdbx_host_org_organelle            ? 
_entity_src_gen.pdbx_host_org_cellular_location    ? 
_entity_src_gen.pdbx_host_org_vector_type          ? 
_entity_src_gen.pdbx_host_org_vector               ? 
_entity_src_gen.host_org_details                   ? 
_entity_src_gen.expression_system_id               ? 
_entity_src_gen.plasmid_name                       ? 
_entity_src_gen.plasmid_details                    ? 
_entity_src_gen.pdbx_description                   ? 
# 
loop_
_chem_comp.id 
_chem_comp.type 
_chem_comp.mon_nstd_flag 
_chem_comp.name 
_chem_comp.pdbx_synonyms 
_chem_comp.formula 
_chem_comp.formula_weight 
ALA 'L-peptide linking' y ALANINE         ? 'C3 H7 N O2'       89.093  
ARG 'L-peptide linking' y ARGININE        ? 'C6 H15 N4 O2 1'   175.209 
ASN 'L-peptide linking' y ASPARAGINE      ? 'C4 H8 N2 O3'      132.118 
ASP 'L-peptide linking' y 'ASPARTIC ACID' ? 'C4 H7 N O4'       133.103 
CYS 'L-peptide linking' y CYSTEINE        ? 'C3 H7 N O2 S'     121.158 
GLN 'L-peptide linking' y GLUTAMINE       ? 'C5 H10 N2 O3'     146.144 
GLU 'L-peptide linking' y 'GLUTAMIC ACID' ? 'C5 H9 N O4'       147.129 
GLY 'peptide linking'   y GLYCINE         ? 'C2 H5 N O2'       75.067  
HEC non-polymer         . 'HEME C'        ? 'C34 H34 Fe N4 O4' 618.503 
HIS 'L-peptide linking' y HISTIDINE       ? 'C6 H10 N3 O2 1'   156.162 
HOH non-polymer         . WATER           ? 'H2 O'             18.015  
ILE 'L-peptide linking' y ISOLEUCINE      ? 'C6 H13 N O2'      131.173 
IMD non-polymer         . IMIDAZOLE       ? 'C3 H5 N2 1'       69.085  
LEU 'L-peptide linking' y LEUCINE         ? 'C6 H13 N O2'      131.173 
LYS 'L-peptide linking' y LYSINE          ? 'C6 H15 N2 O2 1'   147.195 
MET 'L-peptide linking' y METHIONINE      ? 'C5 H11 N O2 S'    149.211 
PHE 'L-peptide linking' y PHENYLALANINE   ? 'C9 H11 N O2'      165.189 
PRO 'L-peptide linking' y PROLINE         ? 'C5 H9 N O2'       115.130 
SER 'L-peptide linking' y SERINE          ? 'C3 H7 N O3'       105.093 
THR 'L-peptide linking' y THREONINE       ? 'C4 H9 N O3'       119.119 
TRP 'L-peptide linking' y TRYPTOPHAN      ? 'C11 H12 N2 O2'    204.225 
TYR 'L-peptide linking' y TYROSINE        ? 'C9 H11 N O3'      181.189 
VAL 'L-peptide linking' y VALINE          ? 'C5 H11 N O2'      117.146 
# 
loop_
_pdbx_poly_seq_scheme.asym_id 
_pdbx_poly_seq_scheme.entity_id 
_pdbx_poly_seq_scheme.seq_id 
_pdbx_poly_seq_scheme.mon_id 
_pdbx_poly_seq_scheme.ndb_seq_num 
_pdbx_poly_seq_scheme.pdb_seq_num 
_pdbx_poly_seq_scheme.auth_seq_num 
_pdbx_poly_seq_scheme.pdb_mon_id 
_pdbx_poly_seq_scheme.auth_mon_id 
_pdbx_poly_seq_scheme.pdb_strand_id 
_pdbx_poly_seq_scheme.pdb_ins_code 
_pdbx_poly_seq_scheme.hetero 
A 1 1  ASP 1  1  ?  ?   ?   B . n 
A 1 2  ALA 2  2  2  ALA ALA B . n 
A 1 3  ASP 3  3  3  ASP ASP B . n 
A 1 4  LEU 4  4  4  LEU LEU B . n 
A 1 5  ALA 5  5  5  ALA ALA B . n 
A 1 6  THR 6  6  6  THR THR B . n 
A 1 7  GLY 7  7  7  GLY GLY B . n 
A 1 8  ALA 8  8  8  ALA ALA B . n 
A 1 9  LYS 9  9  9  LYS LYS B . n 
A 1 10 VAL 10 10 10 VAL VAL B . n 
A 1 11 PHE 11 11 11 PHE PHE B . n 
A 1 12 SER 12 12 12 SER SER B . n 
A 1 13 ALA 13 13 13 ALA ALA B . n 
A 1 14 ASN 14 14 14 ASN ASN B . n 
A 1 15 CYS 15 15 15 CYS CYS B . n 
A 1 16 ALA 16 16 16 ALA ALA B . n 
A 1 17 ALA 17 17 17 ALA ALA B . n 
A 1 18 CYS 18 18 18 CYS CYS B . n 
A 1 19 HIS 19 19 19 HIS HIS B . n 
A 1 20 ALA 20 20 20 ALA ALA B . n 
A 1 21 GLY 21 21 21 GLY GLY B . n 
A 1 22 GLY 22 22 22 GLY GLY B . n 
A 1 23 ILE 23 23 23 ILE ALA B . n 
A 1 24 ASN 24 24 24 ASN ALA B . n 
A 1 25 LEU 25 25 25 LEU ALA B . n 
A 1 26 VAL 26 26 26 VAL ALA B . n 
A 1 27 ASN 27 27 27 ASN ALA B . n 
A 1 28 ALA 28 28 28 ALA ALA B . n 
A 1 29 GLU 29 29 29 GLU ALA B . n 
A 1 30 LYS 30 30 30 LYS ALA B . n 
A 1 31 THR 31 31 31 THR ALA B . n 
A 1 32 LEU 32 32 32 LEU LEU B . n 
A 1 33 LYS 33 33 33 LYS LYS B . n 
A 1 34 LYS 34 34 34 LYS LYS B . n 
A 1 35 GLU 35 35 35 GLU GLU B . n 
A 1 36 ALA 36 36 36 ALA ALA B . n 
A 1 37 LEU 37 37 37 LEU LEU B . n 
A 1 38 GLU 38 38 38 GLU GLU B . n 
A 1 39 LYS 39 39 39 LYS LYS B . n 
A 1 40 PHE 40 40 40 PHE PHE B . n 
A 1 41 GLY 41 41 41 GLY GLY B . n 
A 1 42 MET 42 42 42 MET MET B . n 
A 1 43 ASN 43 43 43 ASN ASN B . n 
A 1 44 SER 44 44 44 SER SER B . n 
A 1 45 ILE 45 45 45 ILE ILE B . n 
A 1 46 VAL 46 46 46 VAL VAL B . n 
A 1 47 ALA 47 47 47 ALA ALA B . n 
A 1 48 ILE 48 48 48 ILE ILE B . n 
A 1 49 THR 49 49 49 THR THR B . n 
A 1 50 THR 50 50 50 THR THR B . n 
A 1 51 VAL 51 51 51 VAL VAL B . n 
A 1 52 VAL 52 52 52 VAL VAL B . n 
A 1 53 THR 53 53 53 THR THR B . n 
A 1 54 ASN 54 54 54 ASN ASN B . n 
A 1 55 GLY 55 55 55 GLY GLY B . n 
A 1 56 LYS 56 56 56 LYS LYS B . n 
A 1 57 ALA 57 57 57 ALA ALA B . n 
A 1 58 GLY 58 58 58 GLY GLY B . n 
A 1 59 MET 59 59 59 MET MET B . n 
A 1 60 PRO 60 60 60 PRO PRO B . n 
A 1 61 ALA 61 61 61 ALA ALA B . n 
A 1 62 PHE 62 62 62 PHE PHE B . n 
A 1 63 LYS 63 63 63 LYS LYS B . n 
A 1 64 GLY 64 64 64 GLY GLY B . n 
A 1 65 ARG 65 65 65 ARG ARG B . n 
A 1 66 LEU 66 66 66 LEU LEU B . n 
A 1 67 THR 67 67 67 THR THR B . n 
A 1 68 ASP 68 68 68 ASP ASP B . n 
A 1 69 ASP 69 69 69 ASP ASP B . n 
A 1 70 GLN 70 70 70 GLN GLN B . n 
A 1 71 ILE 71 71 71 ILE ILE B . n 
A 1 72 ALA 72 72 72 ALA ALA B . n 
A 1 73 ALA 73 73 73 ALA ALA B . n 
A 1 74 VAL 74 74 74 VAL VAL B . n 
A 1 75 ALA 75 75 75 ALA ALA B . n 
A 1 76 ALA 76 76 76 ALA ALA B . n 
A 1 77 TYR 77 77 77 TYR TYR B . n 
A 1 78 VAL 78 78 78 VAL VAL B . n 
A 1 79 LEU 79 79 79 LEU LEU B . n 
A 1 80 ASP 80 80 80 ASP ASP B . n 
A 1 81 GLN 81 81 81 GLN GLN B . n 
A 1 82 ALA 82 82 82 ALA ALA B . n 
A 1 83 GLU 83 83 83 GLU GLU B . n 
A 1 84 LYS 84 84 84 LYS LYS B . n 
A 1 85 GLY 85 85 85 GLY GLY B . n 
A 1 86 TRP 86 86 86 TRP TRP B . n 
# 
loop_
_pdbx_nonpoly_scheme.asym_id 
_pdbx_nonpoly_scheme.entity_id 
_pdbx_nonpoly_scheme.mon_id 
_pdbx_nonpoly_scheme.ndb_seq_num 
_pdbx_nonpoly_scheme.pdb_seq_num 
_pdbx_nonpoly_scheme.auth_seq_num 
_pdbx_nonpoly_scheme.pdb_mon_id 
_pdbx_nonpoly_scheme.auth_mon_id 
_pdbx_nonpoly_scheme.pdb_strand_id 
_pdbx_nonpoly_scheme.pdb_ins_code 
B 2 HEC 1  1087 1087 HEC HEM B . 
C 3 IMD 1  1088 1088 IMD IMD B . 
D 4 HOH 1  87   87   HOH HOH B . 
D 4 HOH 2  88   88   HOH HOH B . 
D 4 HOH 3  89   1    HOH HOH B . 
D 4 HOH 4  90   2    HOH HOH B . 
D 4 HOH 5  91   3    HOH HOH B . 
D 4 HOH 6  92   4    HOH HOH B . 
D 4 HOH 7  93   93   HOH HOH B . 
D 4 HOH 8  94   5    HOH HOH B . 
D 4 HOH 9  95   6    HOH HOH B . 
D 4 HOH 10 96   7    HOH HOH B . 
D 4 HOH 11 97   8    HOH HOH B . 
D 4 HOH 12 98   9    HOH HOH B . 
D 4 HOH 13 99   10   HOH HOH B . 
D 4 HOH 14 100  11   HOH HOH B . 
D 4 HOH 15 101  12   HOH HOH B . 
D 4 HOH 16 102  13   HOH HOH B . 
D 4 HOH 17 103  14   HOH HOH B . 
D 4 HOH 18 104  15   HOH HOH B . 
D 4 HOH 19 105  16   HOH HOH B . 
D 4 HOH 20 106  17   HOH HOH B . 
D 4 HOH 21 107  18   HOH HOH B . 
D 4 HOH 22 108  19   HOH HOH B . 
D 4 HOH 23 109  20   HOH HOH B . 
D 4 HOH 24 110  21   HOH HOH B . 
D 4 HOH 25 111  22   HOH HOH B . 
D 4 HOH 26 112  23   HOH HOH B . 
D 4 HOH 27 113  24   HOH HOH B . 
D 4 HOH 28 114  25   HOH HOH B . 
D 4 HOH 29 115  26   HOH HOH B . 
D 4 HOH 30 116  27   HOH HOH B . 
D 4 HOH 31 117  28   HOH HOH B . 
D 4 HOH 32 118  29   HOH HOH B . 
D 4 HOH 33 119  30   HOH HOH B . 
D 4 HOH 34 120  31   HOH HOH B . 
D 4 HOH 35 121  32   HOH HOH B . 
D 4 HOH 36 122  33   HOH HOH B . 
D 4 HOH 37 123  34   HOH HOH B . 
D 4 HOH 38 124  35   HOH HOH B . 
D 4 HOH 39 125  36   HOH HOH B . 
D 4 HOH 40 126  38   HOH HOH B . 
D 4 HOH 41 127  39   HOH HOH B . 
D 4 HOH 42 128  40   HOH HOH B . 
D 4 HOH 43 129  41   HOH HOH B . 
D 4 HOH 44 130  42   HOH HOH B . 
D 4 HOH 45 131  43   HOH HOH B . 
D 4 HOH 46 132  45   HOH HOH B . 
D 4 HOH 47 133  46   HOH HOH B . 
D 4 HOH 48 134  47   HOH HOH B . 
D 4 HOH 49 135  48   HOH HOH B . 
D 4 HOH 50 136  49   HOH HOH B . 
D 4 HOH 51 137  51   HOH HOH B . 
D 4 HOH 52 138  52   HOH HOH B . 
D 4 HOH 53 139  53   HOH HOH B . 
D 4 HOH 54 140  55   HOH HOH B . 
D 4 HOH 55 141  56   HOH HOH B . 
D 4 HOH 56 142  57   HOH HOH B . 
D 4 HOH 57 143  58   HOH HOH B . 
D 4 HOH 58 144  59   HOH HOH B . 
D 4 HOH 59 145  60   HOH HOH B . 
D 4 HOH 60 146  62   HOH HOH B . 
D 4 HOH 61 147  63   HOH HOH B . 
D 4 HOH 62 148  66   HOH HOH B . 
D 4 HOH 63 149  67   HOH HOH B . 
D 4 HOH 64 150  73   HOH HOH B . 
D 4 HOH 65 151  74   HOH HOH B . 
D 4 HOH 66 152  79   HOH HOH B . 
D 4 HOH 67 153  80   HOH HOH B . 
D 4 HOH 68 154  81   HOH HOH B . 
D 4 HOH 69 155  82   HOH HOH B . 
D 4 HOH 70 156  84   HOH HOH B . 
D 4 HOH 71 157  85   HOH HOH B . 
# 
loop_
_pdbx_unobs_or_zero_occ_atoms.id 
_pdbx_unobs_or_zero_occ_atoms.PDB_model_num 
_pdbx_unobs_or_zero_occ_atoms.polymer_flag 
_pdbx_unobs_or_zero_occ_atoms.occupancy_flag 
_pdbx_unobs_or_zero_occ_atoms.auth_asym_id 
_pdbx_unobs_or_zero_occ_atoms.auth_comp_id 
_pdbx_unobs_or_zero_occ_atoms.auth_seq_id 
_pdbx_unobs_or_zero_occ_atoms.PDB_ins_code 
_pdbx_unobs_or_zero_occ_atoms.auth_atom_id 
_pdbx_unobs_or_zero_occ_atoms.label_alt_id 
_pdbx_unobs_or_zero_occ_atoms.label_asym_id 
_pdbx_unobs_or_zero_occ_atoms.label_comp_id 
_pdbx_unobs_or_zero_occ_atoms.label_seq_id 
_pdbx_unobs_or_zero_occ_atoms.label_atom_id 
1  1 Y 1 B ILE 23 ? CG1 ? A ILE 23 CG1 
2  1 Y 1 B ILE 23 ? CG2 ? A ILE 23 CG2 
3  1 Y 1 B ILE 23 ? CD1 ? A ILE 23 CD1 
4  1 Y 1 B ASN 24 ? CG  ? A ASN 24 CG  
5  1 Y 1 B ASN 24 ? OD1 ? A ASN 24 OD1 
6  1 Y 1 B ASN 24 ? ND2 ? A ASN 24 ND2 
7  1 Y 1 B LEU 25 ? CG  ? A LEU 25 CG  
8  1 Y 1 B LEU 25 ? CD1 ? A LEU 25 CD1 
9  1 Y 1 B LEU 25 ? CD2 ? A LEU 25 CD2 
10 1 Y 1 B VAL 26 ? CG1 ? A VAL 26 CG1 
11 1 Y 1 B VAL 26 ? CG2 ? A VAL 26 CG2 
12 1 Y 1 B ASN 27 ? CG  ? A ASN 27 CG  
13 1 Y 1 B ASN 27 ? OD1 ? A ASN 27 OD1 
14 1 Y 1 B ASN 27 ? ND2 ? A ASN 27 ND2 
15 1 Y 1 B GLU 29 ? CG  ? A GLU 29 CG  
16 1 Y 1 B GLU 29 ? CD  ? A GLU 29 CD  
17 1 Y 1 B GLU 29 ? OE1 ? A GLU 29 OE1 
18 1 Y 1 B GLU 29 ? OE2 ? A GLU 29 OE2 
19 1 Y 1 B LYS 30 ? CG  ? A LYS 30 CG  
20 1 Y 1 B LYS 30 ? CD  ? A LYS 30 CD  
21 1 Y 1 B LYS 30 ? CE  ? A LYS 30 CE  
22 1 Y 1 B LYS 30 ? NZ  ? A LYS 30 NZ  
23 1 Y 1 B THR 31 ? OG1 ? A THR 31 OG1 
24 1 Y 1 B THR 31 ? CG2 ? A THR 31 CG2 
# 
loop_
_software.name 
_software.classification 
_software.version 
_software.citation_id 
_software.pdbx_ordinal 
ADSC      'data collection' Quantum  ? 1 
PHASER    phasing           .        ? 2 
REFMAC    refinement        5.2.0019 ? 3 
DENZO     'data reduction'  .        ? 4 
SCALEPACK 'data scaling'    .        ? 5 
# 
_cell.entry_id           3PH2 
_cell.length_a           45.616 
_cell.length_b           45.616 
_cell.length_c           64.707 
_cell.angle_alpha        90.00 
_cell.angle_beta         90.00 
_cell.angle_gamma        120.00 
_cell.Z_PDB              6 
_cell.pdbx_unique_axis   ? 
_cell.length_a_esd       ? 
_cell.length_b_esd       ? 
_cell.length_c_esd       ? 
_cell.angle_alpha_esd    ? 
_cell.angle_beta_esd     ? 
_cell.angle_gamma_esd    ? 
# 
_symmetry.entry_id                         3PH2 
_symmetry.space_group_name_H-M             'P 65' 
_symmetry.pdbx_full_space_group_name_H-M   ? 
_symmetry.cell_setting                     ? 
_symmetry.Int_Tables_number                170 
_symmetry.space_group_name_Hall            ? 
# 
_exptl.entry_id          3PH2 
_exptl.method            'X-RAY DIFFRACTION' 
_exptl.crystals_number   1 
# 
_exptl_crystal.id                    1 
_exptl_crystal.density_meas          ? 
_exptl_crystal.density_Matthews      2.19 
_exptl_crystal.density_percent_sol   43.71 
_exptl_crystal.description           ? 
_exptl_crystal.F_000                 ? 
_exptl_crystal.preparation           ? 
# 
_exptl_crystal_grow.crystal_id      1 
_exptl_crystal_grow.method          'VAPOR DIFFUSION, HANGING DROP' 
_exptl_crystal_grow.temp            291 
_exptl_crystal_grow.temp_details    ? 
_exptl_crystal_grow.pH              8.6 
_exptl_crystal_grow.pdbx_details    
'0.4 M NaH2PO4/1.6 M K2HPO4, 0.1 M imidazole ph 8.0, 0.2 M NaCl., VAPOR DIFFUSION, HANGING DROP, temperature 291K' 
_exptl_crystal_grow.pdbx_pH_range   ? 
# 
_diffrn.id                     1 
_diffrn.ambient_temp           100 
_diffrn.ambient_temp_details   ? 
_diffrn.crystal_id             1 
# 
_diffrn_detector.diffrn_id              1 
_diffrn_detector.detector               CCD 
_diffrn_detector.type                   'ADSC QUANTUM 315' 
_diffrn_detector.pdbx_collection_date   2006-03-05 
_diffrn_detector.details                mirrors 
# 
_diffrn_radiation.diffrn_id                        1 
_diffrn_radiation.wavelength_id                    1 
_diffrn_radiation.pdbx_monochromatic_or_laue_m_l   M 
_diffrn_radiation.monochromator                    'Si(311)' 
_diffrn_radiation.pdbx_diffrn_protocol             'SINGLE WAVELENGTH' 
_diffrn_radiation.pdbx_scattering_type             x-ray 
# 
_diffrn_radiation_wavelength.id           1 
_diffrn_radiation_wavelength.wavelength   0.9794 
_diffrn_radiation_wavelength.wt           1.0 
# 
_diffrn_source.diffrn_id                   1 
_diffrn_source.source                      SYNCHROTRON 
_diffrn_source.type                        'ESRF BEAMLINE ID29' 
_diffrn_source.pdbx_synchrotron_site       ESRF 
_diffrn_source.pdbx_synchrotron_beamline   ID29 
_diffrn_source.pdbx_wavelength             ? 
_diffrn_source.pdbx_wavelength_list        0.9794 
# 
_reflns.entry_id                     3PH2 
_reflns.observed_criterion_sigma_I   2 
_reflns.observed_criterion_sigma_F   2 
_reflns.d_resolution_low             25.031 
_reflns.d_resolution_high            1.40 
_reflns.number_obs                   15086 
_reflns.number_all                   ? 
_reflns.percent_possible_obs         97.7 
_reflns.pdbx_Rmerge_I_obs            0.068 
_reflns.pdbx_Rsym_value              ? 
_reflns.pdbx_netI_over_sigmaI        18.0 
_reflns.B_iso_Wilson_estimate        ? 
_reflns.pdbx_redundancy              6.1 
_reflns.R_free_details               ? 
_reflns.limit_h_max                  ? 
_reflns.limit_h_min                  ? 
_reflns.limit_k_max                  ? 
_reflns.limit_k_min                  ? 
_reflns.limit_l_max                  ? 
_reflns.limit_l_min                  ? 
_reflns.observed_criterion_F_max     ? 
_reflns.observed_criterion_F_min     ? 
_reflns.pdbx_chi_squared             ? 
_reflns.pdbx_scaling_rejects         ? 
_reflns.pdbx_ordinal                 1 
_reflns.pdbx_diffrn_id               1 
# 
_reflns_shell.d_res_high             1.40 
_reflns_shell.d_res_low              1.45 
_reflns_shell.percent_possible_all   97.0 
_reflns_shell.Rmerge_I_obs           0.4 
_reflns_shell.pdbx_Rsym_value        ? 
_reflns_shell.meanI_over_sigI_obs    3.3 
_reflns_shell.pdbx_redundancy        4.7 
_reflns_shell.percent_possible_obs   ? 
_reflns_shell.number_unique_all      ? 
_reflns_shell.number_measured_all    ? 
_reflns_shell.number_measured_obs    ? 
_reflns_shell.number_unique_obs      ? 
_reflns_shell.pdbx_chi_squared       ? 
_reflns_shell.pdbx_ordinal           1 
_reflns_shell.pdbx_diffrn_id         1 
# 
_refine.entry_id                                 3PH2 
_refine.ls_number_reflns_obs                     13988 
_refine.ls_number_reflns_all                     15086 
_refine.pdbx_ls_sigma_I                          ? 
_refine.pdbx_ls_sigma_F                          2.0 
_refine.pdbx_data_cutoff_high_absF               ? 
_refine.pdbx_data_cutoff_low_absF                ? 
_refine.pdbx_data_cutoff_high_rms_absF           ? 
_refine.ls_d_res_low                             25.03 
_refine.ls_d_res_high                            1.40 
_refine.ls_percent_reflns_obs                    97.67 
_refine.ls_R_factor_obs                          0.18764 
_refine.ls_R_factor_all                          ? 
_refine.ls_R_factor_R_work                       0.18594 
_refine.ls_R_factor_R_free                       0.22227 
_refine.ls_R_factor_R_free_error                 ? 
_refine.ls_R_factor_R_free_error_details         ? 
_refine.ls_percent_reflns_R_free                 5.1 
_refine.ls_number_reflns_R_free                  746 
_refine.ls_number_parameters                     ? 
_refine.ls_number_restraints                     ? 
_refine.occupancy_min                            ? 
_refine.occupancy_max                            ? 
_refine.correlation_coeff_Fo_to_Fc               0.945 
_refine.correlation_coeff_Fo_to_Fc_free          0.922 
_refine.B_iso_mean                               9.884 
_refine.aniso_B[1][1]                            0.00 
_refine.aniso_B[2][2]                            0.00 
_refine.aniso_B[3][3]                            0.00 
_refine.aniso_B[1][2]                            0.00 
_refine.aniso_B[1][3]                            0.00 
_refine.aniso_B[2][3]                            0.00 
_refine.solvent_model_details                    MASK 
_refine.solvent_model_param_ksol                 ? 
_refine.solvent_model_param_bsol                 ? 
_refine.pdbx_solvent_vdw_probe_radii             1.20 
_refine.pdbx_solvent_ion_probe_radii             0.80 
_refine.pdbx_solvent_shrinkage_radii             0.80 
_refine.pdbx_ls_cross_valid_method               THROUGHOUT 
_refine.details                                  'HYDROGENS HAVE BEEN ADDED IN THE RIDING POSITIONS' 
_refine.pdbx_starting_model                      'pdb entry 2V08' 
_refine.pdbx_method_to_determine_struct          'MOLECULAR REPLACEMENT' 
_refine.pdbx_isotropic_thermal_model             ? 
_refine.pdbx_stereochemistry_target_values       'MAXIMUM LIKELIHOOD' 
_refine.pdbx_stereochem_target_val_spec_case     ? 
_refine.pdbx_R_Free_selection_details            RANDOM 
_refine.pdbx_overall_ESU_R_Free                  0.072 
_refine.overall_SU_ML                            0.037 
_refine.overall_SU_B                             2.000 
_refine.overall_SU_R_Cruickshank_DPI             ? 
_refine.ls_redundancy_reflns_obs                 ? 
_refine.B_iso_min                                ? 
_refine.B_iso_max                                ? 
_refine.overall_SU_R_free                        ? 
_refine.ls_wR_factor_R_free                      ? 
_refine.ls_wR_factor_R_work                      ? 
_refine.overall_FOM_free_R_set                   ? 
_refine.overall_FOM_work_R_set                   ? 
_refine.pdbx_overall_phase_error                 ? 
_refine.pdbx_refine_id                           'X-RAY DIFFRACTION' 
_refine.pdbx_overall_ESU_R                       ? 
_refine.pdbx_diffrn_id                           1 
_refine.pdbx_TLS_residual_ADP_flag               ? 
_refine.pdbx_overall_SU_R_free_Cruickshank_DPI   ? 
_refine.pdbx_overall_SU_R_Blow_DPI               ? 
_refine.pdbx_overall_SU_R_free_Blow_DPI          ? 
# 
_refine_hist.pdbx_refine_id                   'X-RAY DIFFRACTION' 
_refine_hist.cycle_id                         LAST 
_refine_hist.pdbx_number_atoms_protein        589 
_refine_hist.pdbx_number_atoms_nucleic_acid   0 
_refine_hist.pdbx_number_atoms_ligand         48 
_refine_hist.number_atoms_solvent             71 
_refine_hist.number_atoms_total               708 
_refine_hist.d_res_high                       1.40 
_refine_hist.d_res_low                        25.03 
# 
loop_
_refine_ls_restr.type 
_refine_ls_restr.dev_ideal 
_refine_ls_restr.dev_ideal_target 
_refine_ls_restr.weight 
_refine_ls_restr.number 
_refine_ls_restr.pdbx_refine_id 
_refine_ls_restr.pdbx_restraint_function 
r_bond_refined_d         0.010  0.022  ? 653  'X-RAY DIFFRACTION' ? 
r_bond_other_d           0.002  0.020  ? 394  'X-RAY DIFFRACTION' ? 
r_angle_refined_deg      1.370  2.145  ? 897  'X-RAY DIFFRACTION' ? 
r_angle_other_deg        1.028  3.000  ? 965  'X-RAY DIFFRACTION' ? 
r_dihedral_angle_1_deg   13.647 5.000  ? 84   'X-RAY DIFFRACTION' ? 
r_dihedral_angle_2_deg   40.776 25.789 ? 19   'X-RAY DIFFRACTION' ? 
r_dihedral_angle_3_deg   13.189 15.000 ? 91   'X-RAY DIFFRACTION' ? 
r_dihedral_angle_4_deg   28.110 15.000 ? 1    'X-RAY DIFFRACTION' ? 
r_chiral_restr           0.082  0.200  ? 98   'X-RAY DIFFRACTION' ? 
r_gen_planes_refined     0.006  0.020  ? 736  'X-RAY DIFFRACTION' ? 
r_gen_planes_other       0.001  0.020  ? 118  'X-RAY DIFFRACTION' ? 
r_nbd_refined            0.313  0.200  ? 180  'X-RAY DIFFRACTION' ? 
r_nbd_other              0.204  0.200  ? 411  'X-RAY DIFFRACTION' ? 
r_nbtor_refined          0.173  0.200  ? 315  'X-RAY DIFFRACTION' ? 
r_nbtor_other            0.083  0.200  ? 288  'X-RAY DIFFRACTION' ? 
r_xyhbond_nbd_refined    1.099  0.200  ? 63   'X-RAY DIFFRACTION' ? 
r_symmetry_vdw_refined   0.184  0.200  ? 12   'X-RAY DIFFRACTION' ? 
r_symmetry_vdw_other     0.289  0.200  ? 34   'X-RAY DIFFRACTION' ? 
r_symmetry_hbond_refined 0.237  0.200  ? 8    'X-RAY DIFFRACTION' ? 
r_mcbond_it              1.186  1.500  ? 527  'X-RAY DIFFRACTION' ? 
r_mcbond_other           0.289  1.500  ? 174  'X-RAY DIFFRACTION' ? 
r_mcangle_it             1.543  2.000  ? 649  'X-RAY DIFFRACTION' ? 
r_scbond_it              2.097  3.000  ? 292  'X-RAY DIFFRACTION' ? 
r_scangle_it             2.808  4.500  ? 246  'X-RAY DIFFRACTION' ? 
r_rigid_bond_restr       1.671  3.000  ? 1284 'X-RAY DIFFRACTION' ? 
r_sphericity_free        3.694  3.000  ? 75   'X-RAY DIFFRACTION' ? 
r_sphericity_bonded      1.613  3.000  ? 1033 'X-RAY DIFFRACTION' ? 
# 
_refine_ls_shell.pdbx_total_number_of_bins_used   20 
_refine_ls_shell.d_res_high                       1.400 
_refine_ls_shell.d_res_low                        1.436 
_refine_ls_shell.number_reflns_R_work             1031 
_refine_ls_shell.R_factor_R_work                  0.179 
_refine_ls_shell.percent_reflns_obs               96.12 
_refine_ls_shell.R_factor_R_free                  0.251 
_refine_ls_shell.R_factor_R_free_error            ? 
_refine_ls_shell.percent_reflns_R_free            ? 
_refine_ls_shell.number_reflns_R_free             59 
_refine_ls_shell.number_reflns_all                ? 
_refine_ls_shell.R_factor_all                     ? 
_refine_ls_shell.number_reflns_obs                ? 
_refine_ls_shell.redundancy_reflns_obs            ? 
_refine_ls_shell.pdbx_refine_id                   'X-RAY DIFFRACTION' 
# 
_struct.entry_id                  3PH2 
_struct.title                     'Structure of the imidazole-adduct of the Phormidium laminosum cytochrome c6 Q51V variant' 
_struct.pdbx_model_details        ? 
_struct.pdbx_CASP_flag            ? 
_struct.pdbx_model_type_details   ? 
# 
_struct_keywords.entry_id        3PH2 
_struct_keywords.pdbx_keywords   PHOTOSYNTHESIS 
_struct_keywords.text            'Class I cytochrome c, Photosynthesis, Cytochrome f, Photosystem I, Thylakoid' 
# 
loop_
_struct_asym.id 
_struct_asym.pdbx_blank_PDB_chainid_flag 
_struct_asym.pdbx_modified 
_struct_asym.entity_id 
_struct_asym.details 
A N N 1 ? 
B N N 2 ? 
C N N 3 ? 
D N N 4 ? 
# 
_struct_ref.id                         1 
_struct_ref.db_name                    PDB 
_struct_ref.db_code                    3PH2 
_struct_ref.pdbx_db_accession          3PH2 
_struct_ref.entity_id                  1 
_struct_ref.pdbx_align_begin           ? 
_struct_ref.pdbx_seq_one_letter_code   ? 
_struct_ref.pdbx_db_isoform            ? 
# 
_struct_ref_seq.align_id                      1 
_struct_ref_seq.ref_id                        1 
_struct_ref_seq.pdbx_PDB_id_code              3PH2 
_struct_ref_seq.pdbx_strand_id                B 
_struct_ref_seq.seq_align_beg                 1 
_struct_ref_seq.pdbx_seq_align_beg_ins_code   ? 
_struct_ref_seq.seq_align_end                 86 
_struct_ref_seq.pdbx_seq_align_end_ins_code   ? 
_struct_ref_seq.pdbx_db_accession             3PH2 
_struct_ref_seq.db_align_beg                  1 
_struct_ref_seq.pdbx_db_align_beg_ins_code    ? 
_struct_ref_seq.db_align_end                  86 
_struct_ref_seq.pdbx_db_align_end_ins_code    ? 
_struct_ref_seq.pdbx_auth_seq_align_beg       1 
_struct_ref_seq.pdbx_auth_seq_align_end       86 
# 
_pdbx_struct_assembly.id                   1 
_pdbx_struct_assembly.details              author_and_software_defined_assembly 
_pdbx_struct_assembly.method_details       PISA 
_pdbx_struct_assembly.oligomeric_details   monomeric 
_pdbx_struct_assembly.oligomeric_count     1 
# 
_pdbx_struct_assembly_gen.assembly_id       1 
_pdbx_struct_assembly_gen.oper_expression   1 
_pdbx_struct_assembly_gen.asym_id_list      A,B,C,D 
# 
_pdbx_struct_oper_list.id                   1 
_pdbx_struct_oper_list.type                 'identity operation' 
_pdbx_struct_oper_list.name                 1_555 
_pdbx_struct_oper_list.symmetry_operation   x,y,z 
_pdbx_struct_oper_list.matrix[1][1]         1.0000000000 
_pdbx_struct_oper_list.matrix[1][2]         0.0000000000 
_pdbx_struct_oper_list.matrix[1][3]         0.0000000000 
_pdbx_struct_oper_list.vector[1]            0.0000000000 
_pdbx_struct_oper_list.matrix[2][1]         0.0000000000 
_pdbx_struct_oper_list.matrix[2][2]         1.0000000000 
_pdbx_struct_oper_list.matrix[2][3]         0.0000000000 
_pdbx_struct_oper_list.vector[2]            0.0000000000 
_pdbx_struct_oper_list.matrix[3][1]         0.0000000000 
_pdbx_struct_oper_list.matrix[3][2]         0.0000000000 
_pdbx_struct_oper_list.matrix[3][3]         1.0000000000 
_pdbx_struct_oper_list.vector[3]            0.0000000000 
# 
_struct_biol.id        1 
_struct_biol.details   ? 
# 
loop_
_struct_conf.conf_type_id 
_struct_conf.id 
_struct_conf.pdbx_PDB_helix_id 
_struct_conf.beg_label_comp_id 
_struct_conf.beg_label_asym_id 
_struct_conf.beg_label_seq_id 
_struct_conf.pdbx_beg_PDB_ins_code 
_struct_conf.end_label_comp_id 
_struct_conf.end_label_asym_id 
_struct_conf.end_label_seq_id 
_struct_conf.pdbx_end_PDB_ins_code 
_struct_conf.beg_auth_comp_id 
_struct_conf.beg_auth_asym_id 
_struct_conf.beg_auth_seq_id 
_struct_conf.end_auth_comp_id 
_struct_conf.end_auth_asym_id 
_struct_conf.end_auth_seq_id 
_struct_conf.pdbx_PDB_helix_class 
_struct_conf.details 
_struct_conf.pdbx_PDB_helix_length 
HELX_P HELX_P1 1 ASP A 3  ? CYS A 15 ? ASP B 3  CYS B 15 1 ? 13 
HELX_P HELX_P2 2 CYS A 15 ? ALA A 20 ? CYS B 15 ALA B 20 1 ? 6  
HELX_P HELX_P3 3 LYS A 33 ? PHE A 40 ? LYS B 33 PHE B 40 1 ? 8  
HELX_P HELX_P4 4 SER A 44 ? GLY A 55 ? SER B 44 GLY B 55 1 ? 12 
HELX_P HELX_P5 5 THR A 67 ? GLY A 85 ? THR B 67 GLY B 85 1 ? 19 
# 
_struct_conf_type.id          HELX_P 
_struct_conf_type.criteria    ? 
_struct_conf_type.reference   ? 
# 
loop_
_struct_conn.id 
_struct_conn.conn_type_id 
_struct_conn.pdbx_leaving_atom_flag 
_struct_conn.pdbx_PDB_id 
_struct_conn.ptnr1_label_asym_id 
_struct_conn.ptnr1_label_comp_id 
_struct_conn.ptnr1_label_seq_id 
_struct_conn.ptnr1_label_atom_id 
_struct_conn.pdbx_ptnr1_label_alt_id 
_struct_conn.pdbx_ptnr1_PDB_ins_code 
_struct_conn.pdbx_ptnr1_standard_comp_id 
_struct_conn.ptnr1_symmetry 
_struct_conn.ptnr2_label_asym_id 
_struct_conn.ptnr2_label_comp_id 
_struct_conn.ptnr2_label_seq_id 
_struct_conn.ptnr2_label_atom_id 
_struct_conn.pdbx_ptnr2_label_alt_id 
_struct_conn.pdbx_ptnr2_PDB_ins_code 
_struct_conn.ptnr1_auth_asym_id 
_struct_conn.ptnr1_auth_comp_id 
_struct_conn.ptnr1_auth_seq_id 
_struct_conn.ptnr2_auth_asym_id 
_struct_conn.ptnr2_auth_comp_id 
_struct_conn.ptnr2_auth_seq_id 
_struct_conn.ptnr2_symmetry 
_struct_conn.pdbx_ptnr3_label_atom_id 
_struct_conn.pdbx_ptnr3_label_seq_id 
_struct_conn.pdbx_ptnr3_label_comp_id 
_struct_conn.pdbx_ptnr3_label_asym_id 
_struct_conn.pdbx_ptnr3_label_alt_id 
_struct_conn.pdbx_ptnr3_PDB_ins_code 
_struct_conn.details 
_struct_conn.pdbx_dist_value 
_struct_conn.pdbx_value_order 
_struct_conn.pdbx_role 
covale1 covale none ? A CYS 15 SG  ? ? ? 1_555 B HEC . CAB ? ? B CYS 15   B HEC 1087 1_555 ? ? ? ? ? ? ? 1.904 ? ? 
covale2 covale none ? A CYS 18 SG  ? ? ? 1_555 B HEC . CAC ? ? B CYS 18   B HEC 1087 1_555 ? ? ? ? ? ? ? 2.117 ? ? 
metalc1 metalc ?    ? A HIS 19 NE2 ? ? ? 1_555 B HEC . FE  ? ? B HIS 19   B HEC 1087 1_555 ? ? ? ? ? ? ? 2.026 ? ? 
metalc2 metalc ?    ? B HEC .  FE  ? ? ? 1_555 C IMD . N1  ? ? B HEC 1087 B IMD 1088 1_555 ? ? ? ? ? ? ? 2.079 ? ? 
# 
loop_
_struct_conn_type.id 
_struct_conn_type.criteria 
_struct_conn_type.reference 
covale ? ? 
metalc ? ? 
# 
loop_
_pdbx_struct_conn_angle.id 
_pdbx_struct_conn_angle.ptnr1_label_atom_id 
_pdbx_struct_conn_angle.ptnr1_label_alt_id 
_pdbx_struct_conn_angle.ptnr1_label_asym_id 
_pdbx_struct_conn_angle.ptnr1_label_comp_id 
_pdbx_struct_conn_angle.ptnr1_label_seq_id 
_pdbx_struct_conn_angle.ptnr1_auth_atom_id 
_pdbx_struct_conn_angle.ptnr1_auth_asym_id 
_pdbx_struct_conn_angle.ptnr1_auth_comp_id 
_pdbx_struct_conn_angle.ptnr1_auth_seq_id 
_pdbx_struct_conn_angle.ptnr1_PDB_ins_code 
_pdbx_struct_conn_angle.ptnr1_symmetry 
_pdbx_struct_conn_angle.ptnr2_label_atom_id 
_pdbx_struct_conn_angle.ptnr2_label_alt_id 
_pdbx_struct_conn_angle.ptnr2_label_asym_id 
_pdbx_struct_conn_angle.ptnr2_label_comp_id 
_pdbx_struct_conn_angle.ptnr2_label_seq_id 
_pdbx_struct_conn_angle.ptnr2_auth_atom_id 
_pdbx_struct_conn_angle.ptnr2_auth_asym_id 
_pdbx_struct_conn_angle.ptnr2_auth_comp_id 
_pdbx_struct_conn_angle.ptnr2_auth_seq_id 
_pdbx_struct_conn_angle.ptnr2_PDB_ins_code 
_pdbx_struct_conn_angle.ptnr2_symmetry 
_pdbx_struct_conn_angle.ptnr3_label_atom_id 
_pdbx_struct_conn_angle.ptnr3_label_alt_id 
_pdbx_struct_conn_angle.ptnr3_label_asym_id 
_pdbx_struct_conn_angle.ptnr3_label_comp_id 
_pdbx_struct_conn_angle.ptnr3_label_seq_id 
_pdbx_struct_conn_angle.ptnr3_auth_atom_id 
_pdbx_struct_conn_angle.ptnr3_auth_asym_id 
_pdbx_struct_conn_angle.ptnr3_auth_comp_id 
_pdbx_struct_conn_angle.ptnr3_auth_seq_id 
_pdbx_struct_conn_angle.ptnr3_PDB_ins_code 
_pdbx_struct_conn_angle.ptnr3_symmetry 
_pdbx_struct_conn_angle.value 
_pdbx_struct_conn_angle.value_esd 
1  NE2 ? A HIS 19 ? B HIS 19   ? 1_555 FE ? B HEC . ? B HEC 1087 ? 1_555 NA ? B HEC . ? B HEC 1087 ? 1_555 89.8  ? 
2  NE2 ? A HIS 19 ? B HIS 19   ? 1_555 FE ? B HEC . ? B HEC 1087 ? 1_555 NB ? B HEC . ? B HEC 1087 ? 1_555 90.9  ? 
3  NA  ? B HEC .  ? B HEC 1087 ? 1_555 FE ? B HEC . ? B HEC 1087 ? 1_555 NB ? B HEC . ? B HEC 1087 ? 1_555 91.4  ? 
4  NE2 ? A HIS 19 ? B HIS 19   ? 1_555 FE ? B HEC . ? B HEC 1087 ? 1_555 NC ? B HEC . ? B HEC 1087 ? 1_555 89.0  ? 
5  NA  ? B HEC .  ? B HEC 1087 ? 1_555 FE ? B HEC . ? B HEC 1087 ? 1_555 NC ? B HEC . ? B HEC 1087 ? 1_555 178.1 ? 
6  NB  ? B HEC .  ? B HEC 1087 ? 1_555 FE ? B HEC . ? B HEC 1087 ? 1_555 NC ? B HEC . ? B HEC 1087 ? 1_555 90.0  ? 
7  NE2 ? A HIS 19 ? B HIS 19   ? 1_555 FE ? B HEC . ? B HEC 1087 ? 1_555 ND ? B HEC . ? B HEC 1087 ? 1_555 88.9  ? 
8  NA  ? B HEC .  ? B HEC 1087 ? 1_555 FE ? B HEC . ? B HEC 1087 ? 1_555 ND ? B HEC . ? B HEC 1087 ? 1_555 88.9  ? 
9  NB  ? B HEC .  ? B HEC 1087 ? 1_555 FE ? B HEC . ? B HEC 1087 ? 1_555 ND ? B HEC . ? B HEC 1087 ? 1_555 179.7 ? 
10 NC  ? B HEC .  ? B HEC 1087 ? 1_555 FE ? B HEC . ? B HEC 1087 ? 1_555 ND ? B HEC . ? B HEC 1087 ? 1_555 89.6  ? 
11 NE2 ? A HIS 19 ? B HIS 19   ? 1_555 FE ? B HEC . ? B HEC 1087 ? 1_555 N1 ? C IMD . ? B IMD 1088 ? 1_555 177.3 ? 
12 NA  ? B HEC .  ? B HEC 1087 ? 1_555 FE ? B HEC . ? B HEC 1087 ? 1_555 N1 ? C IMD . ? B IMD 1088 ? 1_555 89.0  ? 
13 NB  ? B HEC .  ? B HEC 1087 ? 1_555 FE ? B HEC . ? B HEC 1087 ? 1_555 N1 ? C IMD . ? B IMD 1088 ? 1_555 86.7  ? 
14 NC  ? B HEC .  ? B HEC 1087 ? 1_555 FE ? B HEC . ? B HEC 1087 ? 1_555 N1 ? C IMD . ? B IMD 1088 ? 1_555 92.3  ? 
15 ND  ? B HEC .  ? B HEC 1087 ? 1_555 FE ? B HEC . ? B HEC 1087 ? 1_555 N1 ? C IMD . ? B IMD 1088 ? 1_555 93.4  ? 
# 
loop_
_pdbx_modification_feature.ordinal 
_pdbx_modification_feature.label_comp_id 
_pdbx_modification_feature.label_asym_id 
_pdbx_modification_feature.label_seq_id 
_pdbx_modification_feature.label_alt_id 
_pdbx_modification_feature.modified_residue_label_comp_id 
_pdbx_modification_feature.modified_residue_label_asym_id 
_pdbx_modification_feature.modified_residue_label_seq_id 
_pdbx_modification_feature.modified_residue_label_alt_id 
_pdbx_modification_feature.auth_comp_id 
_pdbx_modification_feature.auth_asym_id 
_pdbx_modification_feature.auth_seq_id 
_pdbx_modification_feature.PDB_ins_code 
_pdbx_modification_feature.symmetry 
_pdbx_modification_feature.modified_residue_auth_comp_id 
_pdbx_modification_feature.modified_residue_auth_asym_id 
_pdbx_modification_feature.modified_residue_auth_seq_id 
_pdbx_modification_feature.modified_residue_PDB_ins_code 
_pdbx_modification_feature.modified_residue_symmetry 
_pdbx_modification_feature.comp_id_linking_atom 
_pdbx_modification_feature.modified_residue_id_linking_atom 
_pdbx_modification_feature.modified_residue_id 
_pdbx_modification_feature.ref_pcm_id 
_pdbx_modification_feature.ref_comp_id 
_pdbx_modification_feature.type 
_pdbx_modification_feature.category 
1 HEC B . ? CYS A 15 ? HEC B 1087 ? 1_555 CYS B 15 ? 1_555 CAB SG CYS 2 HEC None Heme/heme-like 
2 HEC B . ? CYS A 18 ? HEC B 1087 ? 1_555 CYS B 18 ? 1_555 CAC SG CYS 3 HEC None Heme/heme-like 
# 
loop_
_struct_site.id 
_struct_site.pdbx_evidence_code 
_struct_site.pdbx_auth_asym_id 
_struct_site.pdbx_auth_comp_id 
_struct_site.pdbx_auth_seq_id 
_struct_site.pdbx_auth_ins_code 
_struct_site.pdbx_num_residues 
_struct_site.details 
AC1 Software B HEC 1087 ? 20 'BINDING SITE FOR RESIDUE HEC B 1087' 
AC2 Software B IMD 1088 ? 4  'BINDING SITE FOR RESIDUE IMD B 1088' 
# 
loop_
_struct_site_gen.id 
_struct_site_gen.site_id 
_struct_site_gen.pdbx_num_res 
_struct_site_gen.label_comp_id 
_struct_site_gen.label_asym_id 
_struct_site_gen.label_seq_id 
_struct_site_gen.pdbx_auth_ins_code 
_struct_site_gen.auth_comp_id 
_struct_site_gen.auth_asym_id 
_struct_site_gen.auth_seq_id 
_struct_site_gen.label_atom_id 
_struct_site_gen.label_alt_id 
_struct_site_gen.symmetry 
_struct_site_gen.details 
1  AC1 20 ASN A 14 ? ASN B 14   . ? 1_555 ? 
2  AC1 20 CYS A 15 ? CYS B 15   . ? 1_555 ? 
3  AC1 20 CYS A 18 ? CYS B 18   . ? 1_555 ? 
4  AC1 20 HIS A 19 ? HIS B 19   . ? 1_555 ? 
5  AC1 20 LYS A 30 ? LYS B 30   . ? 1_555 ? 
6  AC1 20 LEU A 32 ? LEU B 32   . ? 1_555 ? 
7  AC1 20 LYS A 39 ? LYS B 39   . ? 2_544 ? 
8  AC1 20 PHE A 40 ? PHE B 40   . ? 2_544 ? 
9  AC1 20 GLY A 41 ? GLY B 41   . ? 2_544 ? 
10 AC1 20 MET A 42 ? MET B 42   . ? 1_555 ? 
11 AC1 20 VAL A 52 ? VAL B 52   . ? 1_555 ? 
12 AC1 20 LYS A 56 ? LYS B 56   . ? 1_555 ? 
13 AC1 20 MET A 59 ? MET B 59   . ? 1_555 ? 
14 AC1 20 PHE A 62 ? PHE B 62   . ? 1_555 ? 
15 AC1 20 ARG A 65 ? ARG B 65   . ? 3_655 ? 
16 AC1 20 LYS A 84 ? LYS B 84   . ? 5_555 ? 
17 AC1 20 HOH D .  ? HOH B 132  . ? 1_555 ? 
18 AC1 20 HOH D .  ? HOH B 147  . ? 1_555 ? 
19 AC1 20 HOH D .  ? HOH B 150  . ? 1_555 ? 
20 AC1 20 IMD C .  ? IMD B 1088 . ? 1_555 ? 
21 AC2 4  VAL A 51 ? VAL B 51   . ? 1_555 ? 
22 AC2 4  MET A 59 ? MET B 59   . ? 1_555 ? 
23 AC2 4  PRO A 60 ? PRO B 60   . ? 1_555 ? 
24 AC2 4  HEC B .  ? HEC B 1087 . ? 1_555 ? 
# 
_pdbx_entry_details.entry_id                   3PH2 
_pdbx_entry_details.compound_details           ? 
_pdbx_entry_details.source_details             ? 
_pdbx_entry_details.nonpolymer_details         ? 
_pdbx_entry_details.sequence_details           ? 
_pdbx_entry_details.has_ligand_of_interest     ? 
_pdbx_entry_details.has_protein_modification   Y 
# 
_pdbx_validate_close_contact.id               1 
_pdbx_validate_close_contact.PDB_model_num    1 
_pdbx_validate_close_contact.auth_atom_id_1   O 
_pdbx_validate_close_contact.auth_asym_id_1   B 
_pdbx_validate_close_contact.auth_comp_id_1   LYS 
_pdbx_validate_close_contact.auth_seq_id_1    30 
_pdbx_validate_close_contact.PDB_ins_code_1   ? 
_pdbx_validate_close_contact.label_alt_id_1   ? 
_pdbx_validate_close_contact.auth_atom_id_2   O2D 
_pdbx_validate_close_contact.auth_asym_id_2   B 
_pdbx_validate_close_contact.auth_comp_id_2   HEC 
_pdbx_validate_close_contact.auth_seq_id_2    1087 
_pdbx_validate_close_contact.PDB_ins_code_2   ? 
_pdbx_validate_close_contact.label_alt_id_2   ? 
_pdbx_validate_close_contact.dist             2.02 
# 
_pdbx_validate_symm_contact.id                1 
_pdbx_validate_symm_contact.PDB_model_num     1 
_pdbx_validate_symm_contact.auth_atom_id_1    NZ 
_pdbx_validate_symm_contact.auth_asym_id_1    B 
_pdbx_validate_symm_contact.auth_comp_id_1    LYS 
_pdbx_validate_symm_contact.auth_seq_id_1     39 
_pdbx_validate_symm_contact.PDB_ins_code_1    ? 
_pdbx_validate_symm_contact.label_alt_id_1    ? 
_pdbx_validate_symm_contact.site_symmetry_1   1_555 
_pdbx_validate_symm_contact.auth_atom_id_2    O 
_pdbx_validate_symm_contact.auth_asym_id_2    B 
_pdbx_validate_symm_contact.auth_comp_id_2    GLU 
_pdbx_validate_symm_contact.auth_seq_id_2     83 
_pdbx_validate_symm_contact.PDB_ins_code_2    ? 
_pdbx_validate_symm_contact.label_alt_id_2    ? 
_pdbx_validate_symm_contact.site_symmetry_2   5_555 
_pdbx_validate_symm_contact.dist              2.14 
# 
loop_
_pdbx_validate_torsion.id 
_pdbx_validate_torsion.PDB_model_num 
_pdbx_validate_torsion.auth_comp_id 
_pdbx_validate_torsion.auth_asym_id 
_pdbx_validate_torsion.auth_seq_id 
_pdbx_validate_torsion.PDB_ins_code 
_pdbx_validate_torsion.label_alt_id 
_pdbx_validate_torsion.phi 
_pdbx_validate_torsion.psi 
1 1 ALA B 28 ? ? -125.55 -64.23 
2 1 LEU B 32 ? ? -104.78 41.14  
3 1 LYS B 56 ? ? 178.69  137.82 
# 
loop_
_pdbx_validate_peptide_omega.id 
_pdbx_validate_peptide_omega.PDB_model_num 
_pdbx_validate_peptide_omega.auth_comp_id_1 
_pdbx_validate_peptide_omega.auth_asym_id_1 
_pdbx_validate_peptide_omega.auth_seq_id_1 
_pdbx_validate_peptide_omega.PDB_ins_code_1 
_pdbx_validate_peptide_omega.label_alt_id_1 
_pdbx_validate_peptide_omega.auth_comp_id_2 
_pdbx_validate_peptide_omega.auth_asym_id_2 
_pdbx_validate_peptide_omega.auth_seq_id_2 
_pdbx_validate_peptide_omega.PDB_ins_code_2 
_pdbx_validate_peptide_omega.label_alt_id_2 
_pdbx_validate_peptide_omega.omega 
1 1 ALA B 2  ? ? ASP B 3  ? ? 82.30  
2 1 ASN B 54 ? ? GLY B 55 ? ? -74.61 
# 
_pdbx_unobs_or_zero_occ_residues.id               1 
_pdbx_unobs_or_zero_occ_residues.PDB_model_num    1 
_pdbx_unobs_or_zero_occ_residues.polymer_flag     Y 
_pdbx_unobs_or_zero_occ_residues.occupancy_flag   1 
_pdbx_unobs_or_zero_occ_residues.auth_asym_id     B 
_pdbx_unobs_or_zero_occ_residues.auth_comp_id     ASP 
_pdbx_unobs_or_zero_occ_residues.auth_seq_id      1 
_pdbx_unobs_or_zero_occ_residues.PDB_ins_code     ? 
_pdbx_unobs_or_zero_occ_residues.label_asym_id    A 
_pdbx_unobs_or_zero_occ_residues.label_comp_id    ASP 
_pdbx_unobs_or_zero_occ_residues.label_seq_id     1 
# 
loop_
_chem_comp_atom.comp_id 
_chem_comp_atom.atom_id 
_chem_comp_atom.type_symbol 
_chem_comp_atom.pdbx_aromatic_flag 
_chem_comp_atom.pdbx_stereo_config 
_chem_comp_atom.pdbx_ordinal 
ALA N    N  N N 1   
ALA CA   C  N S 2   
ALA C    C  N N 3   
ALA O    O  N N 4   
ALA CB   C  N N 5   
ALA OXT  O  N N 6   
ALA H    H  N N 7   
ALA H2   H  N N 8   
ALA HA   H  N N 9   
ALA HB1  H  N N 10  
ALA HB2  H  N N 11  
ALA HB3  H  N N 12  
ALA HXT  H  N N 13  
ARG N    N  N N 14  
ARG CA   C  N S 15  
ARG C    C  N N 16  
ARG O    O  N N 17  
ARG CB   C  N N 18  
ARG CG   C  N N 19  
ARG CD   C  N N 20  
ARG NE   N  N N 21  
ARG CZ   C  N N 22  
ARG NH1  N  N N 23  
ARG NH2  N  N N 24  
ARG OXT  O  N N 25  
ARG H    H  N N 26  
ARG H2   H  N N 27  
ARG HA   H  N N 28  
ARG HB2  H  N N 29  
ARG HB3  H  N N 30  
ARG HG2  H  N N 31  
ARG HG3  H  N N 32  
ARG HD2  H  N N 33  
ARG HD3  H  N N 34  
ARG HE   H  N N 35  
ARG HH11 H  N N 36  
ARG HH12 H  N N 37  
ARG HH21 H  N N 38  
ARG HH22 H  N N 39  
ARG HXT  H  N N 40  
ASN N    N  N N 41  
ASN CA   C  N S 42  
ASN C    C  N N 43  
ASN O    O  N N 44  
ASN CB   C  N N 45  
ASN CG   C  N N 46  
ASN OD1  O  N N 47  
ASN ND2  N  N N 48  
ASN OXT  O  N N 49  
ASN H    H  N N 50  
ASN H2   H  N N 51  
ASN HA   H  N N 52  
ASN HB2  H  N N 53  
ASN HB3  H  N N 54  
ASN HD21 H  N N 55  
ASN HD22 H  N N 56  
ASN HXT  H  N N 57  
ASP N    N  N N 58  
ASP CA   C  N S 59  
ASP C    C  N N 60  
ASP O    O  N N 61  
ASP CB   C  N N 62  
ASP CG   C  N N 63  
ASP OD1  O  N N 64  
ASP OD2  O  N N 65  
ASP OXT  O  N N 66  
ASP H    H  N N 67  
ASP H2   H  N N 68  
ASP HA   H  N N 69  
ASP HB2  H  N N 70  
ASP HB3  H  N N 71  
ASP HD2  H  N N 72  
ASP HXT  H  N N 73  
CYS N    N  N N 74  
CYS CA   C  N R 75  
CYS C    C  N N 76  
CYS O    O  N N 77  
CYS CB   C  N N 78  
CYS SG   S  N N 79  
CYS OXT  O  N N 80  
CYS H    H  N N 81  
CYS H2   H  N N 82  
CYS HA   H  N N 83  
CYS HB2  H  N N 84  
CYS HB3  H  N N 85  
CYS HG   H  N N 86  
CYS HXT  H  N N 87  
GLN N    N  N N 88  
GLN CA   C  N S 89  
GLN C    C  N N 90  
GLN O    O  N N 91  
GLN CB   C  N N 92  
GLN CG   C  N N 93  
GLN CD   C  N N 94  
GLN OE1  O  N N 95  
GLN NE2  N  N N 96  
GLN OXT  O  N N 97  
GLN H    H  N N 98  
GLN H2   H  N N 99  
GLN HA   H  N N 100 
GLN HB2  H  N N 101 
GLN HB3  H  N N 102 
GLN HG2  H  N N 103 
GLN HG3  H  N N 104 
GLN HE21 H  N N 105 
GLN HE22 H  N N 106 
GLN HXT  H  N N 107 
GLU N    N  N N 108 
GLU CA   C  N S 109 
GLU C    C  N N 110 
GLU O    O  N N 111 
GLU CB   C  N N 112 
GLU CG   C  N N 113 
GLU CD   C  N N 114 
GLU OE1  O  N N 115 
GLU OE2  O  N N 116 
GLU OXT  O  N N 117 
GLU H    H  N N 118 
GLU H2   H  N N 119 
GLU HA   H  N N 120 
GLU HB2  H  N N 121 
GLU HB3  H  N N 122 
GLU HG2  H  N N 123 
GLU HG3  H  N N 124 
GLU HE2  H  N N 125 
GLU HXT  H  N N 126 
GLY N    N  N N 127 
GLY CA   C  N N 128 
GLY C    C  N N 129 
GLY O    O  N N 130 
GLY OXT  O  N N 131 
GLY H    H  N N 132 
GLY H2   H  N N 133 
GLY HA2  H  N N 134 
GLY HA3  H  N N 135 
GLY HXT  H  N N 136 
HEC FE   FE N N 137 
HEC CHA  C  N N 138 
HEC CHB  C  N N 139 
HEC CHC  C  N N 140 
HEC CHD  C  N N 141 
HEC NA   N  Y N 142 
HEC C1A  C  Y N 143 
HEC C2A  C  Y N 144 
HEC C3A  C  Y N 145 
HEC C4A  C  Y N 146 
HEC CMA  C  N N 147 
HEC CAA  C  N N 148 
HEC CBA  C  N N 149 
HEC CGA  C  N N 150 
HEC O1A  O  N N 151 
HEC O2A  O  N N 152 
HEC NB   N  Y N 153 
HEC C1B  C  Y N 154 
HEC C2B  C  Y N 155 
HEC C3B  C  Y N 156 
HEC C4B  C  Y N 157 
HEC CMB  C  N N 158 
HEC CAB  C  N N 159 
HEC CBB  C  N N 160 
HEC NC   N  Y N 161 
HEC C1C  C  Y N 162 
HEC C2C  C  Y N 163 
HEC C3C  C  Y N 164 
HEC C4C  C  Y N 165 
HEC CMC  C  N N 166 
HEC CAC  C  N N 167 
HEC CBC  C  N N 168 
HEC ND   N  Y N 169 
HEC C1D  C  Y N 170 
HEC C2D  C  Y N 171 
HEC C3D  C  Y N 172 
HEC C4D  C  Y N 173 
HEC CMD  C  N N 174 
HEC CAD  C  N N 175 
HEC CBD  C  N N 176 
HEC CGD  C  N N 177 
HEC O1D  O  N N 178 
HEC O2D  O  N N 179 
HEC HHA  H  N N 180 
HEC HHB  H  N N 181 
HEC HHC  H  N N 182 
HEC HHD  H  N N 183 
HEC HMA1 H  N N 184 
HEC HMA2 H  N N 185 
HEC HMA3 H  N N 186 
HEC HAA1 H  N N 187 
HEC HAA2 H  N N 188 
HEC HBA1 H  N N 189 
HEC HBA2 H  N N 190 
HEC H2A  H  N N 191 
HEC HMB1 H  N N 192 
HEC HMB2 H  N N 193 
HEC HMB3 H  N N 194 
HEC HAB  H  N N 195 
HEC HBB1 H  N N 196 
HEC HBB2 H  N N 197 
HEC HBB3 H  N N 198 
HEC HMC1 H  N N 199 
HEC HMC2 H  N N 200 
HEC HMC3 H  N N 201 
HEC HAC  H  N N 202 
HEC HBC1 H  N N 203 
HEC HBC2 H  N N 204 
HEC HBC3 H  N N 205 
HEC HMD1 H  N N 206 
HEC HMD2 H  N N 207 
HEC HMD3 H  N N 208 
HEC HAD1 H  N N 209 
HEC HAD2 H  N N 210 
HEC HBD1 H  N N 211 
HEC HBD2 H  N N 212 
HEC H2D  H  N N 213 
HIS N    N  N N 214 
HIS CA   C  N S 215 
HIS C    C  N N 216 
HIS O    O  N N 217 
HIS CB   C  N N 218 
HIS CG   C  Y N 219 
HIS ND1  N  Y N 220 
HIS CD2  C  Y N 221 
HIS CE1  C  Y N 222 
HIS NE2  N  Y N 223 
HIS OXT  O  N N 224 
HIS H    H  N N 225 
HIS H2   H  N N 226 
HIS HA   H  N N 227 
HIS HB2  H  N N 228 
HIS HB3  H  N N 229 
HIS HD1  H  N N 230 
HIS HD2  H  N N 231 
HIS HE1  H  N N 232 
HIS HE2  H  N N 233 
HIS HXT  H  N N 234 
HOH O    O  N N 235 
HOH H1   H  N N 236 
HOH H2   H  N N 237 
ILE N    N  N N 238 
ILE CA   C  N S 239 
ILE C    C  N N 240 
ILE O    O  N N 241 
ILE CB   C  N S 242 
ILE CG1  C  N N 243 
ILE CG2  C  N N 244 
ILE CD1  C  N N 245 
ILE OXT  O  N N 246 
ILE H    H  N N 247 
ILE H2   H  N N 248 
ILE HA   H  N N 249 
ILE HB   H  N N 250 
ILE HG12 H  N N 251 
ILE HG13 H  N N 252 
ILE HG21 H  N N 253 
ILE HG22 H  N N 254 
ILE HG23 H  N N 255 
ILE HD11 H  N N 256 
ILE HD12 H  N N 257 
ILE HD13 H  N N 258 
ILE HXT  H  N N 259 
IMD N1   N  Y N 260 
IMD C2   C  Y N 261 
IMD N3   N  Y N 262 
IMD C4   C  Y N 263 
IMD C5   C  Y N 264 
IMD HN1  H  N N 265 
IMD H2   H  N N 266 
IMD HN3  H  N N 267 
IMD H4   H  N N 268 
IMD H5   H  N N 269 
LEU N    N  N N 270 
LEU CA   C  N S 271 
LEU C    C  N N 272 
LEU O    O  N N 273 
LEU CB   C  N N 274 
LEU CG   C  N N 275 
LEU CD1  C  N N 276 
LEU CD2  C  N N 277 
LEU OXT  O  N N 278 
LEU H    H  N N 279 
LEU H2   H  N N 280 
LEU HA   H  N N 281 
LEU HB2  H  N N 282 
LEU HB3  H  N N 283 
LEU HG   H  N N 284 
LEU HD11 H  N N 285 
LEU HD12 H  N N 286 
LEU HD13 H  N N 287 
LEU HD21 H  N N 288 
LEU HD22 H  N N 289 
LEU HD23 H  N N 290 
LEU HXT  H  N N 291 
LYS N    N  N N 292 
LYS CA   C  N S 293 
LYS C    C  N N 294 
LYS O    O  N N 295 
LYS CB   C  N N 296 
LYS CG   C  N N 297 
LYS CD   C  N N 298 
LYS CE   C  N N 299 
LYS NZ   N  N N 300 
LYS OXT  O  N N 301 
LYS H    H  N N 302 
LYS H2   H  N N 303 
LYS HA   H  N N 304 
LYS HB2  H  N N 305 
LYS HB3  H  N N 306 
LYS HG2  H  N N 307 
LYS HG3  H  N N 308 
LYS HD2  H  N N 309 
LYS HD3  H  N N 310 
LYS HE2  H  N N 311 
LYS HE3  H  N N 312 
LYS HZ1  H  N N 313 
LYS HZ2  H  N N 314 
LYS HZ3  H  N N 315 
LYS HXT  H  N N 316 
MET N    N  N N 317 
MET CA   C  N S 318 
MET C    C  N N 319 
MET O    O  N N 320 
MET CB   C  N N 321 
MET CG   C  N N 322 
MET SD   S  N N 323 
MET CE   C  N N 324 
MET OXT  O  N N 325 
MET H    H  N N 326 
MET H2   H  N N 327 
MET HA   H  N N 328 
MET HB2  H  N N 329 
MET HB3  H  N N 330 
MET HG2  H  N N 331 
MET HG3  H  N N 332 
MET HE1  H  N N 333 
MET HE2  H  N N 334 
MET HE3  H  N N 335 
MET HXT  H  N N 336 
PHE N    N  N N 337 
PHE CA   C  N S 338 
PHE C    C  N N 339 
PHE O    O  N N 340 
PHE CB   C  N N 341 
PHE CG   C  Y N 342 
PHE CD1  C  Y N 343 
PHE CD2  C  Y N 344 
PHE CE1  C  Y N 345 
PHE CE2  C  Y N 346 
PHE CZ   C  Y N 347 
PHE OXT  O  N N 348 
PHE H    H  N N 349 
PHE H2   H  N N 350 
PHE HA   H  N N 351 
PHE HB2  H  N N 352 
PHE HB3  H  N N 353 
PHE HD1  H  N N 354 
PHE HD2  H  N N 355 
PHE HE1  H  N N 356 
PHE HE2  H  N N 357 
PHE HZ   H  N N 358 
PHE HXT  H  N N 359 
PRO N    N  N N 360 
PRO CA   C  N S 361 
PRO C    C  N N 362 
PRO O    O  N N 363 
PRO CB   C  N N 364 
PRO CG   C  N N 365 
PRO CD   C  N N 366 
PRO OXT  O  N N 367 
PRO H    H  N N 368 
PRO HA   H  N N 369 
PRO HB2  H  N N 370 
PRO HB3  H  N N 371 
PRO HG2  H  N N 372 
PRO HG3  H  N N 373 
PRO HD2  H  N N 374 
PRO HD3  H  N N 375 
PRO HXT  H  N N 376 
SER N    N  N N 377 
SER CA   C  N S 378 
SER C    C  N N 379 
SER O    O  N N 380 
SER CB   C  N N 381 
SER OG   O  N N 382 
SER OXT  O  N N 383 
SER H    H  N N 384 
SER H2   H  N N 385 
SER HA   H  N N 386 
SER HB2  H  N N 387 
SER HB3  H  N N 388 
SER HG   H  N N 389 
SER HXT  H  N N 390 
THR N    N  N N 391 
THR CA   C  N S 392 
THR C    C  N N 393 
THR O    O  N N 394 
THR CB   C  N R 395 
THR OG1  O  N N 396 
THR CG2  C  N N 397 
THR OXT  O  N N 398 
THR H    H  N N 399 
THR H2   H  N N 400 
THR HA   H  N N 401 
THR HB   H  N N 402 
THR HG1  H  N N 403 
THR HG21 H  N N 404 
THR HG22 H  N N 405 
THR HG23 H  N N 406 
THR HXT  H  N N 407 
TRP N    N  N N 408 
TRP CA   C  N S 409 
TRP C    C  N N 410 
TRP O    O  N N 411 
TRP CB   C  N N 412 
TRP CG   C  Y N 413 
TRP CD1  C  Y N 414 
TRP CD2  C  Y N 415 
TRP NE1  N  Y N 416 
TRP CE2  C  Y N 417 
TRP CE3  C  Y N 418 
TRP CZ2  C  Y N 419 
TRP CZ3  C  Y N 420 
TRP CH2  C  Y N 421 
TRP OXT  O  N N 422 
TRP H    H  N N 423 
TRP H2   H  N N 424 
TRP HA   H  N N 425 
TRP HB2  H  N N 426 
TRP HB3  H  N N 427 
TRP HD1  H  N N 428 
TRP HE1  H  N N 429 
TRP HE3  H  N N 430 
TRP HZ2  H  N N 431 
TRP HZ3  H  N N 432 
TRP HH2  H  N N 433 
TRP HXT  H  N N 434 
TYR N    N  N N 435 
TYR CA   C  N S 436 
TYR C    C  N N 437 
TYR O    O  N N 438 
TYR CB   C  N N 439 
TYR CG   C  Y N 440 
TYR CD1  C  Y N 441 
TYR CD2  C  Y N 442 
TYR CE1  C  Y N 443 
TYR CE2  C  Y N 444 
TYR CZ   C  Y N 445 
TYR OH   O  N N 446 
TYR OXT  O  N N 447 
TYR H    H  N N 448 
TYR H2   H  N N 449 
TYR HA   H  N N 450 
TYR HB2  H  N N 451 
TYR HB3  H  N N 452 
TYR HD1  H  N N 453 
TYR HD2  H  N N 454 
TYR HE1  H  N N 455 
TYR HE2  H  N N 456 
TYR HH   H  N N 457 
TYR HXT  H  N N 458 
VAL N    N  N N 459 
VAL CA   C  N S 460 
VAL C    C  N N 461 
VAL O    O  N N 462 
VAL CB   C  N N 463 
VAL CG1  C  N N 464 
VAL CG2  C  N N 465 
VAL OXT  O  N N 466 
VAL H    H  N N 467 
VAL H2   H  N N 468 
VAL HA   H  N N 469 
VAL HB   H  N N 470 
VAL HG11 H  N N 471 
VAL HG12 H  N N 472 
VAL HG13 H  N N 473 
VAL HG21 H  N N 474 
VAL HG22 H  N N 475 
VAL HG23 H  N N 476 
VAL HXT  H  N N 477 
# 
loop_
_chem_comp_bond.comp_id 
_chem_comp_bond.atom_id_1 
_chem_comp_bond.atom_id_2 
_chem_comp_bond.value_order 
_chem_comp_bond.pdbx_aromatic_flag 
_chem_comp_bond.pdbx_stereo_config 
_chem_comp_bond.pdbx_ordinal 
ALA N   CA   sing N N 1   
ALA N   H    sing N N 2   
ALA N   H2   sing N N 3   
ALA CA  C    sing N N 4   
ALA CA  CB   sing N N 5   
ALA CA  HA   sing N N 6   
ALA C   O    doub N N 7   
ALA C   OXT  sing N N 8   
ALA CB  HB1  sing N N 9   
ALA CB  HB2  sing N N 10  
ALA CB  HB3  sing N N 11  
ALA OXT HXT  sing N N 12  
ARG N   CA   sing N N 13  
ARG N   H    sing N N 14  
ARG N   H2   sing N N 15  
ARG CA  C    sing N N 16  
ARG CA  CB   sing N N 17  
ARG CA  HA   sing N N 18  
ARG C   O    doub N N 19  
ARG C   OXT  sing N N 20  
ARG CB  CG   sing N N 21  
ARG CB  HB2  sing N N 22  
ARG CB  HB3  sing N N 23  
ARG CG  CD   sing N N 24  
ARG CG  HG2  sing N N 25  
ARG CG  HG3  sing N N 26  
ARG CD  NE   sing N N 27  
ARG CD  HD2  sing N N 28  
ARG CD  HD3  sing N N 29  
ARG NE  CZ   sing N N 30  
ARG NE  HE   sing N N 31  
ARG CZ  NH1  sing N N 32  
ARG CZ  NH2  doub N N 33  
ARG NH1 HH11 sing N N 34  
ARG NH1 HH12 sing N N 35  
ARG NH2 HH21 sing N N 36  
ARG NH2 HH22 sing N N 37  
ARG OXT HXT  sing N N 38  
ASN N   CA   sing N N 39  
ASN N   H    sing N N 40  
ASN N   H2   sing N N 41  
ASN CA  C    sing N N 42  
ASN CA  CB   sing N N 43  
ASN CA  HA   sing N N 44  
ASN C   O    doub N N 45  
ASN C   OXT  sing N N 46  
ASN CB  CG   sing N N 47  
ASN CB  HB2  sing N N 48  
ASN CB  HB3  sing N N 49  
ASN CG  OD1  doub N N 50  
ASN CG  ND2  sing N N 51  
ASN ND2 HD21 sing N N 52  
ASN ND2 HD22 sing N N 53  
ASN OXT HXT  sing N N 54  
ASP N   CA   sing N N 55  
ASP N   H    sing N N 56  
ASP N   H2   sing N N 57  
ASP CA  C    sing N N 58  
ASP CA  CB   sing N N 59  
ASP CA  HA   sing N N 60  
ASP C   O    doub N N 61  
ASP C   OXT  sing N N 62  
ASP CB  CG   sing N N 63  
ASP CB  HB2  sing N N 64  
ASP CB  HB3  sing N N 65  
ASP CG  OD1  doub N N 66  
ASP CG  OD2  sing N N 67  
ASP OD2 HD2  sing N N 68  
ASP OXT HXT  sing N N 69  
CYS N   CA   sing N N 70  
CYS N   H    sing N N 71  
CYS N   H2   sing N N 72  
CYS CA  C    sing N N 73  
CYS CA  CB   sing N N 74  
CYS CA  HA   sing N N 75  
CYS C   O    doub N N 76  
CYS C   OXT  sing N N 77  
CYS CB  SG   sing N N 78  
CYS CB  HB2  sing N N 79  
CYS CB  HB3  sing N N 80  
CYS SG  HG   sing N N 81  
CYS OXT HXT  sing N N 82  
GLN N   CA   sing N N 83  
GLN N   H    sing N N 84  
GLN N   H2   sing N N 85  
GLN CA  C    sing N N 86  
GLN CA  CB   sing N N 87  
GLN CA  HA   sing N N 88  
GLN C   O    doub N N 89  
GLN C   OXT  sing N N 90  
GLN CB  CG   sing N N 91  
GLN CB  HB2  sing N N 92  
GLN CB  HB3  sing N N 93  
GLN CG  CD   sing N N 94  
GLN CG  HG2  sing N N 95  
GLN CG  HG3  sing N N 96  
GLN CD  OE1  doub N N 97  
GLN CD  NE2  sing N N 98  
GLN NE2 HE21 sing N N 99  
GLN NE2 HE22 sing N N 100 
GLN OXT HXT  sing N N 101 
GLU N   CA   sing N N 102 
GLU N   H    sing N N 103 
GLU N   H2   sing N N 104 
GLU CA  C    sing N N 105 
GLU CA  CB   sing N N 106 
GLU CA  HA   sing N N 107 
GLU C   O    doub N N 108 
GLU C   OXT  sing N N 109 
GLU CB  CG   sing N N 110 
GLU CB  HB2  sing N N 111 
GLU CB  HB3  sing N N 112 
GLU CG  CD   sing N N 113 
GLU CG  HG2  sing N N 114 
GLU CG  HG3  sing N N 115 
GLU CD  OE1  doub N N 116 
GLU CD  OE2  sing N N 117 
GLU OE2 HE2  sing N N 118 
GLU OXT HXT  sing N N 119 
GLY N   CA   sing N N 120 
GLY N   H    sing N N 121 
GLY N   H2   sing N N 122 
GLY CA  C    sing N N 123 
GLY CA  HA2  sing N N 124 
GLY CA  HA3  sing N N 125 
GLY C   O    doub N N 126 
GLY C   OXT  sing N N 127 
GLY OXT HXT  sing N N 128 
HEC FE  NA   sing N N 129 
HEC FE  NB   sing N N 130 
HEC FE  NC   sing N N 131 
HEC FE  ND   sing N N 132 
HEC CHA C1A  doub N N 133 
HEC CHA C4D  sing N N 134 
HEC CHA HHA  sing N N 135 
HEC CHB C4A  doub N N 136 
HEC CHB C1B  sing N N 137 
HEC CHB HHB  sing N N 138 
HEC CHC C4B  doub N N 139 
HEC CHC C1C  sing N N 140 
HEC CHC HHC  sing N N 141 
HEC CHD C4C  doub N N 142 
HEC CHD C1D  sing N N 143 
HEC CHD HHD  sing N N 144 
HEC NA  C1A  sing Y N 145 
HEC NA  C4A  sing Y N 146 
HEC C1A C2A  sing Y N 147 
HEC C2A C3A  doub Y N 148 
HEC C2A CAA  sing N N 149 
HEC C3A C4A  sing Y N 150 
HEC C3A CMA  sing N N 151 
HEC CMA HMA1 sing N N 152 
HEC CMA HMA2 sing N N 153 
HEC CMA HMA3 sing N N 154 
HEC CAA CBA  sing N N 155 
HEC CAA HAA1 sing N N 156 
HEC CAA HAA2 sing N N 157 
HEC CBA CGA  sing N N 158 
HEC CBA HBA1 sing N N 159 
HEC CBA HBA2 sing N N 160 
HEC CGA O1A  doub N N 161 
HEC CGA O2A  sing N N 162 
HEC O2A H2A  sing N N 163 
HEC NB  C1B  sing Y N 164 
HEC NB  C4B  sing Y N 165 
HEC C1B C2B  doub Y N 166 
HEC C2B C3B  sing Y N 167 
HEC C2B CMB  sing N N 168 
HEC C3B C4B  sing Y N 169 
HEC C3B CAB  doub N E 170 
HEC CMB HMB1 sing N N 171 
HEC CMB HMB2 sing N N 172 
HEC CMB HMB3 sing N N 173 
HEC CAB CBB  sing N N 174 
HEC CAB HAB  sing N N 175 
HEC CBB HBB1 sing N N 176 
HEC CBB HBB2 sing N N 177 
HEC CBB HBB3 sing N N 178 
HEC NC  C1C  sing Y N 179 
HEC NC  C4C  sing Y N 180 
HEC C1C C2C  doub Y N 181 
HEC C2C C3C  sing Y N 182 
HEC C2C CMC  sing N N 183 
HEC C3C C4C  sing Y N 184 
HEC C3C CAC  doub N E 185 
HEC CMC HMC1 sing N N 186 
HEC CMC HMC2 sing N N 187 
HEC CMC HMC3 sing N N 188 
HEC CAC CBC  sing N N 189 
HEC CAC HAC  sing N N 190 
HEC CBC HBC1 sing N N 191 
HEC CBC HBC2 sing N N 192 
HEC CBC HBC3 sing N N 193 
HEC ND  C1D  sing Y N 194 
HEC ND  C4D  sing Y N 195 
HEC C1D C2D  doub Y N 196 
HEC C2D C3D  sing Y N 197 
HEC C2D CMD  sing N N 198 
HEC C3D C4D  doub Y N 199 
HEC C3D CAD  sing N N 200 
HEC CMD HMD1 sing N N 201 
HEC CMD HMD2 sing N N 202 
HEC CMD HMD3 sing N N 203 
HEC CAD CBD  sing N N 204 
HEC CAD HAD1 sing N N 205 
HEC CAD HAD2 sing N N 206 
HEC CBD CGD  sing N N 207 
HEC CBD HBD1 sing N N 208 
HEC CBD HBD2 sing N N 209 
HEC CGD O1D  doub N N 210 
HEC CGD O2D  sing N N 211 
HEC O2D H2D  sing N N 212 
HIS N   CA   sing N N 213 
HIS N   H    sing N N 214 
HIS N   H2   sing N N 215 
HIS CA  C    sing N N 216 
HIS CA  CB   sing N N 217 
HIS CA  HA   sing N N 218 
HIS C   O    doub N N 219 
HIS C   OXT  sing N N 220 
HIS CB  CG   sing N N 221 
HIS CB  HB2  sing N N 222 
HIS CB  HB3  sing N N 223 
HIS CG  ND1  sing Y N 224 
HIS CG  CD2  doub Y N 225 
HIS ND1 CE1  doub Y N 226 
HIS ND1 HD1  sing N N 227 
HIS CD2 NE2  sing Y N 228 
HIS CD2 HD2  sing N N 229 
HIS CE1 NE2  sing Y N 230 
HIS CE1 HE1  sing N N 231 
HIS NE2 HE2  sing N N 232 
HIS OXT HXT  sing N N 233 
HOH O   H1   sing N N 234 
HOH O   H2   sing N N 235 
ILE N   CA   sing N N 236 
ILE N   H    sing N N 237 
ILE N   H2   sing N N 238 
ILE CA  C    sing N N 239 
ILE CA  CB   sing N N 240 
ILE CA  HA   sing N N 241 
ILE C   O    doub N N 242 
ILE C   OXT  sing N N 243 
ILE CB  CG1  sing N N 244 
ILE CB  CG2  sing N N 245 
ILE CB  HB   sing N N 246 
ILE CG1 CD1  sing N N 247 
ILE CG1 HG12 sing N N 248 
ILE CG1 HG13 sing N N 249 
ILE CG2 HG21 sing N N 250 
ILE CG2 HG22 sing N N 251 
ILE CG2 HG23 sing N N 252 
ILE CD1 HD11 sing N N 253 
ILE CD1 HD12 sing N N 254 
ILE CD1 HD13 sing N N 255 
ILE OXT HXT  sing N N 256 
IMD N1  C2   sing Y N 257 
IMD N1  C5   sing Y N 258 
IMD N1  HN1  sing N N 259 
IMD C2  N3   doub Y N 260 
IMD C2  H2   sing N N 261 
IMD N3  C4   sing Y N 262 
IMD N3  HN3  sing N N 263 
IMD C4  C5   doub Y N 264 
IMD C4  H4   sing N N 265 
IMD C5  H5   sing N N 266 
LEU N   CA   sing N N 267 
LEU N   H    sing N N 268 
LEU N   H2   sing N N 269 
LEU CA  C    sing N N 270 
LEU CA  CB   sing N N 271 
LEU CA  HA   sing N N 272 
LEU C   O    doub N N 273 
LEU C   OXT  sing N N 274 
LEU CB  CG   sing N N 275 
LEU CB  HB2  sing N N 276 
LEU CB  HB3  sing N N 277 
LEU CG  CD1  sing N N 278 
LEU CG  CD2  sing N N 279 
LEU CG  HG   sing N N 280 
LEU CD1 HD11 sing N N 281 
LEU CD1 HD12 sing N N 282 
LEU CD1 HD13 sing N N 283 
LEU CD2 HD21 sing N N 284 
LEU CD2 HD22 sing N N 285 
LEU CD2 HD23 sing N N 286 
LEU OXT HXT  sing N N 287 
LYS N   CA   sing N N 288 
LYS N   H    sing N N 289 
LYS N   H2   sing N N 290 
LYS CA  C    sing N N 291 
LYS CA  CB   sing N N 292 
LYS CA  HA   sing N N 293 
LYS C   O    doub N N 294 
LYS C   OXT  sing N N 295 
LYS CB  CG   sing N N 296 
LYS CB  HB2  sing N N 297 
LYS CB  HB3  sing N N 298 
LYS CG  CD   sing N N 299 
LYS CG  HG2  sing N N 300 
LYS CG  HG3  sing N N 301 
LYS CD  CE   sing N N 302 
LYS CD  HD2  sing N N 303 
LYS CD  HD3  sing N N 304 
LYS CE  NZ   sing N N 305 
LYS CE  HE2  sing N N 306 
LYS CE  HE3  sing N N 307 
LYS NZ  HZ1  sing N N 308 
LYS NZ  HZ2  sing N N 309 
LYS NZ  HZ3  sing N N 310 
LYS OXT HXT  sing N N 311 
MET N   CA   sing N N 312 
MET N   H    sing N N 313 
MET N   H2   sing N N 314 
MET CA  C    sing N N 315 
MET CA  CB   sing N N 316 
MET CA  HA   sing N N 317 
MET C   O    doub N N 318 
MET C   OXT  sing N N 319 
MET CB  CG   sing N N 320 
MET CB  HB2  sing N N 321 
MET CB  HB3  sing N N 322 
MET CG  SD   sing N N 323 
MET CG  HG2  sing N N 324 
MET CG  HG3  sing N N 325 
MET SD  CE   sing N N 326 
MET CE  HE1  sing N N 327 
MET CE  HE2  sing N N 328 
MET CE  HE3  sing N N 329 
MET OXT HXT  sing N N 330 
PHE N   CA   sing N N 331 
PHE N   H    sing N N 332 
PHE N   H2   sing N N 333 
PHE CA  C    sing N N 334 
PHE CA  CB   sing N N 335 
PHE CA  HA   sing N N 336 
PHE C   O    doub N N 337 
PHE C   OXT  sing N N 338 
PHE CB  CG   sing N N 339 
PHE CB  HB2  sing N N 340 
PHE CB  HB3  sing N N 341 
PHE CG  CD1  doub Y N 342 
PHE CG  CD2  sing Y N 343 
PHE CD1 CE1  sing Y N 344 
PHE CD1 HD1  sing N N 345 
PHE CD2 CE2  doub Y N 346 
PHE CD2 HD2  sing N N 347 
PHE CE1 CZ   doub Y N 348 
PHE CE1 HE1  sing N N 349 
PHE CE2 CZ   sing Y N 350 
PHE CE2 HE2  sing N N 351 
PHE CZ  HZ   sing N N 352 
PHE OXT HXT  sing N N 353 
PRO N   CA   sing N N 354 
PRO N   CD   sing N N 355 
PRO N   H    sing N N 356 
PRO CA  C    sing N N 357 
PRO CA  CB   sing N N 358 
PRO CA  HA   sing N N 359 
PRO C   O    doub N N 360 
PRO C   OXT  sing N N 361 
PRO CB  CG   sing N N 362 
PRO CB  HB2  sing N N 363 
PRO CB  HB3  sing N N 364 
PRO CG  CD   sing N N 365 
PRO CG  HG2  sing N N 366 
PRO CG  HG3  sing N N 367 
PRO CD  HD2  sing N N 368 
PRO CD  HD3  sing N N 369 
PRO OXT HXT  sing N N 370 
SER N   CA   sing N N 371 
SER N   H    sing N N 372 
SER N   H2   sing N N 373 
SER CA  C    sing N N 374 
SER CA  CB   sing N N 375 
SER CA  HA   sing N N 376 
SER C   O    doub N N 377 
SER C   OXT  sing N N 378 
SER CB  OG   sing N N 379 
SER CB  HB2  sing N N 380 
SER CB  HB3  sing N N 381 
SER OG  HG   sing N N 382 
SER OXT HXT  sing N N 383 
THR N   CA   sing N N 384 
THR N   H    sing N N 385 
THR N   H2   sing N N 386 
THR CA  C    sing N N 387 
THR CA  CB   sing N N 388 
THR CA  HA   sing N N 389 
THR C   O    doub N N 390 
THR C   OXT  sing N N 391 
THR CB  OG1  sing N N 392 
THR CB  CG2  sing N N 393 
THR CB  HB   sing N N 394 
THR OG1 HG1  sing N N 395 
THR CG2 HG21 sing N N 396 
THR CG2 HG22 sing N N 397 
THR CG2 HG23 sing N N 398 
THR OXT HXT  sing N N 399 
TRP N   CA   sing N N 400 
TRP N   H    sing N N 401 
TRP N   H2   sing N N 402 
TRP CA  C    sing N N 403 
TRP CA  CB   sing N N 404 
TRP CA  HA   sing N N 405 
TRP C   O    doub N N 406 
TRP C   OXT  sing N N 407 
TRP CB  CG   sing N N 408 
TRP CB  HB2  sing N N 409 
TRP CB  HB3  sing N N 410 
TRP CG  CD1  doub Y N 411 
TRP CG  CD2  sing Y N 412 
TRP CD1 NE1  sing Y N 413 
TRP CD1 HD1  sing N N 414 
TRP CD2 CE2  doub Y N 415 
TRP CD2 CE3  sing Y N 416 
TRP NE1 CE2  sing Y N 417 
TRP NE1 HE1  sing N N 418 
TRP CE2 CZ2  sing Y N 419 
TRP CE3 CZ3  doub Y N 420 
TRP CE3 HE3  sing N N 421 
TRP CZ2 CH2  doub Y N 422 
TRP CZ2 HZ2  sing N N 423 
TRP CZ3 CH2  sing Y N 424 
TRP CZ3 HZ3  sing N N 425 
TRP CH2 HH2  sing N N 426 
TRP OXT HXT  sing N N 427 
TYR N   CA   sing N N 428 
TYR N   H    sing N N 429 
TYR N   H2   sing N N 430 
TYR CA  C    sing N N 431 
TYR CA  CB   sing N N 432 
TYR CA  HA   sing N N 433 
TYR C   O    doub N N 434 
TYR C   OXT  sing N N 435 
TYR CB  CG   sing N N 436 
TYR CB  HB2  sing N N 437 
TYR CB  HB3  sing N N 438 
TYR CG  CD1  doub Y N 439 
TYR CG  CD2  sing Y N 440 
TYR CD1 CE1  sing Y N 441 
TYR CD1 HD1  sing N N 442 
TYR CD2 CE2  doub Y N 443 
TYR CD2 HD2  sing N N 444 
TYR CE1 CZ   doub Y N 445 
TYR CE1 HE1  sing N N 446 
TYR CE2 CZ   sing Y N 447 
TYR CE2 HE2  sing N N 448 
TYR CZ  OH   sing N N 449 
TYR OH  HH   sing N N 450 
TYR OXT HXT  sing N N 451 
VAL N   CA   sing N N 452 
VAL N   H    sing N N 453 
VAL N   H2   sing N N 454 
VAL CA  C    sing N N 455 
VAL CA  CB   sing N N 456 
VAL CA  HA   sing N N 457 
VAL C   O    doub N N 458 
VAL C   OXT  sing N N 459 
VAL CB  CG1  sing N N 460 
VAL CB  CG2  sing N N 461 
VAL CB  HB   sing N N 462 
VAL CG1 HG11 sing N N 463 
VAL CG1 HG12 sing N N 464 
VAL CG1 HG13 sing N N 465 
VAL CG2 HG21 sing N N 466 
VAL CG2 HG22 sing N N 467 
VAL CG2 HG23 sing N N 468 
VAL OXT HXT  sing N N 469 
# 
_pdbx_initial_refinement_model.id               1 
_pdbx_initial_refinement_model.entity_id_list   ? 
_pdbx_initial_refinement_model.type             'experimental model' 
_pdbx_initial_refinement_model.source_name      PDB 
_pdbx_initial_refinement_model.accession_code   2V08 
_pdbx_initial_refinement_model.details          'pdb entry 2V08' 
# 
_atom_sites.entry_id                    3PH2 
_atom_sites.fract_transf_matrix[1][1]   0.01413102 
_atom_sites.fract_transf_matrix[1][2]   0.01038742 
_atom_sites.fract_transf_matrix[1][3]   -0.01825348 
_atom_sites.fract_transf_matrix[2][1]   0.02339799 
_atom_sites.fract_transf_matrix[2][2]   -0.00862493 
_atom_sites.fract_transf_matrix[2][3]   -0.00434657 
_atom_sites.fract_transf_matrix[3][1]   -0.00564188 
_atom_sites.fract_transf_matrix[3][2]   -0.01018381 
_atom_sites.fract_transf_matrix[3][3]   -0.01016294 
_atom_sites.fract_transf_vector[1]      0.398687 
_atom_sites.fract_transf_vector[2]      -0.144837 
_atom_sites.fract_transf_vector[3]      0.100962 
# 
loop_
_atom_type.symbol 
C  
FE 
N  
O  
S  
# 
loop_
_atom_site.group_PDB 
_atom_site.id 
_atom_site.type_symbol 
_atom_site.label_atom_id 
_atom_site.label_alt_id 
_atom_site.label_comp_id 
_atom_site.label_asym_id 
_atom_site.label_entity_id 
_atom_site.label_seq_id 
_atom_site.pdbx_PDB_ins_code 
_atom_site.Cartn_x 
_atom_site.Cartn_y 
_atom_site.Cartn_z 
_atom_site.occupancy 
_atom_site.B_iso_or_equiv 
_atom_site.pdbx_formal_charge 
_atom_site.auth_seq_id 
_atom_site.auth_comp_id 
_atom_site.auth_asym_id 
_atom_site.auth_atom_id 
_atom_site.pdbx_PDB_model_num 
ATOM   1   N  N   . ALA A 1 2  ? 11.554  2.451   -4.084  1.00 20.29 ? 2    ALA B N   1 
ATOM   2   C  CA  . ALA A 1 2  ? 12.697  2.695   -5.003  1.00 18.96 ? 2    ALA B CA  1 
ATOM   3   C  C   . ALA A 1 2  ? 13.019  4.173   -5.191  1.00 17.50 ? 2    ALA B C   1 
ATOM   4   O  O   . ALA A 1 2  ? 14.138  4.519   -5.561  1.00 17.61 ? 2    ALA B O   1 
ATOM   5   C  CB  . ALA A 1 2  ? 12.364  2.087   -6.370  1.00 18.93 ? 2    ALA B CB  1 
ATOM   6   N  N   . ASP A 1 3  ? 12.209  5.053   -4.647  1.00 15.49 ? 3    ASP B N   1 
ATOM   7   C  CA  . ASP A 1 3  ? 12.338  5.408   -3.240  1.00 13.52 ? 3    ASP B CA  1 
ATOM   8   C  C   . ASP A 1 3  ? 11.717  4.565   -2.125  1.00 12.41 ? 3    ASP B C   1 
ATOM   9   O  O   . ASP A 1 3  ? 10.710  4.958   -1.531  1.00 11.62 ? 3    ASP B O   1 
ATOM   10  C  CB  . ASP A 1 3  ? 11.903  6.864   -3.112  1.00 14.05 ? 3    ASP B CB  1 
ATOM   11  C  CG  . ASP A 1 3  ? 12.613  7.586   -2.004  1.00 14.17 ? 3    ASP B CG  1 
ATOM   12  O  OD1 . ASP A 1 3  ? 13.260  6.928   -1.156  1.00 14.04 ? 3    ASP B OD1 1 
ATOM   13  O  OD2 . ASP A 1 3  ? 12.510  8.827   -1.983  1.00 15.33 ? 3    ASP B OD2 1 
ATOM   14  N  N   . LEU A 1 4  ? 12.373  3.462   -1.771  1.00 11.59 ? 4    LEU B N   1 
ATOM   15  C  CA  . LEU A 1 4  ? 11.911  2.603   -0.690  1.00 11.62 ? 4    LEU B CA  1 
ATOM   16  C  C   . LEU A 1 4  ? 12.098  3.256   0.677   1.00 10.62 ? 4    LEU B C   1 
ATOM   17  O  O   . LEU A 1 4  ? 11.385  2.920   1.621   1.00 9.61  ? 4    LEU B O   1 
ATOM   18  C  CB  . LEU A 1 4  ? 12.634  1.248   -0.715  1.00 11.78 ? 4    LEU B CB  1 
ATOM   19  C  CG  . LEU A 1 4  ? 12.316  0.282   -1.858  1.00 12.28 ? 4    LEU B CG  1 
ATOM   20  C  CD1 . LEU A 1 4  ? 13.208  -0.938  -1.775  1.00 13.81 ? 4    LEU B CD1 1 
ATOM   21  C  CD2 . LEU A 1 4  ? 10.869  -0.128  -1.797  1.00 13.29 ? 4    LEU B CD2 1 
ATOM   22  N  N   . ALA A 1 5  ? 13.068  4.166   0.792   1.00 10.15 ? 5    ALA B N   1 
ATOM   23  C  CA  . ALA A 1 5  ? 13.313  4.853   2.054   1.00 10.40 ? 5    ALA B CA  1 
ATOM   24  C  C   . ALA A 1 5  ? 12.147  5.765   2.389   1.00 9.87  ? 5    ALA B C   1 
ATOM   25  O  O   . ALA A 1 5  ? 11.576  5.681   3.475   1.00 10.05 ? 5    ALA B O   1 
ATOM   26  C  CB  . ALA A 1 5  ? 14.642  5.639   2.009   1.00 10.45 ? 5    ALA B CB  1 
ATOM   27  N  N   . THR A 1 6  ? 11.760  6.603   1.440   1.00 9.88  ? 6    THR B N   1 
ATOM   28  C  CA  . THR A 1 6  ? 10.554  7.405   1.575   1.00 9.63  ? 6    THR B CA  1 
ATOM   29  C  C   . THR A 1 6  ? 9.311   6.517   1.723   1.00 9.00  ? 6    THR B C   1 
ATOM   30  O  O   . THR A 1 6  ? 8.445   6.785   2.553   1.00 8.85  ? 6    THR B O   1 
ATOM   31  C  CB  . THR A 1 6  ? 10.390  8.356   0.380   1.00 9.82  ? 6    THR B CB  1 
ATOM   32  O  OG1 . THR A 1 6  ? 11.476  9.296   0.361   1.00 11.48 ? 6    THR B OG1 1 
ATOM   33  C  CG2 . THR A 1 6  ? 9.056   9.110   0.433   1.00 10.11 ? 6    THR B CG2 1 
ATOM   34  N  N   . GLY A 1 7  ? 9.239   5.447   0.942   1.00 8.62  ? 7    GLY B N   1 
ATOM   35  C  CA  . GLY A 1 7  ? 8.094   4.551   1.004   1.00 8.39  ? 7    GLY B CA  1 
ATOM   36  C  C   . GLY A 1 7  ? 7.871   3.920   2.372   1.00 8.04  ? 7    GLY B C   1 
ATOM   37  O  O   . GLY A 1 7  ? 6.744   3.806   2.835   1.00 7.47  ? 7    GLY B O   1 
ATOM   38  N  N   . ALA A 1 8  ? 8.951   3.481   3.013   1.00 7.88  ? 8    ALA B N   1 
ATOM   39  C  CA  . ALA A 1 8  ? 8.869   2.882   4.336   1.00 8.31  ? 8    ALA B CA  1 
ATOM   40  C  C   . ALA A 1 8  ? 8.365   3.892   5.373   1.00 8.63  ? 8    ALA B C   1 
ATOM   41  O  O   . ALA A 1 8  ? 7.559   3.557   6.234   1.00 9.29  ? 8    ALA B O   1 
ATOM   42  C  CB  . ALA A 1 8  ? 10.251  2.340   4.757   0.55 6.62  ? 8    ALA B CB  1 
ATOM   43  N  N   . LYS A 1 9  ? 8.852   5.125   5.281   1.00 9.14  ? 9    LYS B N   1 
ATOM   44  C  CA  . LYS A 1 9  ? 8.425   6.207   6.174   1.00 9.81  ? 9    LYS B CA  1 
ATOM   45  C  C   . LYS A 1 9  ? 6.956   6.575   5.949   1.00 8.92  ? 9    LYS B C   1 
ATOM   46  O  O   . LYS A 1 9  ? 6.193   6.774   6.893   1.00 9.39  ? 9    LYS B O   1 
ATOM   47  C  CB  . LYS A 1 9  ? 9.266   7.463   5.937   1.00 10.55 ? 9    LYS B CB  1 
ATOM   48  C  CG  . LYS A 1 9  ? 10.661  7.437   6.504   1.00 13.85 ? 9    LYS B CG  1 
ATOM   49  C  CD  . LYS A 1 9  ? 11.490  8.615   5.987   1.00 14.10 ? 9    LYS B CD  1 
ATOM   50  C  CE  . LYS A 1 9  ? 10.694  9.918   5.879   1.00 16.82 ? 9    LYS B CE  1 
ATOM   51  N  NZ  . LYS A 1 9  ? 11.537  11.071  5.439   1.00 19.35 ? 9    LYS B NZ  1 
ATOM   52  N  N   . VAL A 1 10 ? 6.570   6.691   4.683   1.00 7.64  ? 10   VAL B N   1 
ATOM   53  C  CA  . VAL A 1 10 ? 5.187   6.972   4.346   1.00 7.72  ? 10   VAL B CA  1 
ATOM   54  C  C   . VAL A 1 10 ? 4.304   5.833   4.867   1.00 7.04  ? 10   VAL B C   1 
ATOM   55  O  O   . VAL A 1 10 ? 3.260   6.077   5.452   1.00 7.07  ? 10   VAL B O   1 
ATOM   56  C  CB  . VAL A 1 10 ? 4.994   7.175   2.822   1.00 7.10  ? 10   VAL B CB  1 
ATOM   57  C  CG1 . VAL A 1 10 ? 3.513   7.203   2.462   1.00 7.95  ? 10   VAL B CG1 1 
ATOM   58  C  CG2 . VAL A 1 10 ? 5.710   8.449   2.359   1.00 8.35  ? 10   VAL B CG2 1 
ATOM   59  N  N   . PHE A 1 11 ? 4.733   4.588   4.701   1.00 6.93  ? 11   PHE B N   1 
ATOM   60  C  CA  . PHE A 1 11 ? 3.943   3.462   5.192   1.00 7.54  ? 11   PHE B CA  1 
ATOM   61  C  C   . PHE A 1 11 ? 3.732   3.520   6.706   1.00 7.68  ? 11   PHE B C   1 
ATOM   62  O  O   . PHE A 1 11 ? 2.609   3.366   7.195   1.00 7.02  ? 11   PHE B O   1 
ATOM   63  C  CB  . PHE A 1 11 ? 4.569   2.125   4.792   1.00 7.72  ? 11   PHE B CB  1 
ATOM   64  C  CG  . PHE A 1 11 ? 3.668   0.957   5.035   1.00 7.74  ? 11   PHE B CG  1 
ATOM   65  C  CD1 . PHE A 1 11 ? 2.795   0.526   4.049   1.00 8.70  ? 11   PHE B CD1 1 
ATOM   66  C  CD2 . PHE A 1 11 ? 3.656   0.327   6.260   1.00 8.64  ? 11   PHE B CD2 1 
ATOM   67  C  CE1 . PHE A 1 11 ? 1.949   -0.536  4.268   1.00 9.69  ? 11   PHE B CE1 1 
ATOM   68  C  CE2 . PHE A 1 11 ? 2.813   -0.737  6.479   1.00 10.02 ? 11   PHE B CE2 1 
ATOM   69  C  CZ  . PHE A 1 11 ? 1.964   -1.173  5.479   1.00 9.48  ? 11   PHE B CZ  1 
ATOM   70  N  N   . SER A 1 12 ? 4.808   3.777   7.439   1.00 8.02  ? 12   SER B N   1 
ATOM   71  C  CA  . SER A 1 12 ? 4.718   3.891   8.887   1.00 9.25  ? 12   SER B CA  1 
ATOM   72  C  C   . SER A 1 12 ? 3.768   5.005   9.324   1.00 9.04  ? 12   SER B C   1 
ATOM   73  O  O   . SER A 1 12 ? 3.008   4.827   10.275  1.00 10.59 ? 12   SER B O   1 
ATOM   74  C  CB  . SER A 1 12 ? 6.096   4.133   9.495   1.00 9.85  ? 12   SER B CB  1 
ATOM   75  O  OG  . SER A 1 12 ? 5.994   4.121   10.907  1.00 14.76 ? 12   SER B OG  1 
ATOM   76  N  N   . ALA A 1 13 ? 3.815   6.144   8.641   1.00 8.65  ? 13   ALA B N   1 
ATOM   77  C  CA  . ALA A 1 13 ? 3.033   7.320   9.045   1.00 8.67  ? 13   ALA B CA  1 
ATOM   78  C  C   . ALA A 1 13 ? 1.579   7.327   8.550   1.00 8.32  ? 13   ALA B C   1 
ATOM   79  O  O   . ALA A 1 13 ? 0.761   8.056   9.083   1.00 9.13  ? 13   ALA B O   1 
ATOM   80  C  CB  . ALA A 1 13 ? 3.724   8.567   8.585   1.00 9.06  ? 13   ALA B CB  1 
ATOM   81  N  N   . ASN A 1 14 ? 1.264   6.540   7.520   1.00 7.46  ? 14   ASN B N   1 
ATOM   82  C  CA  . ASN A 1 14 ? -0.034  6.614   6.847   1.00 7.61  ? 14   ASN B CA  1 
ATOM   83  C  C   . ASN A 1 14 ? -0.781  5.300   6.669   1.00 7.09  ? 14   ASN B C   1 
ATOM   84  O  O   . ASN A 1 14 ? -1.990  5.321   6.434   1.00 7.08  ? 14   ASN B O   1 
ATOM   85  C  CB  . ASN A 1 14 ? 0.145   7.226   5.457   1.00 6.85  ? 14   ASN B CB  1 
ATOM   86  C  CG  . ASN A 1 14 ? 0.663   8.642   5.498   1.00 6.60  ? 14   ASN B CG  1 
ATOM   87  O  OD1 . ASN A 1 14 ? -0.115  9.589   5.584   1.00 7.31  ? 14   ASN B OD1 1 
ATOM   88  N  ND2 . ASN A 1 14 ? 1.978   8.793   5.443   1.00 8.02  ? 14   ASN B ND2 1 
ATOM   89  N  N   . CYS A 1 15 ? -0.084  4.165   6.722   1.00 7.01  ? 15   CYS B N   1 
ATOM   90  C  CA  . CYS A 1 15 ? -0.693  2.887   6.331   1.00 7.71  ? 15   CYS B CA  1 
ATOM   91  C  C   . CYS A 1 15 ? -0.698  1.848   7.436   1.00 8.29  ? 15   CYS B C   1 
ATOM   92  O  O   . CYS A 1 15 ? -1.597  1.020   7.495   1.00 7.92  ? 15   CYS B O   1 
ATOM   93  C  CB  . CYS A 1 15 ? 0.042   2.290   5.124   1.00 6.93  ? 15   CYS B CB  1 
ATOM   94  S  SG  . CYS A 1 15 ? 0.486   3.479   3.849   1.00 6.27  ? 15   CYS B SG  1 
ATOM   95  N  N   . ALA A 1 16 ? 0.324   1.879   8.291   1.00 9.31  ? 16   ALA B N   1 
ATOM   96  C  CA  . ALA A 1 16 ? 0.493   0.873   9.345   1.00 10.97 ? 16   ALA B CA  1 
ATOM   97  C  C   . ALA A 1 16 ? -0.669  0.868   10.338  1.00 12.61 ? 16   ALA B C   1 
ATOM   98  O  O   . ALA A 1 16 ? -0.970  -0.176  10.912  1.00 14.21 ? 16   ALA B O   1 
ATOM   99  C  CB  . ALA A 1 16 ? 1.846   1.065   10.065  1.00 10.81 ? 16   ALA B CB  1 
ATOM   100 N  N   . ALA A 1 17 ? -1.321  2.022   10.488  1.00 14.35 ? 17   ALA B N   1 
ATOM   101 C  CA  . ALA A 1 17 ? -2.503  2.186   11.338  1.00 15.09 ? 17   ALA B CA  1 
ATOM   102 C  C   . ALA A 1 17 ? -3.637  1.217   11.010  1.00 16.25 ? 17   ALA B C   1 
ATOM   103 O  O   . ALA A 1 17 ? -4.463  0.938   11.877  1.00 17.97 ? 17   ALA B O   1 
ATOM   104 C  CB  . ALA A 1 17 ? -3.018  3.620   11.254  1.00 16.12 ? 17   ALA B CB  1 
ATOM   105 N  N   . CYS A 1 18 ? -3.699  0.751   9.760   1.00 16.08 ? 18   CYS B N   1 
ATOM   106 C  CA  . CYS A 1 18 ? -4.686  -0.244  9.339   1.00 15.82 ? 18   CYS B CA  1 
ATOM   107 C  C   . CYS A 1 18 ? -4.119  -1.536  8.731   1.00 16.76 ? 18   CYS B C   1 
ATOM   108 O  O   . CYS A 1 18 ? -4.840  -2.530  8.625   1.00 17.82 ? 18   CYS B O   1 
ATOM   109 C  CB  . CYS A 1 18 ? -5.648  0.383   8.333   1.00 15.31 ? 18   CYS B CB  1 
ATOM   110 S  SG  . CYS A 1 18 ? -6.543  1.799   8.970   1.00 11.93 ? 18   CYS B SG  1 
ATOM   111 N  N   . HIS A 1 19 ? -2.850  -1.535  8.325   1.00 16.61 ? 19   HIS B N   1 
ATOM   112 C  CA  . HIS A 1 19 ? -2.254  -2.674  7.617   1.00 17.74 ? 19   HIS B CA  1 
ATOM   113 C  C   . HIS A 1 19 ? -1.033  -3.295  8.339   1.00 19.77 ? 19   HIS B C   1 
ATOM   114 O  O   . HIS A 1 19 ? -0.380  -4.182  7.782   1.00 20.82 ? 19   HIS B O   1 
ATOM   115 C  CB  . HIS A 1 19 ? -1.822  -2.228  6.207   1.00 15.41 ? 19   HIS B CB  1 
ATOM   116 C  CG  . HIS A 1 19 ? -2.962  -1.913  5.284   1.00 10.82 ? 19   HIS B CG  1 
ATOM   117 N  ND1 . HIS A 1 19 ? -3.807  -2.877  4.790   1.00 9.46  ? 19   HIS B ND1 1 
ATOM   118 C  CD2 . HIS A 1 19 ? -3.358  -0.745  4.724   1.00 8.20  ? 19   HIS B CD2 1 
ATOM   119 C  CE1 . HIS A 1 19 ? -4.693  -2.314  3.983   1.00 7.31  ? 19   HIS B CE1 1 
ATOM   120 N  NE2 . HIS A 1 19 ? -4.441  -1.019  3.924   1.00 6.19  ? 19   HIS B NE2 1 
ATOM   121 N  N   . ALA A 1 20 ? -0.754  -2.860  9.567   1.00 22.33 ? 20   ALA B N   1 
ATOM   122 C  CA  . ALA A 1 20 ? 0.572   -3.063  10.200  1.00 24.26 ? 20   ALA B CA  1 
ATOM   123 C  C   . ALA A 1 20 ? 0.993   -4.500  10.498  1.00 26.31 ? 20   ALA B C   1 
ATOM   124 O  O   . ALA A 1 20 ? 0.236   -5.281  11.082  1.00 27.19 ? 20   ALA B O   1 
ATOM   125 C  CB  . ALA A 1 20 ? 0.678   -2.243  11.481  1.00 24.45 ? 20   ALA B CB  1 
ATOM   126 N  N   . GLY A 1 21 ? 2.234   -4.819  10.117  1.00 28.23 ? 21   GLY B N   1 
ATOM   127 C  CA  . GLY A 1 21 ? 2.924   -6.036  10.555  1.00 29.39 ? 21   GLY B CA  1 
ATOM   128 C  C   . GLY A 1 21 ? 2.291   -7.316  10.019  1.00 30.88 ? 21   GLY B C   1 
ATOM   129 O  O   . GLY A 1 21 ? 1.493   -7.961  10.708  1.00 31.51 ? 21   GLY B O   1 
ATOM   130 N  N   . GLY A 1 22 ? 2.662   -7.675  8.791   1.00 32.25 ? 22   GLY B N   1 
ATOM   131 C  CA  . GLY A 1 22 ? 2.206   -8.906  8.133   1.00 33.09 ? 22   GLY B CA  1 
ATOM   132 C  C   . GLY A 1 22 ? 0.699   -8.926  7.876   1.00 34.18 ? 22   GLY B C   1 
ATOM   133 O  O   . GLY A 1 22 ? 0.256   -8.733  6.737   1.00 34.40 ? 22   GLY B O   1 
ATOM   134 N  N   . ILE A 1 23 ? -0.079  -9.171  8.929   1.00 35.18 ? 23   ILE B N   1 
ATOM   135 C  CA  . ILE A 1 23 ? -1.535  -9.230  8.838   1.00 35.67 ? 23   ILE B CA  1 
ATOM   136 C  C   . ILE A 1 23 ? -2.145  -7.922  9.329   1.00 36.38 ? 23   ILE B C   1 
ATOM   137 O  O   . ILE A 1 23 ? -1.632  -7.306  10.265  1.00 36.53 ? 23   ILE B O   1 
ATOM   138 C  CB  . ILE A 1 23 ? -2.063  -10.398 9.662   1.00 35.83 ? 23   ILE B CB  1 
ATOM   139 N  N   . ASN A 1 24 ? -3.238  -7.502  8.695   1.00 37.11 ? 24   ASN B N   1 
ATOM   140 C  CA  . ASN A 1 24 ? -3.965  -6.307  9.121   1.00 37.42 ? 24   ASN B CA  1 
ATOM   141 C  C   . ASN A 1 24 ? -4.655  -6.573  10.456  1.00 37.94 ? 24   ASN B C   1 
ATOM   142 O  O   . ASN A 1 24 ? -4.990  -7.719  10.768  1.00 38.28 ? 24   ASN B O   1 
ATOM   143 C  CB  . ASN A 1 24 ? -4.987  -5.903  8.069   1.00 37.55 ? 24   ASN B CB  1 
ATOM   144 N  N   . LEU A 1 25 ? -4.864  -5.515  11.236  1.00 38.32 ? 25   LEU B N   1 
ATOM   145 C  CA  . LEU A 1 25 ? -5.493  -5.633  12.556  1.00 38.37 ? 25   LEU B CA  1 
ATOM   146 C  C   . LEU A 1 25 ? -6.937  -6.125  12.466  1.00 38.63 ? 25   LEU B C   1 
ATOM   147 O  O   . LEU A 1 25 ? -7.382  -6.924  13.299  1.00 38.83 ? 25   LEU B O   1 
ATOM   148 C  CB  . LEU A 1 25 ? -5.443  -4.293  13.288  1.00 38.53 ? 25   LEU B CB  1 
ATOM   149 N  N   . VAL A 1 26 ? -7.657  -5.649  11.453  1.00 38.66 ? 26   VAL B N   1 
ATOM   150 C  CA  . VAL A 1 26 ? -9.072  -5.964  11.278  1.00 38.44 ? 26   VAL B CA  1 
ATOM   151 C  C   . VAL A 1 26 ? -9.312  -6.924  10.111  1.00 38.43 ? 26   VAL B C   1 
ATOM   152 O  O   . VAL A 1 26 ? -10.386 -6.894  9.496   1.00 38.71 ? 26   VAL B O   1 
ATOM   153 C  CB  . VAL A 1 26 ? -9.860  -4.673  11.063  1.00 38.56 ? 26   VAL B CB  1 
ATOM   154 N  N   . ASN A 1 27 ? -8.337  -7.791  9.826   1.00 38.11 ? 27   ASN B N   1 
ATOM   155 C  CA  . ASN A 1 27 ? -8.366  -8.586  8.597   1.00 37.58 ? 27   ASN B CA  1 
ATOM   156 C  C   . ASN A 1 27 ? -7.459  -9.819  8.596   1.00 37.24 ? 27   ASN B C   1 
ATOM   157 O  O   . ASN A 1 27 ? -6.628  -10.004 9.489   1.00 37.51 ? 27   ASN B O   1 
ATOM   158 C  CB  . ASN A 1 27 ? -8.008  -7.699  7.432   1.00 37.79 ? 27   ASN B CB  1 
ATOM   159 N  N   . ALA A 1 28 ? -7.638  -10.649 7.567   1.00 36.41 ? 28   ALA B N   1 
ATOM   160 C  CA  . ALA A 1 28 ? -6.832  -11.853 7.345   1.00 35.48 ? 28   ALA B CA  1 
ATOM   161 C  C   . ALA A 1 28 ? -6.229  -11.821 5.938   1.00 34.73 ? 28   ALA B C   1 
ATOM   162 O  O   . ALA A 1 28 ? -5.004  -11.762 5.781   1.00 35.12 ? 28   ALA B O   1 
ATOM   163 C  CB  . ALA A 1 28 ? -7.687  -13.100 7.533   1.00 35.74 ? 28   ALA B CB  1 
ATOM   164 N  N   . GLU A 1 29 ? -7.094  -11.861 4.924   1.00 33.37 ? 29   GLU B N   1 
ATOM   165 C  CA  . GLU A 1 29 ? -6.687  -11.618 3.531   1.00 32.02 ? 29   GLU B CA  1 
ATOM   166 C  C   . GLU A 1 29 ? -6.961  -10.168 3.145   1.00 30.84 ? 29   GLU B C   1 
ATOM   167 O  O   . GLU A 1 29 ? -6.924  -9.811  1.963   1.00 30.93 ? 29   GLU B O   1 
ATOM   168 C  CB  . GLU A 1 29 ? -7.411  -12.549 2.582   1.00 32.19 ? 29   GLU B CB  1 
ATOM   169 N  N   . LYS A 1 30 ? -7.270  -9.345  4.145   1.00 29.35 ? 30   LYS B N   1 
ATOM   170 C  CA  . LYS A 1 30 ? -7.331  -7.909  3.964   1.00 28.22 ? 30   LYS B CA  1 
ATOM   171 C  C   . LYS A 1 30 ? -5.946  -7.297  4.185   1.00 27.21 ? 30   LYS B C   1 
ATOM   172 O  O   . LYS A 1 30 ? -5.769  -6.087  4.081   1.00 27.65 ? 30   LYS B O   1 
ATOM   173 C  CB  . LYS A 1 30 ? -8.351  -7.297  4.906   1.00 28.26 ? 30   LYS B CB  1 
ATOM   174 N  N   . THR A 1 31 ? -4.956  -8.128  4.490   1.00 26.04 ? 31   THR B N   1 
ATOM   175 C  CA  . THR A 1 31 ? -3.585  -7.662  4.522   1.00 24.72 ? 31   THR B CA  1 
ATOM   176 C  C   . THR A 1 31 ? -3.122  -7.435  3.081   1.00 23.68 ? 31   THR B C   1 
ATOM   177 O  O   . THR A 1 31 ? -3.903  -7.577  2.132   1.00 24.41 ? 31   THR B O   1 
ATOM   178 C  CB  . THR A 1 31 ? -2.697  -8.661  5.241   1.00 25.00 ? 31   THR B CB  1 
ATOM   179 N  N   . LEU A 1 32 ? -1.858  -7.078  2.922   1.00 21.89 ? 32   LEU B N   1 
ATOM   180 C  CA  . LEU A 1 32 ? -1.309  -6.747  1.619   1.00 20.24 ? 32   LEU B CA  1 
ATOM   181 C  C   . LEU A 1 32 ? -0.433  -7.898  1.116   1.00 19.04 ? 32   LEU B C   1 
ATOM   182 O  O   . LEU A 1 32 ? 0.631   -7.686  0.543   1.00 17.43 ? 32   LEU B O   1 
ATOM   183 C  CB  . LEU A 1 32 ? -0.529  -5.435  1.724   1.00 19.64 ? 32   LEU B CB  1 
ATOM   184 C  CG  . LEU A 1 32 ? -1.346  -4.272  2.308   1.00 18.02 ? 32   LEU B CG  1 
ATOM   185 C  CD1 . LEU A 1 32 ? -0.426  -3.106  2.654   1.00 17.98 ? 32   LEU B CD1 1 
ATOM   186 C  CD2 . LEU A 1 32 ? -2.446  -3.852  1.337   1.00 18.27 ? 32   LEU B CD2 1 
ATOM   187 N  N   . LYS A 1 33 ? -0.909  -9.121  1.332   1.00 18.23 ? 33   LYS B N   1 
ATOM   188 C  CA  . LYS A 1 33 ? -0.243  -10.315 0.817   1.00 18.10 ? 33   LYS B CA  1 
ATOM   189 C  C   . LYS A 1 33 ? -0.312  -10.339 -0.704  1.00 16.87 ? 33   LYS B C   1 
ATOM   190 O  O   . LYS A 1 33 ? -1.309  -9.945  -1.301  1.00 16.09 ? 33   LYS B O   1 
ATOM   191 C  CB  . LYS A 1 33 ? -0.876  -11.597 1.384   1.00 18.94 ? 33   LYS B CB  1 
ATOM   192 C  CG  . LYS A 1 33 ? -0.093  -12.262 2.510   1.00 21.44 ? 33   LYS B CG  1 
ATOM   193 C  CD  . LYS A 1 33 ? 0.015   -11.397 3.754   1.00 22.84 ? 33   LYS B CD  1 
ATOM   194 C  CE  . LYS A 1 33 ? 0.458   -12.225 4.967   1.00 23.08 ? 33   LYS B CE  1 
ATOM   195 N  NZ  . LYS A 1 33 ? 0.760   -11.396 6.166   1.00 24.24 ? 33   LYS B NZ  1 
ATOM   196 N  N   . LYS A 1 34 ? 0.759   -10.829 -1.313  1.00 16.07 ? 34   LYS B N   1 
ATOM   197 C  CA  . LYS A 1 34 ? 0.876   -10.908 -2.765  1.00 16.09 ? 34   LYS B CA  1 
ATOM   198 C  C   . LYS A 1 34 ? -0.342  -11.547 -3.442  1.00 15.72 ? 34   LYS B C   1 
ATOM   199 O  O   . LYS A 1 34 ? -0.861  -11.018 -4.420  1.00 15.28 ? 34   LYS B O   1 
ATOM   200 C  CB  . LYS A 1 34 ? 2.148   -11.676 -3.122  1.00 15.81 ? 34   LYS B CB  1 
ATOM   201 C  CG  . LYS A 1 34 ? 2.451   -11.733 -4.583  1.00 15.97 ? 34   LYS B CG  1 
ATOM   202 C  CD  . LYS A 1 34 ? 3.746   -12.482 -4.801  1.00 15.81 ? 34   LYS B CD  1 
ATOM   203 C  CE  . LYS A 1 34 ? 4.111   -12.540 -6.262  1.00 16.15 ? 34   LYS B CE  1 
ATOM   204 N  NZ  . LYS A 1 34 ? 5.340   -13.339 -6.463  1.00 16.25 ? 34   LYS B NZ  1 
ATOM   205 N  N   . GLU A 1 35 ? -0.805  -12.676 -2.910  1.00 16.13 ? 35   GLU B N   1 
ATOM   206 C  CA  . GLU A 1 35 ? -1.910  -13.412 -3.532  1.00 16.44 ? 35   GLU B CA  1 
ATOM   207 C  C   . GLU A 1 35 ? -3.216  -12.613 -3.496  1.00 16.11 ? 35   GLU B C   1 
ATOM   208 O  O   . GLU A 1 35 ? -3.984  -12.637 -4.453  1.00 16.66 ? 35   GLU B O   1 
ATOM   209 C  CB  . GLU A 1 35 ? -2.130  -14.776 -2.866  1.00 17.22 ? 35   GLU B CB  1 
ATOM   210 C  CG  . GLU A 1 35 ? -0.874  -15.572 -2.543  1.00 20.15 ? 35   GLU B CG  1 
ATOM   211 C  CD  . GLU A 1 35 ? -0.365  -15.310 -1.134  1.00 22.90 ? 35   GLU B CD  1 
ATOM   212 O  OE1 . GLU A 1 35 ? 0.539   -14.464 -0.983  1.00 23.76 ? 35   GLU B OE1 1 
ATOM   213 O  OE2 . GLU A 1 35 ? -0.882  -15.936 -0.176  1.00 26.30 ? 35   GLU B OE2 1 
ATOM   214 N  N   . ALA A 1 36 ? -3.450  -11.899 -2.398  1.00 15.50 ? 36   ALA B N   1 
ATOM   215 C  CA  . ALA A 1 36 ? -4.641  -11.050 -2.262  1.00 15.29 ? 36   ALA B CA  1 
ATOM   216 C  C   . ALA A 1 36 ? -4.619  -9.907  -3.267  1.00 14.94 ? 36   ALA B C   1 
ATOM   217 O  O   . ALA A 1 36 ? -5.633  -9.599  -3.887  1.00 15.62 ? 36   ALA B O   1 
ATOM   218 C  CB  . ALA A 1 36 ? -4.753  -10.507 -0.842  1.00 15.42 ? 36   ALA B CB  1 
ATOM   219 N  N   . LEU A 1 37 ? -3.455  -9.276  -3.412  1.00 13.65 ? 37   LEU B N   1 
ATOM   220 C  CA  . LEU A 1 37 ? -3.274  -8.215  -4.398  1.00 13.24 ? 37   LEU B CA  1 
ATOM   221 C  C   . LEU A 1 37 ? -3.498  -8.733  -5.822  1.00 12.91 ? 37   LEU B C   1 
ATOM   222 O  O   . LEU A 1 37 ? -4.139  -8.087  -6.637  1.00 12.32 ? 37   LEU B O   1 
ATOM   223 C  CB  . LEU A 1 37 ? -1.881  -7.588  -4.268  1.00 12.90 ? 37   LEU B CB  1 
ATOM   224 C  CG  . LEU A 1 37 ? -1.591  -6.834  -2.969  1.00 12.15 ? 37   LEU B CG  1 
ATOM   225 C  CD1 . LEU A 1 37 ? -0.132  -6.423  -2.892  1.00 13.54 ? 37   LEU B CD1 1 
ATOM   226 C  CD2 . LEU A 1 37 ? -2.512  -5.631  -2.845  1.00 12.76 ? 37   LEU B CD2 1 
ATOM   227 N  N   . GLU A 1 38 ? -2.980  -9.921  -6.114  1.00 12.59 ? 38   GLU B N   1 
ATOM   228 C  CA  . GLU A 1 38 ? -3.108  -10.510 -7.437  1.00 12.61 ? 38   GLU B CA  1 
ATOM   229 C  C   . GLU A 1 38 ? -4.564  -10.794 -7.838  1.00 11.37 ? 38   GLU B C   1 
ATOM   230 O  O   . GLU A 1 38 ? -4.902  -10.697 -9.012  1.00 11.46 ? 38   GLU B O   1 
ATOM   231 C  CB  . GLU A 1 38 ? -2.264  -11.791 -7.534  1.00 13.67 ? 38   GLU B CB  1 
ATOM   232 C  CG  . GLU A 1 38 ? -0.738  -11.547 -7.547  1.00 16.93 ? 38   GLU B CG  1 
ATOM   233 C  CD  . GLU A 1 38 ? -0.135  -11.528 -8.938  1.00 21.24 ? 38   GLU B CD  1 
ATOM   234 O  OE1 . GLU A 1 38 ? 0.659   -10.607 -9.251  1.00 24.30 ? 38   GLU B OE1 1 
ATOM   235 O  OE2 . GLU A 1 38 ? -0.441  -12.447 -9.728  1.00 24.86 ? 38   GLU B OE2 1 
ATOM   236 N  N   . LYS A 1 39 ? -5.427  -11.117 -6.876  1.00 10.60 ? 39   LYS B N   1 
ATOM   237 C  CA  . LYS A 1 39 ? -6.807  -11.513 -7.199  1.00 10.13 ? 39   LYS B CA  1 
ATOM   238 C  C   . LYS A 1 39 ? -7.527  -10.445 -8.032  1.00 9.35  ? 39   LYS B C   1 
ATOM   239 O  O   . LYS A 1 39 ? -8.218  -10.754 -9.002  1.00 8.60  ? 39   LYS B O   1 
ATOM   240 C  CB  . LYS A 1 39 ? -7.606  -11.819 -5.929  1.00 11.09 ? 39   LYS B CB  1 
ATOM   241 C  CG  . LYS A 1 39 ? -9.017  -12.309 -6.173  1.00 11.85 ? 39   LYS B CG  1 
ATOM   242 C  CD  . LYS A 1 39 ? -9.065  -13.510 -7.111  1.00 14.41 ? 39   LYS B CD  1 
ATOM   243 C  CE  . LYS A 1 39 ? -10.348 -14.309 -6.997  1.00 15.45 ? 39   LYS B CE  1 
ATOM   244 N  NZ  . LYS A 1 39 ? -10.231 -15.344 -5.933  1.00 19.55 ? 39   LYS B NZ  1 
ATOM   245 N  N   . PHE A 1 40 ? -7.346  -9.186  -7.651  1.00 8.66  ? 40   PHE B N   1 
ATOM   246 C  CA  . PHE A 1 40 ? -7.974  -8.065  -8.345  1.00 8.29  ? 40   PHE B CA  1 
ATOM   247 C  C   . PHE A 1 40 ? -7.006  -7.235  -9.189  1.00 8.14  ? 40   PHE B C   1 
ATOM   248 O  O   . PHE A 1 40 ? -7.286  -6.094  -9.541  1.00 7.58  ? 40   PHE B O   1 
ATOM   249 C  CB  . PHE A 1 40 ? -8.760  -7.210  -7.340  1.00 7.57  ? 40   PHE B CB  1 
ATOM   250 C  CG  . PHE A 1 40 ? -10.022 -7.868  -6.863  1.00 7.47  ? 40   PHE B CG  1 
ATOM   251 C  CD1 . PHE A 1 40 ? -11.150 -7.857  -7.664  1.00 6.43  ? 40   PHE B CD1 1 
ATOM   252 C  CD2 . PHE A 1 40 ? -10.077 -8.520  -5.636  1.00 9.67  ? 40   PHE B CD2 1 
ATOM   253 C  CE1 . PHE A 1 40 ? -12.325 -8.472  -7.251  1.00 6.92  ? 40   PHE B CE1 1 
ATOM   254 C  CE2 . PHE A 1 40 ? -11.251 -9.141  -5.215  1.00 9.08  ? 40   PHE B CE2 1 
ATOM   255 C  CZ  . PHE A 1 40 ? -12.377 -9.117  -6.026  1.00 8.27  ? 40   PHE B CZ  1 
ATOM   256 N  N   . GLY A 1 41 ? -5.872  -7.828  -9.546  1.00 8.30  ? 41   GLY B N   1 
ATOM   257 C  CA  . GLY A 1 41 ? -4.906  -7.163  -10.435 1.00 8.90  ? 41   GLY B CA  1 
ATOM   258 C  C   . GLY A 1 41 ? -4.226  -5.950  -9.816  1.00 9.14  ? 41   GLY B C   1 
ATOM   259 O  O   . GLY A 1 41 ? -3.813  -5.028  -10.519 1.00 10.42 ? 41   GLY B O   1 
ATOM   260 N  N   . MET A 1 42 ? -4.106  -5.965  -8.497  1.00 8.88  ? 42   MET B N   1 
ATOM   261 C  CA  . MET A 1 42 ? -3.583  -4.823  -7.759  1.00 9.29  ? 42   MET B CA  1 
ATOM   262 C  C   . MET A 1 42 ? -2.076  -4.869  -7.535  1.00 9.26  ? 42   MET B C   1 
ATOM   263 O  O   . MET A 1 42 ? -1.535  -3.930  -6.987  1.00 10.13 ? 42   MET B O   1 
ATOM   264 C  CB  . MET A 1 42 ? -4.320  -4.696  -6.428  1.00 9.68  ? 42   MET B CB  1 
ATOM   265 C  CG  . MET A 1 42 ? -5.803  -4.365  -6.607  1.00 10.91 ? 42   MET B CG  1 
ATOM   266 S  SD  . MET A 1 42 ? -6.104  -2.800  -7.432  1.00 12.69 ? 42   MET B SD  1 
ATOM   267 C  CE  . MET A 1 42 ? -5.350  -1.692  -6.277  1.00 14.03 ? 42   MET B CE  1 
ATOM   268 N  N   . ASN A 1 43 ? -1.396  -5.913  -7.999  1.00 8.99  ? 43   ASN B N   1 
ATOM   269 C  CA  . ASN A 1 43 ? 0.035   -6.098  -7.726  1.00 8.76  ? 43   ASN B CA  1 
ATOM   270 C  C   . ASN A 1 43 ? 0.920   -5.402  -8.773  1.00 8.50  ? 43   ASN B C   1 
ATOM   271 O  O   . ASN A 1 43 ? 1.744   -6.029  -9.417  1.00 8.79  ? 43   ASN B O   1 
ATOM   272 C  CB  . ASN A 1 43 ? 0.348   -7.602  -7.608  1.00 8.99  ? 43   ASN B CB  1 
ATOM   273 C  CG  . ASN A 1 43 ? 1.677   -7.894  -6.923  1.00 10.59 ? 43   ASN B CG  1 
ATOM   274 O  OD1 . ASN A 1 43 ? 2.141   -7.143  -6.062  1.00 13.74 ? 43   ASN B OD1 1 
ATOM   275 N  ND2 . ASN A 1 43 ? 2.285   -9.022  -7.290  1.00 12.70 ? 43   ASN B ND2 1 
ATOM   276 N  N   . SER A 1 44 ? 0.742   -4.092  -8.934  1.00 7.96  ? 44   SER B N   1 
ATOM   277 C  CA  . SER A 1 44 ? 1.572   -3.287  -9.834  1.00 8.07  ? 44   SER B CA  1 
ATOM   278 C  C   . SER A 1 44 ? 1.680   -1.876  -9.301  1.00 7.64  ? 44   SER B C   1 
ATOM   279 O  O   . SER A 1 44 ? 0.848   -1.434  -8.504  1.00 7.60  ? 44   SER B O   1 
ATOM   280 C  CB  . SER A 1 44 ? 0.998   -3.226  -11.248 1.00 7.88  ? 44   SER B CB  1 
ATOM   281 O  OG  . SER A 1 44 ? -0.157  -2.377  -11.308 1.00 9.01  ? 44   SER B OG  1 
ATOM   282 N  N   . ILE A 1 45 ? 2.706   -1.158  -9.737  1.00 7.22  ? 45   ILE B N   1 
ATOM   283 C  CA  . ILE A 1 45 ? 2.899   0.232   -9.320  1.00 7.75  ? 45   ILE B CA  1 
ATOM   284 C  C   . ILE A 1 45 ? 1.695   1.093   -9.718  1.00 7.52  ? 45   ILE B C   1 
ATOM   285 O  O   . ILE A 1 45 ? 1.184   1.864   -8.907  1.00 7.54  ? 45   ILE B O   1 
ATOM   286 C  CB  . ILE A 1 45 ? 4.196   0.849   -9.921  1.00 7.77  ? 45   ILE B CB  1 
ATOM   287 C  CG1 . ILE A 1 45 ? 5.444   0.210   -9.298  1.00 9.10  ? 45   ILE B CG1 1 
ATOM   288 C  CG2 . ILE A 1 45 ? 4.220   2.371   -9.750  1.00 8.63  ? 45   ILE B CG2 1 
ATOM   289 C  CD1 . ILE A 1 45 ? 5.735   0.615   -7.874  1.00 11.30 ? 45   ILE B CD1 1 
ATOM   290 N  N   . VAL A 1 46 ? 1.216   0.954   -10.946 1.00 7.57  ? 46   VAL B N   1 
ATOM   291 C  CA  . VAL A 1 46 ? 0.085   1.768   -11.394 1.00 8.57  ? 46   VAL B CA  1 
ATOM   292 C  C   . VAL A 1 46 ? -1.179  1.462   -10.579 1.00 8.09  ? 46   VAL B C   1 
ATOM   293 O  O   . VAL A 1 46 ? -1.901  2.383   -10.208 1.00 8.04  ? 46   VAL B O   1 
ATOM   294 C  CB  . VAL A 1 46 ? -0.179  1.599   -12.906 1.00 9.05  ? 46   VAL B CB  1 
ATOM   295 C  CG1 . VAL A 1 46 ? -1.512  2.207   -13.306 1.00 11.45 ? 46   VAL B CG1 1 
ATOM   296 C  CG2 . VAL A 1 46 ? 0.966   2.204   -13.699 1.00 12.20 ? 46   VAL B CG2 1 
ATOM   297 N  N   . ALA A 1 47 ? -1.454  0.190   -10.296 1.00 7.69  ? 47   ALA B N   1 
ATOM   298 C  CA  . ALA A 1 47 ? -2.676  -0.155  -9.567  1.00 7.81  ? 47   ALA B CA  1 
ATOM   299 C  C   . ALA A 1 47 ? -2.634  0.380   -8.141  1.00 7.35  ? 47   ALA B C   1 
ATOM   300 O  O   . ALA A 1 47 ? -3.613  0.939   -7.663  1.00 7.10  ? 47   ALA B O   1 
ATOM   301 C  CB  . ALA A 1 47 ? -2.911  -1.667  -9.569  1.00 8.34  ? 47   ALA B CB  1 
ATOM   302 N  N   . ILE A 1 48 ? -1.515  0.201   -7.450  1.00 7.29  ? 48   ILE B N   1 
ATOM   303 C  CA  . ILE A 1 48 ? -1.432  0.679   -6.070  1.00 7.83  ? 48   ILE B CA  1 
ATOM   304 C  C   . ILE A 1 48 ? -1.437  2.209   -6.028  1.00 7.83  ? 48   ILE B C   1 
ATOM   305 O  O   . ILE A 1 48 ? -2.080  2.796   -5.168  1.00 7.20  ? 48   ILE B O   1 
ATOM   306 C  CB  . ILE A 1 48 ? -0.216  0.099   -5.316  1.00 7.45  ? 48   ILE B CB  1 
ATOM   307 C  CG1 . ILE A 1 48 ? -0.385  -1.413  -5.134  1.00 8.53  ? 48   ILE B CG1 1 
ATOM   308 C  CG2 . ILE A 1 48 ? -0.057  0.764   -3.949  1.00 6.99  ? 48   ILE B CG2 1 
ATOM   309 C  CD1 . ILE A 1 48 ? 0.819   -2.112  -4.541  1.00 10.79 ? 48   ILE B CD1 1 
ATOM   310 N  N   . THR A 1 49 ? -0.738  2.853   -6.962  1.00 8.20  ? 49   THR B N   1 
ATOM   311 C  CA  . THR A 1 49 ? -0.763  4.307   -7.076  1.00 8.29  ? 49   THR B CA  1 
ATOM   312 C  C   . THR A 1 49 ? -2.195  4.813   -7.235  1.00 7.90  ? 49   THR B C   1 
ATOM   313 O  O   . THR A 1 49 ? -2.606  5.741   -6.531  1.00 7.57  ? 49   THR B O   1 
ATOM   314 C  CB  . THR A 1 49 ? 0.121   4.778   -8.252  1.00 9.38  ? 49   THR B CB  1 
ATOM   315 O  OG1 . THR A 1 49 ? 1.481   4.447   -7.959  1.00 11.49 ? 49   THR B OG1 1 
ATOM   316 C  CG2 . THR A 1 49 ? -0.012  6.283   -8.478  1.00 10.20 ? 49   THR B CG2 1 
ATOM   317 N  N   . THR A 1 50 ? -2.978  4.199   -8.121  1.00 8.14  ? 50   THR B N   1 
ATOM   318 C  CA  . THR A 1 50 ? -4.337  4.673   -8.350  1.00 8.76  ? 50   THR B CA  1 
ATOM   319 C  C   . THR A 1 50 ? -5.223  4.485   -7.109  1.00 7.81  ? 50   THR B C   1 
ATOM   320 O  O   . THR A 1 50 ? -5.942  5.402   -6.727  1.00 8.30  ? 50   THR B O   1 
ATOM   321 C  CB  . THR A 1 50 ? -4.968  4.039   -9.609  1.00 10.05 ? 50   THR B CB  1 
ATOM   322 O  OG1 . THR A 1 50 ? -5.283  2.671   -9.374  1.00 16.31 ? 50   THR B OG1 1 
ATOM   323 C  CG2 . THR A 1 50 ? -4.024  4.183   -10.799 1.00 9.80  ? 50   THR B CG2 1 
ATOM   324 N  N   . VAL A 1 51 ? -5.139  3.338   -6.438  1.00 6.53  ? 51   VAL B N   1 
ATOM   325 C  CA  . VAL A 1 51 ? -6.033  3.081   -5.303  1.00 6.53  ? 51   VAL B CA  1 
ATOM   326 C  C   . VAL A 1 51 ? -5.664  3.965   -4.106  1.00 5.75  ? 51   VAL B C   1 
ATOM   327 O  O   . VAL A 1 51 ? -6.543  4.488   -3.434  1.00 6.58  ? 51   VAL B O   1 
ATOM   328 C  CB  . VAL A 1 51 ? -6.095  1.579   -4.931  1.00 6.61  ? 51   VAL B CB  1 
ATOM   329 C  CG1 . VAL A 1 51 ? -4.845  1.119   -4.187  1.00 7.23  ? 51   VAL B CG1 1 
ATOM   330 C  CG2 . VAL A 1 51 ? -7.367  1.279   -4.147  1.00 6.83  ? 51   VAL B CG2 1 
ATOM   331 N  N   . VAL A 1 52 ? -4.379  4.194   -3.881  1.00 5.55  ? 52   VAL B N   1 
ATOM   332 C  CA  . VAL A 1 52 ? -3.950  5.038   -2.776  1.00 5.29  ? 52   VAL B CA  1 
ATOM   333 C  C   . VAL A 1 52 ? -4.314  6.510   -3.048  1.00 5.17  ? 52   VAL B C   1 
ATOM   334 O  O   . VAL A 1 52 ? -4.770  7.220   -2.154  1.00 5.62  ? 52   VAL B O   1 
ATOM   335 C  CB  . VAL A 1 52 ? -2.436  4.872   -2.495  1.00 5.02  ? 52   VAL B CB  1 
ATOM   336 C  CG1 . VAL A 1 52 ? -1.926  5.943   -1.527  1.00 6.14  ? 52   VAL B CG1 1 
ATOM   337 C  CG2 . VAL A 1 52 ? -2.169  3.464   -1.930  1.00 5.90  ? 52   VAL B CG2 1 
ATOM   338 N  N   . THR A 1 53 ? -4.111  6.964   -4.282  1.00 5.48  ? 53   THR B N   1 
ATOM   339 C  CA  . THR A 1 53 ? -4.438  8.341   -4.665  1.00 5.83  ? 53   THR B CA  1 
ATOM   340 C  C   . THR A 1 53 ? -5.935  8.616   -4.535  1.00 5.71  ? 53   THR B C   1 
ATOM   341 O  O   . THR A 1 53 ? -6.341  9.613   -3.926  1.00 5.99  ? 53   THR B O   1 
ATOM   342 C  CB  . THR A 1 53 ? -3.989  8.641   -6.116  1.00 6.27  ? 53   THR B CB  1 
ATOM   343 O  OG1 . THR A 1 53 ? -2.579  8.410   -6.226  1.00 7.08  ? 53   THR B OG1 1 
ATOM   344 C  CG2 . THR A 1 53 ? -4.305  10.099  -6.535  1.00 6.77  ? 53   THR B CG2 1 
ATOM   345 N  N   . ASN A 1 54 ? -6.737  7.716   -5.099  1.00 6.28  ? 54   ASN B N   1 
ATOM   346 C  CA  . ASN A 1 54 ? -8.168  7.938   -5.272  1.00 7.35  ? 54   ASN B CA  1 
ATOM   347 C  C   . ASN A 1 54 ? -9.128  7.405   -4.197  1.00 8.25  ? 54   ASN B C   1 
ATOM   348 O  O   . ASN A 1 54 ? -10.263 7.857   -4.177  1.00 8.07  ? 54   ASN B O   1 
ATOM   349 C  CB  . ASN A 1 54 ? -8.595  7.600   -6.702  1.00 7.45  ? 54   ASN B CB  1 
ATOM   350 C  CG  . ASN A 1 54 ? -7.887  8.466   -7.732  1.00 10.02 ? 54   ASN B CG  1 
ATOM   351 O  OD1 . ASN A 1 54 ? -7.793  9.696   -7.589  1.00 11.51 ? 54   ASN B OD1 1 
ATOM   352 N  ND2 . ASN A 1 54 ? -7.366  7.828   -8.762  1.00 14.28 ? 54   ASN B ND2 1 
ATOM   353 N  N   . GLY A 1 55 ? -8.810  6.405   -3.363  1.00 9.58  ? 55   GLY B N   1 
ATOM   354 C  CA  . GLY A 1 55 ? -8.727  5.015   -3.649  1.00 11.33 ? 55   GLY B CA  1 
ATOM   355 C  C   . GLY A 1 55 ? -10.144 4.571   -3.955  1.00 10.20 ? 55   GLY B C   1 
ATOM   356 O  O   . GLY A 1 55 ? -10.516 4.795   -5.042  1.00 10.10 ? 55   GLY B O   1 
ATOM   357 N  N   . LYS A 1 56 ? -10.920 3.915   -3.059  1.00 9.44  ? 56   LYS B N   1 
ATOM   358 C  CA  . LYS A 1 56 ? -11.942 2.959   -3.581  1.00 9.09  ? 56   LYS B CA  1 
ATOM   359 C  C   . LYS A 1 56 ? -12.776 2.216   -2.544  1.00 8.33  ? 56   LYS B C   1 
ATOM   360 O  O   . LYS A 1 56 ? -12.228 1.716   -1.586  1.00 7.52  ? 56   LYS B O   1 
ATOM   361 C  CB  . LYS A 1 56 ? -11.195 1.879   -4.376  1.00 9.23  ? 56   LYS B CB  1 
ATOM   362 C  CG  . LYS A 1 56 ? -12.037 0.840   -5.076  1.00 9.12  ? 56   LYS B CG  1 
ATOM   363 C  CD  . LYS A 1 56 ? -11.182 0.055   -6.089  1.00 8.32  ? 56   LYS B CD  1 
ATOM   364 C  CE  . LYS A 1 56 ? -10.219 -0.902  -5.402  1.00 8.36  ? 56   LYS B CE  1 
ATOM   365 N  NZ  . LYS A 1 56 ? -9.181  -1.473  -6.322  1.00 7.41  ? 56   LYS B NZ  1 
ATOM   366 N  N   . ALA A 1 57 ? -14.082 2.084   -2.779  1.00 8.96  ? 57   ALA B N   1 
ATOM   367 C  CA  . ALA A 1 57 ? -14.951 1.262   -1.926  1.00 9.05  ? 57   ALA B CA  1 
ATOM   368 C  C   . ALA A 1 57 ? -14.777 1.567   -0.425  1.00 9.26  ? 57   ALA B C   1 
ATOM   369 O  O   . ALA A 1 57 ? -14.695 0.658   0.406   1.00 9.45  ? 57   ALA B O   1 
ATOM   370 C  CB  . ALA A 1 57 ? -14.701 -0.206  -2.201  1.00 9.32  ? 57   ALA B CB  1 
ATOM   371 N  N   . GLY A 1 58 ? -14.700 2.846   -0.087  1.00 9.16  ? 58   GLY B N   1 
ATOM   372 C  CA  . GLY A 1 58 ? -14.488 3.269   1.301   1.00 9.42  ? 58   GLY B CA  1 
ATOM   373 C  C   . GLY A 1 58 ? -13.035 3.409   1.747   1.00 9.57  ? 58   GLY B C   1 
ATOM   374 O  O   . GLY A 1 58 ? -12.730 4.142   2.713   1.00 10.92 ? 58   GLY B O   1 
ATOM   375 N  N   . MET A 1 59 ? -12.129 2.693   1.088   1.00 9.34  ? 59   MET B N   1 
ATOM   376 C  CA  . MET A 1 59 ? -10.696 2.804   1.401   1.00 9.29  ? 59   MET B CA  1 
ATOM   377 C  C   . MET A 1 59 ? -10.323 4.278   1.195   1.00 8.31  ? 59   MET B C   1 
ATOM   378 O  O   . MET A 1 59 ? -10.628 4.842   0.148   1.00 8.05  ? 59   MET B O   1 
ATOM   379 C  CB  . MET A 1 59 ? -9.832  1.931   0.473   1.00 9.94  ? 59   MET B CB  1 
ATOM   380 C  CG  . MET A 1 59 ? -10.195 0.444   0.332   1.00 11.80 ? 59   MET B CG  1 
ATOM   381 S  SD  . MET A 1 59 ? -9.381  -0.381  -1.068  1.00 13.92 ? 59   MET B SD  1 
ATOM   382 C  CE  . MET A 1 59 ? -10.646 -1.566  -1.514  1.00 14.05 ? 59   MET B CE  1 
ATOM   383 N  N   . PRO A 1 60 ? -9.698  4.920   2.196   1.00 7.49  ? 60   PRO B N   1 
ATOM   384 C  CA  . PRO A 1 60 ? -9.494  6.381   2.088   1.00 7.28  ? 60   PRO B CA  1 
ATOM   385 C  C   . PRO A 1 60 ? -8.544  6.845   0.974   1.00 6.43  ? 60   PRO B C   1 
ATOM   386 O  O   . PRO A 1 60 ? -7.527  6.206   0.698   1.00 6.04  ? 60   PRO B O   1 
ATOM   387 C  CB  . PRO A 1 60 ? -8.959  6.770   3.476   1.00 7.40  ? 60   PRO B CB  1 
ATOM   388 C  CG  . PRO A 1 60 ? -8.383  5.520   4.017   1.00 7.92  ? 60   PRO B CG  1 
ATOM   389 C  CD  . PRO A 1 60 ? -9.236  4.399   3.494   1.00 7.97  ? 60   PRO B CD  1 
ATOM   390 N  N   . ALA A 1 61 ? -8.892  7.974   0.366   1.00 6.44  ? 61   ALA B N   1 
ATOM   391 C  CA  . ALA A 1 61 ? -8.064  8.612   -0.654  1.00 5.76  ? 61   ALA B CA  1 
ATOM   392 C  C   . ALA A 1 61 ? -6.982  9.498   -0.035  1.00 5.94  ? 61   ALA B C   1 
ATOM   393 O  O   . ALA A 1 61 ? -7.277  10.315  0.833   1.00 6.46  ? 61   ALA B O   1 
ATOM   394 C  CB  . ALA A 1 61 ? -8.951  9.436   -1.570  1.00 6.40  ? 61   ALA B CB  1 
ATOM   395 N  N   . PHE A 1 62 ? -5.748  9.348   -0.510  1.00 5.40  ? 62   PHE B N   1 
ATOM   396 C  CA  . PHE A 1 62 ? -4.587  10.083  0.028   1.00 5.56  ? 62   PHE B CA  1 
ATOM   397 C  C   . PHE A 1 62 ? -4.135  11.275  -0.838  1.00 5.94  ? 62   PHE B C   1 
ATOM   398 O  O   . PHE A 1 62 ? -3.145  11.934  -0.509  1.00 6.37  ? 62   PHE B O   1 
ATOM   399 C  CB  . PHE A 1 62 ? -3.422  9.110   0.277   1.00 5.28  ? 62   PHE B CB  1 
ATOM   400 C  CG  . PHE A 1 62 ? -3.627  8.225   1.477   1.00 4.60  ? 62   PHE B CG  1 
ATOM   401 C  CD1 . PHE A 1 62 ? -4.360  7.052   1.374   1.00 4.52  ? 62   PHE B CD1 1 
ATOM   402 C  CD2 . PHE A 1 62 ? -3.118  8.584   2.727   1.00 4.98  ? 62   PHE B CD2 1 
ATOM   403 C  CE1 . PHE A 1 62 ? -4.571  6.249   2.494   1.00 5.43  ? 62   PHE B CE1 1 
ATOM   404 C  CE2 . PHE A 1 62 ? -3.336  7.791   3.848   1.00 4.99  ? 62   PHE B CE2 1 
ATOM   405 C  CZ  . PHE A 1 62 ? -4.063  6.619   3.730   1.00 5.16  ? 62   PHE B CZ  1 
ATOM   406 N  N   . LYS A 1 63 ? -4.894  11.588  -1.897  1.00 6.22  ? 63   LYS B N   1 
ATOM   407 C  CA  . LYS A 1 63 ? -4.538  12.684  -2.807  1.00 7.11  ? 63   LYS B CA  1 
ATOM   408 C  C   . LYS A 1 63 ? -4.364  14.040  -2.131  1.00 7.14  ? 63   LYS B C   1 
ATOM   409 O  O   . LYS A 1 63 ? -3.604  14.868  -2.628  1.00 7.97  ? 63   LYS B O   1 
ATOM   410 C  CB  . LYS A 1 63 ? -5.559  12.795  -3.942  1.00 7.14  ? 63   LYS B CB  1 
ATOM   411 C  CG  . LYS A 1 63 ? -6.995  13.009  -3.505  1.00 8.08  ? 63   LYS B CG  1 
ATOM   412 C  CD  . LYS A 1 63 ? -7.943  13.143  -4.690  1.00 9.10  ? 63   LYS B CD  1 
ATOM   413 C  CE  . LYS A 1 63 ? -8.309  11.838  -5.302  1.00 11.36 ? 63   LYS B CE  1 
ATOM   414 N  NZ  . LYS A 1 63 ? -9.373  11.978  -6.343  1.00 10.22 ? 63   LYS B NZ  1 
ATOM   415 N  N   . GLY A 1 64 ? -5.058  14.279  -1.022  1.00 6.84  ? 64   GLY B N   1 
ATOM   416 C  CA  . GLY A 1 64 ? -4.899  15.518  -0.277  1.00 7.45  ? 64   GLY B CA  1 
ATOM   417 C  C   . GLY A 1 64 ? -3.573  15.526  0.475   1.00 8.13  ? 64   GLY B C   1 
ATOM   418 O  O   . GLY A 1 64 ? -2.765  16.450  0.340   1.00 10.77 ? 64   GLY B O   1 
ATOM   419 N  N   . ARG A 1 65 ? -3.317  14.461  1.222   1.00 7.68  ? 65   ARG B N   1 
ATOM   420 C  CA  . ARG A 1 65 ? -2.276  14.454  2.270   1.00 7.44  ? 65   ARG B CA  1 
ATOM   421 C  C   . ARG A 1 65 ? -0.927  13.831  1.886   1.00 7.09  ? 65   ARG B C   1 
ATOM   422 O  O   . ARG A 1 65 ? 0.011   13.883  2.689   1.00 7.52  ? 65   ARG B O   1 
ATOM   423 C  CB  . ARG A 1 65 ? -2.807  13.792  3.554   1.00 6.93  ? 65   ARG B CB  1 
ATOM   424 C  CG  . ARG A 1 65 ? -3.246  12.334  3.405   1.00 6.12  ? 65   ARG B CG  1 
ATOM   425 C  CD  . ARG A 1 65 ? -3.642  11.713  4.745   1.00 7.13  ? 65   ARG B CD  1 
ATOM   426 N  NE  . ARG A 1 65 ? -4.623  12.554  5.427   1.00 6.66  ? 65   ARG B NE  1 
ATOM   427 C  CZ  . ARG A 1 65 ? -4.774  12.620  6.745   1.00 5.86  ? 65   ARG B CZ  1 
ATOM   428 N  NH1 . ARG A 1 65 ? -4.060  11.846  7.542   1.00 6.64  ? 65   ARG B NH1 1 
ATOM   429 N  NH2 . ARG A 1 65 ? -5.664  13.449  7.267   1.00 6.87  ? 65   ARG B NH2 1 
ATOM   430 N  N   . LEU A 1 66 ? -0.839  13.219  0.703   1.00 7.32  ? 66   LEU B N   1 
ATOM   431 C  CA  . LEU A 1 66 ? 0.427   12.703  0.166   1.00 7.59  ? 66   LEU B CA  1 
ATOM   432 C  C   . LEU A 1 66 ? 0.661   13.259  -1.237  1.00 8.01  ? 66   LEU B C   1 
ATOM   433 O  O   . LEU A 1 66 ? -0.263  13.356  -2.024  1.00 8.73  ? 66   LEU B O   1 
ATOM   434 C  CB  . LEU A 1 66 ? 0.414   11.167  0.097   1.00 7.73  ? 66   LEU B CB  1 
ATOM   435 C  CG  . LEU A 1 66 ? 0.418   10.405  1.427   1.00 6.90  ? 66   LEU B CG  1 
ATOM   436 C  CD1 . LEU A 1 66 ? 0.338   8.881   1.212   1.00 7.61  ? 66   LEU B CD1 1 
ATOM   437 C  CD2 . LEU A 1 66 ? 1.642   10.771  2.276   1.00 8.71  ? 66   LEU B CD2 1 
ATOM   438 N  N   . THR A 1 67 ? 1.904   13.596  -1.549  1.00 8.25  ? 67   THR B N   1 
ATOM   439 C  CA  . THR A 1 67 ? 2.251   14.016  -2.901  1.00 8.93  ? 67   THR B CA  1 
ATOM   440 C  C   . THR A 1 67 ? 2.301   12.814  -3.851  1.00 9.09  ? 67   THR B C   1 
ATOM   441 O  O   . THR A 1 67 ? 2.398   11.659  -3.416  1.00 8.52  ? 67   THR B O   1 
ATOM   442 C  CB  . THR A 1 67 ? 3.616   14.708  -2.945  1.00 9.37  ? 67   THR B CB  1 
ATOM   443 O  OG1 . THR A 1 67 ? 4.628   13.740  -2.641  1.00 10.67 ? 67   THR B OG1 1 
ATOM   444 C  CG2 . THR A 1 67 ? 3.680   15.871  -1.943  1.00 10.58 ? 67   THR B CG2 1 
ATOM   445 N  N   . ASP A 1 68 ? 2.242   13.080  -5.151  1.00 9.64  ? 68   ASP B N   1 
ATOM   446 C  CA  . ASP A 1 68 ? 2.389   12.009  -6.129  1.00 10.05 ? 68   ASP B CA  1 
ATOM   447 C  C   . ASP A 1 68 ? 3.689   11.203  -5.922  1.00 9.98  ? 68   ASP B C   1 
ATOM   448 O  O   . ASP A 1 68 ? 3.693   9.973   -6.037  1.00 10.05 ? 68   ASP B O   1 
ATOM   449 C  CB  . ASP A 1 68 ? 2.288   12.569  -7.559  1.00 10.78 ? 68   ASP B CB  1 
ATOM   450 C  CG  . ASP A 1 68 ? 0.872   13.040  -7.909  1.00 13.69 ? 68   ASP B CG  1 
ATOM   451 O  OD1 . ASP A 1 68 ? 0.741   13.899  -8.808  1.00 18.88 ? 68   ASP B OD1 1 
ATOM   452 O  OD2 . ASP A 1 68 ? -0.114  12.546  -7.304  1.00 15.13 ? 68   ASP B OD2 1 
ATOM   453 N  N   . ASP A 1 69 ? 4.781   11.885  -5.589  1.00 10.27 ? 69   ASP B N   1 
ATOM   454 C  CA  . ASP A 1 69 ? 6.063   11.206  -5.346  1.00 10.25 ? 69   ASP B CA  1 
ATOM   455 C  C   . ASP A 1 69 ? 6.005   10.305  -4.101  1.00 9.31  ? 69   ASP B C   1 
ATOM   456 O  O   . ASP A 1 69 ? 6.547   9.203   -4.106  1.00 9.37  ? 69   ASP B O   1 
ATOM   457 C  CB  . ASP A 1 69 ? 7.225   12.203  -5.215  1.00 11.67 ? 69   ASP B CB  1 
ATOM   458 C  CG  . ASP A 1 69 ? 7.689   12.771  -6.562  1.00 14.71 ? 69   ASP B CG  1 
ATOM   459 O  OD1 . ASP A 1 69 ? 7.297   12.257  -7.636  1.00 17.82 ? 69   ASP B OD1 1 
ATOM   460 O  OD2 . ASP A 1 69 ? 8.469   13.746  -6.528  1.00 20.04 ? 69   ASP B OD2 1 
ATOM   461 N  N   . GLN A 1 70 ? 5.345   10.771  -3.042  1.00 8.55  ? 70   GLN B N   1 
ATOM   462 C  CA  . GLN A 1 70 ? 5.200   9.953   -1.837  1.00 8.01  ? 70   GLN B CA  1 
ATOM   463 C  C   . GLN A 1 70 ? 4.337   8.719   -2.100  1.00 7.24  ? 70   GLN B C   1 
ATOM   464 O  O   . GLN A 1 70 ? 4.619   7.637   -1.587  1.00 6.71  ? 70   GLN B O   1 
ATOM   465 C  CB  . GLN A 1 70 ? 4.596   10.755  -0.693  1.00 7.69  ? 70   GLN B CB  1 
ATOM   466 C  CG  . GLN A 1 70 ? 5.540   11.778  -0.094  1.00 7.89  ? 70   GLN B CG  1 
ATOM   467 C  CD  . GLN A 1 70 ? 4.863   12.591  0.965   1.00 9.53  ? 70   GLN B CD  1 
ATOM   468 O  OE1 . GLN A 1 70 ? 3.810   13.175  0.729   1.00 9.54  ? 70   GLN B OE1 1 
ATOM   469 N  NE2 . GLN A 1 70 ? 5.453   12.624  2.156   1.00 12.84 ? 70   GLN B NE2 1 
ATOM   470 N  N   . ILE A 1 71 ? 3.299   8.884   -2.913  1.00 7.31  ? 71   ILE B N   1 
ATOM   471 C  CA  . ILE A 1 71 ? 2.415   7.770   -3.246  1.00 7.58  ? 71   ILE B CA  1 
ATOM   472 C  C   . ILE A 1 71 ? 3.164   6.741   -4.107  1.00 7.37  ? 71   ILE B C   1 
ATOM   473 O  O   . ILE A 1 71 ? 3.060   5.539   -3.883  1.00 7.59  ? 71   ILE B O   1 
ATOM   474 C  CB  . ILE A 1 71 ? 1.124   8.287   -3.925  1.00 7.15  ? 71   ILE B CB  1 
ATOM   475 C  CG1 . ILE A 1 71 ? 0.288   9.103   -2.930  1.00 7.37  ? 71   ILE B CG1 1 
ATOM   476 C  CG2 . ILE A 1 71 ? 0.288   7.132   -4.484  1.00 7.05  ? 71   ILE B CG2 1 
ATOM   477 C  CD1 . ILE A 1 71 ? -0.843  9.897   -3.574  1.00 8.75  ? 71   ILE B CD1 1 
ATOM   478 N  N   . ALA A 1 72 ? 3.939   7.206   -5.081  1.00 7.41  ? 72   ALA B N   1 
ATOM   479 C  CA  . ALA A 1 72 ? 4.774   6.294   -5.879  1.00 7.68  ? 72   ALA B CA  1 
ATOM   480 C  C   . ALA A 1 72 ? 5.770   5.512   -4.993  1.00 7.74  ? 72   ALA B C   1 
ATOM   481 O  O   . ALA A 1 72 ? 6.007   4.321   -5.203  1.00 8.48  ? 72   ALA B O   1 
ATOM   482 C  CB  . ALA A 1 72 ? 5.517   7.076   -6.976  1.00 8.75  ? 72   ALA B CB  1 
ATOM   483 N  N   . ALA A 1 73 ? 6.333   6.190   -4.001  1.00 7.25  ? 73   ALA B N   1 
ATOM   484 C  CA  . ALA A 1 73 ? 7.268   5.580   -3.060  1.00 6.99  ? 73   ALA B CA  1 
ATOM   485 C  C   . ALA A 1 73 ? 6.611   4.496   -2.200  1.00 6.69  ? 73   ALA B C   1 
ATOM   486 O  O   . ALA A 1 73 ? 7.147   3.394   -2.046  1.00 7.07  ? 73   ALA B O   1 
ATOM   487 C  CB  . ALA A 1 73 ? 7.870   6.673   -2.175  1.00 6.65  ? 73   ALA B CB  1 
ATOM   488 N  N   . VAL A 1 74 ? 5.445   4.789   -1.626  1.00 6.16  ? 74   VAL B N   1 
ATOM   489 C  CA  . VAL A 1 74 ? 4.794   3.790   -0.785  1.00 6.34  ? 74   VAL B CA  1 
ATOM   490 C  C   . VAL A 1 74 ? 4.284   2.615   -1.633  1.00 6.08  ? 74   VAL B C   1 
ATOM   491 O  O   . VAL A 1 74 ? 4.255   1.474   -1.158  1.00 6.16  ? 74   VAL B O   1 
ATOM   492 C  CB  . VAL A 1 74 ? 3.673   4.397   0.097   1.00 6.29  ? 74   VAL B CB  1 
ATOM   493 C  CG1 . VAL A 1 74 ? 2.366   4.722   -0.698  1.00 6.21  ? 74   VAL B CG1 1 
ATOM   494 C  CG2 . VAL A 1 74 ? 3.391   3.475   1.267   1.00 6.05  ? 74   VAL B CG2 1 
ATOM   495 N  N   . ALA A 1 75 ? 3.908   2.880   -2.885  1.00 6.32  ? 75   ALA B N   1 
ATOM   496 C  CA  . ALA A 1 75 ? 3.509   1.807   -3.797  1.00 6.83  ? 75   ALA B CA  1 
ATOM   497 C  C   . ALA A 1 75 ? 4.663   0.824   -4.001  1.00 7.01  ? 75   ALA B C   1 
ATOM   498 O  O   . ALA A 1 75 ? 4.472   -0.403  -3.907  1.00 7.19  ? 75   ALA B O   1 
ATOM   499 C  CB  . ALA A 1 75 ? 3.019   2.369   -5.124  1.00 7.40  ? 75   ALA B CB  1 
ATOM   500 N  N   . ALA A 1 76 ? 5.862   1.359   -4.253  1.00 7.72  ? 76   ALA B N   1 
ATOM   501 C  CA  . ALA A 1 76 ? 7.082   0.548   -4.361  1.00 7.68  ? 76   ALA B CA  1 
ATOM   502 C  C   . ALA A 1 76 ? 7.305   -0.278  -3.090  1.00 7.94  ? 76   ALA B C   1 
ATOM   503 O  O   . ALA A 1 76 ? 7.517   -1.494  -3.163  1.00 7.87  ? 76   ALA B O   1 
ATOM   504 C  CB  . ALA A 1 76 ? 8.298   1.442   -4.649  1.00 8.18  ? 76   ALA B CB  1 
ATOM   505 N  N   . TYR A 1 77 ? 7.222   0.372   -1.929  1.00 7.71  ? 77   TYR B N   1 
ATOM   506 C  CA  . TYR A 1 77 ? 7.423   -0.299  -0.652  1.00 7.72  ? 77   TYR B CA  1 
ATOM   507 C  C   . TYR A 1 77 ? 6.453   -1.459  -0.448  1.00 7.32  ? 77   TYR B C   1 
ATOM   508 O  O   . TYR A 1 77 ? 6.872   -2.557  -0.080  1.00 7.10  ? 77   TYR B O   1 
ATOM   509 C  CB  . TYR A 1 77 ? 7.317   0.713   0.488   1.00 8.60  ? 77   TYR B CB  1 
ATOM   510 C  CG  . TYR A 1 77 ? 7.552   0.115   1.850   1.00 8.65  ? 77   TYR B CG  1 
ATOM   511 C  CD1 . TYR A 1 77 ? 8.838   -0.196  2.282   1.00 10.25 ? 77   TYR B CD1 1 
ATOM   512 C  CD2 . TYR A 1 77 ? 6.488   -0.145  2.718   1.00 9.38  ? 77   TYR B CD2 1 
ATOM   513 C  CE1 . TYR A 1 77 ? 9.061   -0.745  3.531   1.00 10.31 ? 77   TYR B CE1 1 
ATOM   514 C  CE2 . TYR A 1 77 ? 6.708   -0.687  3.979   1.00 10.60 ? 77   TYR B CE2 1 
ATOM   515 C  CZ  . TYR A 1 77 ? 7.991   -0.978  4.377   1.00 10.56 ? 77   TYR B CZ  1 
ATOM   516 O  OH  . TYR A 1 77 ? 8.201   -1.526  5.618   1.00 12.22 ? 77   TYR B OH  1 
ATOM   517 N  N   . VAL A 1 78 ? 5.167   -1.232  -0.708  1.00 7.27  ? 78   VAL B N   1 
ATOM   518 C  CA  . VAL A 1 78 ? 4.161   -2.283  -0.552  1.00 7.58  ? 78   VAL B CA  1 
ATOM   519 C  C   . VAL A 1 78 ? 4.473   -3.469  -1.458  1.00 7.29  ? 78   VAL B C   1 
ATOM   520 O  O   . VAL A 1 78 ? 4.421   -4.618  -1.020  1.00 7.27  ? 78   VAL B O   1 
ATOM   521 C  CB  . VAL A 1 78 ? 2.741   -1.760  -0.842  1.00 7.90  ? 78   VAL B CB  1 
ATOM   522 C  CG1 . VAL A 1 78 ? 1.757   -2.901  -0.916  1.00 8.50  ? 78   VAL B CG1 1 
ATOM   523 C  CG2 . VAL A 1 78 ? 2.339   -0.762  0.230   1.00 9.42  ? 78   VAL B CG2 1 
ATOM   524 N  N   . LEU A 1 79 ? 4.834   -3.205  -2.709  1.00 6.97  ? 79   LEU B N   1 
ATOM   525 C  CA  . LEU A 1 79 ? 5.116   -4.297  -3.642  1.00 7.21  ? 79   LEU B CA  1 
ATOM   526 C  C   . LEU A 1 79 ? 6.343   -5.093  -3.226  1.00 7.25  ? 79   LEU B C   1 
ATOM   527 O  O   . LEU A 1 79 ? 6.351   -6.319  -3.299  1.00 7.83  ? 79   LEU B O   1 
ATOM   528 C  CB  . LEU A 1 79 ? 5.310   -3.781  -5.066  1.00 7.87  ? 79   LEU B CB  1 
ATOM   529 C  CG  . LEU A 1 79 ? 4.064   -3.215  -5.743  1.00 9.02  ? 79   LEU B CG  1 
ATOM   530 C  CD1 . LEU A 1 79 ? 4.423   -2.575  -7.080  1.00 11.84 ? 79   LEU B CD1 1 
ATOM   531 C  CD2 . LEU A 1 79 ? 2.981   -4.288  -5.907  1.00 10.66 ? 79   LEU B CD2 1 
ATOM   532 N  N   . ASP A 1 80 ? 7.386   -4.384  -2.811  1.00 7.08  ? 80   ASP B N   1 
ATOM   533 C  CA  . ASP A 1 80 ? 8.620   -5.041  -2.397  1.00 7.58  ? 80   ASP B CA  1 
ATOM   534 C  C   . ASP A 1 80 ? 8.387   -5.873  -1.137  1.00 7.98  ? 80   ASP B C   1 
ATOM   535 O  O   . ASP A 1 80 ? 8.839   -7.019  -1.046  1.00 8.12  ? 80   ASP B O   1 
ATOM   536 C  CB  . ASP A 1 80 ? 9.721   -4.008  -2.171  1.00 7.43  ? 80   ASP B CB  1 
ATOM   537 C  CG  . ASP A 1 80 ? 11.102  -4.611  -2.245  1.00 7.87  ? 80   ASP B CG  1 
ATOM   538 O  OD1 . ASP A 1 80 ? 11.456  -5.122  -3.330  1.00 7.67  ? 80   ASP B OD1 1 
ATOM   539 O  OD2 . ASP A 1 80 ? 11.839  -4.566  -1.235  1.00 8.90  ? 80   ASP B OD2 1 
ATOM   540 N  N   . GLN A 1 81 ? 7.665   -5.321  -0.170  1.00 8.49  ? 81   GLN B N   1 
ATOM   541 C  CA  . GLN A 1 81 ? 7.348   -6.082  1.042   1.00 9.51  ? 81   GLN B CA  1 
ATOM   542 C  C   . GLN A 1 81 ? 6.473   -7.296  0.766   1.00 9.83  ? 81   GLN B C   1 
ATOM   543 O  O   . GLN A 1 81 ? 6.704   -8.364  1.346   1.00 10.07 ? 81   GLN B O   1 
ATOM   544 C  CB  . GLN A 1 81 ? 6.690   -5.199  2.104   1.00 10.52 ? 81   GLN B CB  1 
ATOM   545 C  CG  . GLN A 1 81 ? 7.621   -4.172  2.713   1.00 12.25 ? 81   GLN B CG  1 
ATOM   546 C  CD  . GLN A 1 81 ? 8.707   -4.808  3.556   1.00 15.50 ? 81   GLN B CD  1 
ATOM   547 O  OE1 . GLN A 1 81 ? 9.894   -4.587  3.336   1.00 17.04 ? 81   GLN B OE1 1 
ATOM   548 N  NE2 . GLN A 1 81 ? 8.301   -5.626  4.503   1.00 18.12 ? 81   GLN B NE2 1 
ATOM   549 N  N   . ALA A 1 82 ? 5.485   -7.149  -0.116  1.00 10.12 ? 82   ALA B N   1 
ATOM   550 C  CA  . ALA A 1 82 ? 4.588   -8.255  -0.450  1.00 10.89 ? 82   ALA B CA  1 
ATOM   551 C  C   . ALA A 1 82 ? 5.388   -9.370  -1.122  1.00 11.36 ? 82   ALA B C   1 
ATOM   552 O  O   . ALA A 1 82 ? 5.145   -10.555 -0.883  1.00 11.57 ? 82   ALA B O   1 
ATOM   553 C  CB  . ALA A 1 82 ? 3.455   -7.789  -1.356  1.00 11.59 ? 82   ALA B CB  1 
ATOM   554 N  N   . GLU A 1 83 ? 6.362   -8.989  -1.944  1.00 11.80 ? 83   GLU B N   1 
ATOM   555 C  CA  . GLU A 1 83 ? 7.215   -9.975  -2.604  1.00 12.81 ? 83   GLU B CA  1 
ATOM   556 C  C   . GLU A 1 83 ? 8.086   -10.717 -1.583  1.00 13.83 ? 83   GLU B C   1 
ATOM   557 O  O   . GLU A 1 83 ? 8.242   -11.940 -1.685  1.00 14.37 ? 83   GLU B O   1 
ATOM   558 C  CB  . GLU A 1 83 ? 8.054   -9.298  -3.697  1.00 12.54 ? 83   GLU B CB  1 
ATOM   559 C  CG  . GLU A 1 83 ? 9.019   -10.209 -4.445  1.00 11.86 ? 83   GLU B CG  1 
ATOM   560 C  CD  . GLU A 1 83 ? 8.341   -11.318 -5.238  1.00 10.86 ? 83   GLU B CD  1 
ATOM   561 O  OE1 . GLU A 1 83 ? 9.069   -12.224 -5.690  1.00 11.85 ? 83   GLU B OE1 1 
ATOM   562 O  OE2 . GLU A 1 83 ? 7.108   -11.293 -5.431  1.00 11.07 ? 83   GLU B OE2 1 
ATOM   563 N  N   . LYS A 1 84 ? 8.621   -9.991  -0.596  1.00 14.94 ? 84   LYS B N   1 
ATOM   564 C  CA  . LYS A 1 84 ? 9.439   -10.577 0.481   1.00 16.63 ? 84   LYS B CA  1 
ATOM   565 C  C   . LYS A 1 84 ? 8.612   -11.395 1.475   1.00 17.35 ? 84   LYS B C   1 
ATOM   566 O  O   . LYS A 1 84 ? 9.137   -12.333 2.091   1.00 18.57 ? 84   LYS B O   1 
ATOM   567 C  CB  . LYS A 1 84 ? 10.228  -9.491  1.230   1.00 16.90 ? 84   LYS B CB  1 
ATOM   568 C  CG  . LYS A 1 84 ? 11.303  -8.816  0.391   1.00 17.89 ? 84   LYS B CG  1 
ATOM   569 C  CD  . LYS A 1 84 ? 12.294  -8.009  1.228   1.00 18.42 ? 84   LYS B CD  1 
ATOM   570 C  CE  . LYS A 1 84 ? 11.722  -6.711  1.725   1.00 19.57 ? 84   LYS B CE  1 
ATOM   571 N  NZ  . LYS A 1 84 ? 12.609  -6.079  2.752   1.00 19.61 ? 84   LYS B NZ  1 
ATOM   572 N  N   . GLY A 1 85 ? 7.340   -11.036 1.644   1.00 18.22 ? 85   GLY B N   1 
ATOM   573 C  CA  . GLY A 1 85 ? 6.413   -11.776 2.504   1.00 18.56 ? 85   GLY B CA  1 
ATOM   574 C  C   . GLY A 1 85 ? 6.079   -11.131 3.837   1.00 19.21 ? 85   GLY B C   1 
ATOM   575 O  O   . GLY A 1 85 ? 5.599   -11.817 4.752   1.00 20.11 ? 85   GLY B O   1 
ATOM   576 N  N   . TRP A 1 86 ? 6.320   -9.825  3.952   1.00 19.45 ? 86   TRP B N   1 
ATOM   577 C  CA  . TRP A 1 86 ? 6.013   -9.055  5.166   1.00 19.15 ? 86   TRP B CA  1 
ATOM   578 C  C   . TRP A 1 86 ? 6.567   -9.748  6.413   1.00 19.86 ? 86   TRP B C   1 
ATOM   579 O  O   . TRP A 1 86 ? 5.850   -9.951  7.392   1.00 20.96 ? 86   TRP B O   1 
ATOM   580 C  CB  . TRP A 1 86 ? 4.506   -8.810  5.309   1.00 17.89 ? 86   TRP B CB  1 
ATOM   581 C  CG  . TRP A 1 86 ? 3.902   -7.927  4.229   1.00 16.92 ? 86   TRP B CG  1 
ATOM   582 C  CD1 . TRP A 1 86 ? 3.232   -8.336  3.108   1.00 16.62 ? 86   TRP B CD1 1 
ATOM   583 C  CD2 . TRP A 1 86 ? 3.914   -6.488  4.182   1.00 17.49 ? 86   TRP B CD2 1 
ATOM   584 N  NE1 . TRP A 1 86 ? 2.830   -7.243  2.367   1.00 15.98 ? 86   TRP B NE1 1 
ATOM   585 C  CE2 . TRP A 1 86 ? 3.235   -6.102  3.004   1.00 17.02 ? 86   TRP B CE2 1 
ATOM   586 C  CE3 . TRP A 1 86 ? 4.434   -5.492  5.020   1.00 17.09 ? 86   TRP B CE3 1 
ATOM   587 C  CZ2 . TRP A 1 86 ? 3.066   -4.761  2.640   1.00 16.88 ? 86   TRP B CZ2 1 
ATOM   588 C  CZ3 . TRP A 1 86 ? 4.264   -4.156  4.655   1.00 17.70 ? 86   TRP B CZ3 1 
ATOM   589 C  CH2 . TRP A 1 86 ? 3.585   -3.808  3.478   1.00 17.40 ? 86   TRP B CH2 1 
HETATM 590 FE FE  . HEC B 2 .  ? -5.364  0.294   2.688   1.00 5.53  ? 1087 HEC B FE  1 
HETATM 591 C  CHA . HEC B 2 .  ? -6.998  -2.243  1.001   1.00 7.73  ? 1087 HEC B CHA 1 
HETATM 592 C  CHB . HEC B 2 .  ? -2.740  0.009   0.565   1.00 5.99  ? 1087 HEC B CHB 1 
HETATM 593 C  CHC . HEC B 2 .  ? -3.907  3.010   4.176   1.00 5.78  ? 1087 HEC B CHC 1 
HETATM 594 C  CHD . HEC B 2 .  ? -7.842  0.353   5.049   1.00 7.28  ? 1087 HEC B CHD 1 
HETATM 595 N  NA  . HEC B 2 .  ? -4.953  -0.908  1.118   1.00 6.45  ? 1087 HEC B NA  1 
HETATM 596 C  C1A . HEC B 2 .  ? -5.773  -1.848  0.523   1.00 7.25  ? 1087 HEC B C1A 1 
HETATM 597 C  C2A . HEC B 2 .  ? -5.128  -2.330  -0.679  1.00 6.87  ? 1087 HEC B C2A 1 
HETATM 598 C  C3A . HEC B 2 .  ? -3.962  -1.685  -0.805  1.00 6.08  ? 1087 HEC B C3A 1 
HETATM 599 C  C4A . HEC B 2 .  ? -3.820  -0.800  0.331   1.00 5.73  ? 1087 HEC B C4A 1 
HETATM 600 C  CMA . HEC B 2 .  ? -2.920  -1.853  -1.911  1.00 6.99  ? 1087 HEC B CMA 1 
HETATM 601 C  CAA . HEC B 2 .  ? -5.748  -3.364  -1.627  1.00 7.47  ? 1087 HEC B CAA 1 
HETATM 602 C  CBA . HEC B 2 .  ? -6.760  -2.667  -2.529  1.00 7.27  ? 1087 HEC B CBA 1 
HETATM 603 C  CGA . HEC B 2 .  ? -7.623  -3.625  -3.325  1.00 8.43  ? 1087 HEC B CGA 1 
HETATM 604 O  O1A . HEC B 2 .  ? -8.161  -3.207  -4.373  1.00 9.23  ? 1087 HEC B O1A 1 
HETATM 605 O  O2A . HEC B 2 .  ? -7.807  -4.791  -2.929  1.00 10.39 ? 1087 HEC B O2A 1 
HETATM 606 N  NB  . HEC B 2 .  ? -3.646  1.305   2.425   1.00 5.47  ? 1087 HEC B NB  1 
HETATM 607 C  C1B . HEC B 2 .  ? -2.680  1.028   1.482   1.00 4.70  ? 1087 HEC B C1B 1 
HETATM 608 C  C2B . HEC B 2 .  ? -1.617  1.996   1.626   1.00 4.93  ? 1087 HEC B C2B 1 
HETATM 609 C  C3B . HEC B 2 .  ? -1.946  2.838   2.608   1.00 4.75  ? 1087 HEC B C3B 1 
HETATM 610 C  C4B . HEC B 2 .  ? -3.217  2.416   3.139   1.00 5.04  ? 1087 HEC B C4B 1 
HETATM 611 C  CMB . HEC B 2 .  ? -0.360  1.993   0.750   1.00 5.70  ? 1087 HEC B CMB 1 
HETATM 612 C  CAB . HEC B 2 .  ? -1.171  4.068   3.120   1.00 5.18  ? 1087 HEC B CAB 1 
HETATM 613 C  CBB . HEC B 2 .  ? -0.920  5.038   2.184   1.00 5.01  ? 1087 HEC B CBB 1 
HETATM 614 N  NC  . HEC B 2 .  ? -5.802  1.455   4.304   1.00 6.35  ? 1087 HEC B NC  1 
HETATM 615 C  C1C . HEC B 2 .  ? -5.054  2.527   4.765   1.00 6.45  ? 1087 HEC B C1C 1 
HETATM 616 C  C2C . HEC B 2 .  ? -5.683  3.038   5.965   1.00 5.55  ? 1087 HEC B C2C 1 
HETATM 617 C  C3C . HEC B 2 .  ? -6.775  2.301   6.206   1.00 7.44  ? 1087 HEC B C3C 1 
HETATM 618 C  C4C . HEC B 2 .  ? -6.861  1.298   5.171   1.00 6.92  ? 1087 HEC B C4C 1 
HETATM 619 C  CMC . HEC B 2 .  ? -5.136  4.225   6.780   1.00 7.32  ? 1087 HEC B CMC 1 
HETATM 620 C  CAC . HEC B 2 .  ? -7.794  2.391   7.369   1.00 7.78  ? 1087 HEC B CAC 1 
HETATM 621 C  CBC . HEC B 2 .  ? -8.352  3.578   7.687   1.00 9.62  ? 1087 HEC B CBC 1 
HETATM 622 N  ND  . HEC B 2 .  ? -7.122  -0.737  2.968   1.00 7.80  ? 1087 HEC B ND  1 
HETATM 623 C  C1D . HEC B 2 .  ? -7.985  -0.550  4.040   1.00 7.11  ? 1087 HEC B C1D 1 
HETATM 624 C  C2D . HEC B 2 .  ? -9.071  -1.493  3.957   1.00 9.48  ? 1087 HEC B C2D 1 
HETATM 625 C  C3D . HEC B 2 .  ? -8.815  -2.296  2.705   1.00 10.13 ? 1087 HEC B C3D 1 
HETATM 626 C  C4D . HEC B 2 .  ? -7.587  -1.776  2.154   1.00 7.74  ? 1087 HEC B C4D 1 
HETATM 627 C  CMD . HEC B 2 .  ? -10.252 -1.667  4.924   1.00 10.11 ? 1087 HEC B CMD 1 
HETATM 628 C  CAD . HEC B 2 .  ? -9.696  -3.454  2.189   1.00 10.58 ? 1087 HEC B CAD 1 
HETATM 629 C  CBD . HEC B 2 .  ? -9.350  -4.743  2.930   1.00 14.89 ? 1087 HEC B CBD 1 
HETATM 630 C  CGD . HEC B 2 .  ? -7.885  -5.007  2.754   1.00 16.64 ? 1087 HEC B CGD 1 
HETATM 631 O  O1D . HEC B 2 .  ? -7.454  -5.543  1.697   1.00 17.72 ? 1087 HEC B O1D 1 
HETATM 632 O  O2D . HEC B 2 .  ? -7.124  -4.643  3.688   1.00 21.88 ? 1087 HEC B O2D 1 
HETATM 633 N  N1  . IMD C 3 .  ? -6.225  1.655   1.373   1.00 5.49  ? 1088 IMD B N1  1 
HETATM 634 C  C2  . IMD C 3 .  ? -6.505  2.923   1.719   1.00 6.14  ? 1088 IMD B C2  1 
HETATM 635 N  N3  . IMD C 3 .  ? -6.752  3.621   0.597   1.00 6.32  ? 1088 IMD B N3  1 
HETATM 636 C  C4  . IMD C 3 .  ? -6.623  2.809   -0.464  1.00 7.11  ? 1088 IMD B C4  1 
HETATM 637 C  C5  . IMD C 3 .  ? -6.305  1.551   0.027   1.00 5.77  ? 1088 IMD B C5  1 
HETATM 638 O  O   . HOH D 4 .  ? 0.017   9.737   -10.571 1.00 40.04 ? 87   HOH B O   1 
HETATM 639 O  O   . HOH D 4 .  ? 2.348   8.308   -10.428 1.00 85.51 ? 88   HOH B O   1 
HETATM 640 O  O   . HOH D 4 .  ? 4.629   -2.689  -11.868 1.00 5.67  ? 89   HOH B O   1 
HETATM 641 O  O   . HOH D 4 .  ? -10.721 -3.334  -7.821  1.00 6.73  ? 90   HOH B O   1 
HETATM 642 O  O   . HOH D 4 .  ? -6.242  12.958  1.246   1.00 6.72  ? 91   HOH B O   1 
HETATM 643 O  O   . HOH D 4 .  ? 2.585   14.737  2.574   1.00 11.19 ? 92   HOH B O   1 
HETATM 644 O  O   . HOH D 4 .  ? 2.276   4.905   -11.497 1.00 38.73 ? 93   HOH B O   1 
HETATM 645 O  O   . HOH D 4 .  ? -8.984  3.583   -7.263  1.00 12.29 ? 94   HOH B O   1 
HETATM 646 O  O   . HOH D 4 .  ? 0.962   9.808   11.131  1.00 10.29 ? 95   HOH B O   1 
HETATM 647 O  O   . HOH D 4 .  ? 2.788   -0.552  -13.052 1.00 11.62 ? 96   HOH B O   1 
HETATM 648 O  O   . HOH D 4 .  ? -3.612  7.338   7.324   1.00 10.17 ? 97   HOH B O   1 
HETATM 649 O  O   . HOH D 4 .  ? -1.611  -8.007  -10.418 1.00 16.19 ? 98   HOH B O   1 
HETATM 650 O  O   . HOH D 4 .  ? 2.994   -11.511 0.474   1.00 16.58 ? 99   HOH B O   1 
HETATM 651 O  O   . HOH D 4 .  ? 0.250   12.404  5.075   1.00 15.03 ? 100  HOH B O   1 
HETATM 652 O  O   . HOH D 4 .  ? -11.140 10.379  -4.726  1.00 16.59 ? 101  HOH B O   1 
HETATM 653 O  O   . HOH D 4 .  ? 8.901   8.599   -5.379  1.00 17.43 ? 102  HOH B O   1 
HETATM 654 O  O   . HOH D 4 .  ? -5.984  0.610   -9.065  1.00 14.06 ? 103  HOH B O   1 
HETATM 655 O  O   . HOH D 4 .  ? 2.019   8.740   -7.765  1.00 17.17 ? 104  HOH B O   1 
HETATM 656 O  O   . HOH D 4 .  ? -1.529  14.764  -3.617  1.00 10.54 ? 105  HOH B O   1 
HETATM 657 O  O   . HOH D 4 .  ? -7.539  -12.996 -10.602 1.00 14.90 ? 106  HOH B O   1 
HETATM 658 O  O   . HOH D 4 .  ? -0.529  9.853   -7.473  1.00 14.39 ? 107  HOH B O   1 
HETATM 659 O  O   . HOH D 4 .  ? -7.489  -3.433  7.492   1.00 30.96 ? 108  HOH B O   1 
HETATM 660 O  O   . HOH D 4 .  ? 7.789   3.836   -7.320  1.00 25.37 ? 109  HOH B O   1 
HETATM 661 O  O   . HOH D 4 .  ? 7.938   11.235  3.415   1.00 20.42 ? 110  HOH B O   1 
HETATM 662 O  O   . HOH D 4 .  ? 9.623   5.701   -5.931  1.00 17.11 ? 111  HOH B O   1 
HETATM 663 O  O   . HOH D 4 .  ? -2.028  -4.208  -12.277 1.00 17.46 ? 112  HOH B O   1 
HETATM 664 O  O   . HOH D 4 .  ? 3.267   6.069   -9.176  1.00 22.42 ? 113  HOH B O   1 
HETATM 665 O  O   . HOH D 4 .  ? -12.907 7.391   -3.661  1.00 20.01 ? 114  HOH B O   1 
HETATM 666 O  O   . HOH D 4 .  ? 7.219   14.737  -1.993  1.00 19.71 ? 115  HOH B O   1 
HETATM 667 O  O   . HOH D 4 .  ? -0.603  -6.591  -12.493 1.00 35.97 ? 116  HOH B O   1 
HETATM 668 O  O   . HOH D 4 .  ? 5.049   14.796  -6.103  1.00 18.62 ? 117  HOH B O   1 
HETATM 669 O  O   . HOH D 4 .  ? 13.556  5.194   5.521   1.00 14.24 ? 118  HOH B O   1 
HETATM 670 O  O   . HOH D 4 .  ? -1.053  16.647  -2.013  1.00 19.03 ? 119  HOH B O   1 
HETATM 671 O  O   . HOH D 4 .  ? 10.625  10.043  -3.566  1.00 23.80 ? 120  HOH B O   1 
HETATM 672 O  O   . HOH D 4 .  ? -11.390 -6.800  0.971   1.00 19.33 ? 121  HOH B O   1 
HETATM 673 O  O   . HOH D 4 .  ? -9.261  5.545   -9.364  1.00 21.07 ? 122  HOH B O   1 
HETATM 674 O  O   . HOH D 4 .  ? 4.926   -7.563  -5.426  1.00 19.41 ? 123  HOH B O   1 
HETATM 675 O  O   . HOH D 4 .  ? -2.300  13.700  -5.741  1.00 23.61 ? 124  HOH B O   1 
HETATM 676 O  O   . HOH D 4 .  ? -6.668  12.302  -8.544  1.00 21.10 ? 125  HOH B O   1 
HETATM 677 O  O   . HOH D 4 .  ? -3.576  -11.041 -11.295 1.00 20.40 ? 126  HOH B O   1 
HETATM 678 O  O   . HOH D 4 .  ? -6.536  -7.333  -4.904  1.00 24.16 ? 127  HOH B O   1 
HETATM 679 O  O   . HOH D 4 .  ? -7.364  -2.108  10.721  1.00 40.35 ? 128  HOH B O   1 
HETATM 680 O  O   . HOH D 4 .  ? 2.610   -14.284 0.408   1.00 32.10 ? 129  HOH B O   1 
HETATM 681 O  O   . HOH D 4 .  ? -13.505 9.117   -5.939  1.00 25.18 ? 130  HOH B O   1 
HETATM 682 O  O   . HOH D 4 .  ? 8.907   12.011  -1.885  1.00 24.46 ? 131  HOH B O   1 
HETATM 683 O  O   . HOH D 4 .  ? -6.138  -6.799  -2.416  1.00 30.80 ? 132  HOH B O   1 
HETATM 684 O  O   . HOH D 4 .  ? 15.425  7.086   -4.816  1.00 23.62 ? 133  HOH B O   1 
HETATM 685 O  O   . HOH D 4 .  ? 3.053   -11.872 3.207   1.00 24.79 ? 134  HOH B O   1 
HETATM 686 O  O   . HOH D 4 .  ? -0.923  16.156  -9.379  1.00 27.76 ? 135  HOH B O   1 
HETATM 687 O  O   . HOH D 4 .  ? 13.146  9.380   3.063   1.00 30.25 ? 136  HOH B O   1 
HETATM 688 O  O   . HOH D 4 .  ? -12.405 6.265   -8.722  1.00 34.68 ? 137  HOH B O   1 
HETATM 689 O  O   . HOH D 4 .  ? 8.905   9.620   -7.987  1.00 35.96 ? 138  HOH B O   1 
HETATM 690 O  O   . HOH D 4 .  ? 2.387   15.859  -6.185  1.00 28.38 ? 139  HOH B O   1 
HETATM 691 O  O   . HOH D 4 .  ? -15.646 2.287   -5.214  1.00 24.38 ? 140  HOH B O   1 
HETATM 692 O  O   . HOH D 4 .  ? 0.065   6.141   -12.312 1.00 39.74 ? 141  HOH B O   1 
HETATM 693 O  O   . HOH D 4 .  ? 7.330   7.689   9.358   1.00 25.54 ? 142  HOH B O   1 
HETATM 694 O  O   . HOH D 4 .  ? 12.902  3.773   7.671   1.00 30.78 ? 143  HOH B O   1 
HETATM 695 O  O   . HOH D 4 .  ? 0.141   15.996  -5.067  1.00 24.20 ? 144  HOH B O   1 
HETATM 696 O  O   . HOH D 4 .  ? -4.543  -14.475 -6.388  1.00 31.39 ? 145  HOH B O   1 
HETATM 697 O  O   . HOH D 4 .  ? 6.689   10.461  5.577   1.00 31.37 ? 146  HOH B O   1 
HETATM 698 O  O   . HOH D 4 .  ? -11.862 -0.424  2.630   1.00 71.02 ? 147  HOH B O   1 
HETATM 699 O  O   . HOH D 4 .  ? 5.765   10.163  -9.383  1.00 45.57 ? 148  HOH B O   1 
HETATM 700 O  O   . HOH D 4 .  ? -3.695  -10.326 2.787   1.00 40.87 ? 149  HOH B O   1 
HETATM 701 O  O   . HOH D 4 .  ? -8.986  -5.525  -0.401  1.00 24.32 ? 150  HOH B O   1 
HETATM 702 O  O   . HOH D 4 .  ? 5.174   -13.762 -1.520  1.00 40.97 ? 151  HOH B O   1 
HETATM 703 O  O   . HOH D 4 .  ? -14.349 2.093   -7.900  1.00 16.99 ? 152  HOH B O   1 
HETATM 704 O  O   . HOH D 4 .  ? 13.411  8.892   -6.317  1.00 47.66 ? 153  HOH B O   1 
HETATM 705 O  O   . HOH D 4 .  ? -5.288  -12.979 -12.166 1.00 15.96 ? 154  HOH B O   1 
HETATM 706 O  O   . HOH D 4 .  ? 0.446   18.614  -8.715  1.00 31.48 ? 155  HOH B O   1 
HETATM 707 O  O   . HOH D 4 .  ? -3.233  7.348   -10.260 1.00 39.23 ? 156  HOH B O   1 
HETATM 708 O  O   . HOH D 4 .  ? 7.092   17.986  -2.734  1.00 44.35 ? 157  HOH B O   1 
# 
loop_
_atom_site_anisotrop.id 
_atom_site_anisotrop.type_symbol 
_atom_site_anisotrop.pdbx_label_atom_id 
_atom_site_anisotrop.pdbx_label_alt_id 
_atom_site_anisotrop.pdbx_label_comp_id 
_atom_site_anisotrop.pdbx_label_asym_id 
_atom_site_anisotrop.pdbx_label_seq_id 
_atom_site_anisotrop.pdbx_PDB_ins_code 
_atom_site_anisotrop.U[1][1] 
_atom_site_anisotrop.U[2][2] 
_atom_site_anisotrop.U[3][3] 
_atom_site_anisotrop.U[1][2] 
_atom_site_anisotrop.U[1][3] 
_atom_site_anisotrop.U[2][3] 
_atom_site_anisotrop.pdbx_auth_seq_id 
_atom_site_anisotrop.pdbx_auth_comp_id 
_atom_site_anisotrop.pdbx_auth_asym_id 
_atom_site_anisotrop.pdbx_auth_atom_id 
1   N  N   . ALA A 2  ? 0.2534 0.2573 0.2600 0.0032  0.0084  0.0021  2    ALA B N   
2   C  CA  . ALA A 2  ? 0.2406 0.2378 0.2419 0.0035  0.0055  0.0013  2    ALA B CA  
3   C  C   . ALA A 2  ? 0.2203 0.2227 0.2219 0.0043  0.0043  -0.0021 2    ALA B C   
4   O  O   . ALA A 2  ? 0.2181 0.2205 0.2302 0.0032  -0.0005 -0.0008 2    ALA B O   
5   C  CB  . ALA A 2  ? 0.2369 0.2402 0.2421 0.0014  0.0047  -0.0033 2    ALA B CB  
6   N  N   . ASP A 3  ? 0.1929 0.1983 0.1971 0.0065  -0.0034 -0.0009 3    ASP B N   
7   C  CA  . ASP A 3  ? 0.1646 0.1751 0.1736 0.0065  -0.0022 -0.0026 3    ASP B CA  
8   C  C   . ASP A 3  ? 0.1506 0.1640 0.1567 0.0087  -0.0031 -0.0054 3    ASP B C   
9   O  O   . ASP A 3  ? 0.1351 0.1565 0.1499 0.0226  -0.0102 -0.0107 3    ASP B O   
10  C  CB  . ASP A 3  ? 0.1760 0.1775 0.1801 0.0055  -0.0022 0.0009  3    ASP B CB  
11  C  CG  . ASP A 3  ? 0.1691 0.1835 0.1855 0.0015  -0.0032 -0.0029 3    ASP B CG  
12  O  OD1 . ASP A 3  ? 0.1604 0.1960 0.1771 0.0089  0.0176  -0.0072 3    ASP B OD1 
13  O  OD2 . ASP A 3  ? 0.1925 0.1882 0.2014 0.0031  0.0043  0.0101  3    ASP B OD2 
14  N  N   . LEU A 4  ? 0.1347 0.1579 0.1478 0.0102  -0.0010 -0.0064 4    LEU B N   
15  C  CA  . LEU A 4  ? 0.1375 0.1518 0.1522 0.0073  -0.0041 -0.0052 4    LEU B CA  
16  C  C   . LEU A 4  ? 0.1253 0.1352 0.1428 0.0090  -0.0043 0.0003  4    LEU B C   
17  O  O   . LEU A 4  ? 0.1080 0.1213 0.1354 0.0191  0.0049  -0.0121 4    LEU B O   
18  C  CB  . LEU A 4  ? 0.1463 0.1508 0.1502 0.0062  -0.0037 -0.0063 4    LEU B CB  
19  C  CG  . LEU A 4  ? 0.1502 0.1575 0.1584 0.0022  -0.0048 -0.0116 4    LEU B CG  
20  C  CD1 . LEU A 4  ? 0.1812 0.1586 0.1848 0.0087  -0.0024 -0.0182 4    LEU B CD1 
21  C  CD2 . LEU A 4  ? 0.1562 0.1776 0.1708 0.0004  -0.0059 -0.0094 4    LEU B CD2 
22  N  N   . ALA A 5  ? 0.1164 0.1325 0.1366 0.0076  -0.0055 0.0039  5    ALA B N   
23  C  CA  . ALA A 5  ? 0.1177 0.1375 0.1399 0.0022  -0.0036 -0.0013 5    ALA B CA  
24  C  C   . ALA A 5  ? 0.1089 0.1329 0.1331 -0.0008 -0.0051 -0.0028 5    ALA B C   
25  O  O   . ALA A 5  ? 0.1110 0.1403 0.1303 0.0027  -0.0040 0.0021  5    ALA B O   
26  C  CB  . ALA A 5  ? 0.1176 0.1396 0.1395 -0.0003 -0.0061 -0.0056 5    ALA B CB  
27  N  N   . THR A 6  ? 0.1083 0.1321 0.1349 0.0004  0.0000  -0.0047 6    THR B N   
28  C  CA  . THR A 6  ? 0.1047 0.1259 0.1352 -0.0006 -0.0023 -0.0070 6    THR B CA  
29  C  C   . THR A 6  ? 0.0986 0.1167 0.1261 -0.0002 -0.0026 -0.0077 6    THR B C   
30  O  O   . THR A 6  ? 0.0925 0.1076 0.1359 0.0084  -0.0086 -0.0068 6    THR B O   
31  C  CB  . THR A 6  ? 0.1026 0.1272 0.1429 0.0016  -0.0029 -0.0044 6    THR B CB  
32  O  OG1 . THR A 6  ? 0.1228 0.1346 0.1787 -0.0125 -0.0039 -0.0017 6    THR B OG1 
33  C  CG2 . THR A 6  ? 0.1066 0.1348 0.1426 0.0080  0.0017  -0.0006 6    THR B CG2 
34  N  N   . GLY A 7  ? 0.0941 0.1120 0.1213 0.0064  -0.0032 -0.0063 7    GLY B N   
35  C  CA  . GLY A 7  ? 0.0934 0.1108 0.1143 0.0052  -0.0028 -0.0063 7    GLY B CA  
36  C  C   . GLY A 7  ? 0.0899 0.1084 0.1070 0.0078  -0.0040 -0.0077 7    GLY B C   
37  O  O   . GLY A 7  ? 0.0791 0.1081 0.0965 0.0134  -0.0107 -0.0106 7    GLY B O   
38  N  N   . ALA A 8  ? 0.0832 0.1085 0.1078 0.0112  -0.0070 -0.0112 8    ALA B N   
39  C  CA  . ALA A 8  ? 0.0848 0.1154 0.1156 0.0108  -0.0092 -0.0092 8    ALA B CA  
40  C  C   . ALA A 8  ? 0.0934 0.1238 0.1107 0.0105  -0.0091 -0.0118 8    ALA B C   
41  O  O   . ALA A 8  ? 0.1016 0.1331 0.1180 0.0190  -0.0070 -0.0114 8    ALA B O   
42  C  CB  . ALA A 8  ? 0.0668 0.0920 0.0924 0.0169  -0.0106 -0.0110 8    ALA B CB  
43  N  N   . LYS A 9  ? 0.0933 0.1316 0.1224 0.0094  -0.0069 -0.0116 9    LYS B N   
44  C  CA  . LYS A 9  ? 0.1107 0.1334 0.1285 0.0094  -0.0059 -0.0123 9    LYS B CA  
45  C  C   . LYS A 9  ? 0.0987 0.1243 0.1159 0.0087  -0.0053 -0.0135 9    LYS B C   
46  O  O   . LYS A 9  ? 0.1042 0.1354 0.1168 0.0131  -0.0121 -0.0202 9    LYS B O   
47  C  CB  . LYS A 9  ? 0.1212 0.1441 0.1356 0.0075  -0.0002 -0.0132 9    LYS B CB  
48  C  CG  . LYS A 9  ? 0.1626 0.1832 0.1803 0.0030  -0.0028 -0.0060 9    LYS B CG  
49  C  CD  . LYS A 9  ? 0.1679 0.1835 0.1842 -0.0043 0.0022  -0.0058 9    LYS B CD  
50  C  CE  . LYS A 9  ? 0.2181 0.2066 0.2141 -0.0007 -0.0025 0.0024  9    LYS B CE  
51  N  NZ  . LYS A 9  ? 0.2487 0.2336 0.2526 -0.0097 0.0074  0.0098  9    LYS B NZ  
52  N  N   . VAL A 10 ? 0.0847 0.1062 0.0994 0.0062  -0.0009 -0.0164 10   VAL B N   
53  C  CA  . VAL A 10 ? 0.0870 0.1051 0.1009 0.0065  0.0003  -0.0089 10   VAL B CA  
54  C  C   . VAL A 10 ? 0.0797 0.0972 0.0903 0.0073  0.0004  -0.0081 10   VAL B C   
55  O  O   . VAL A 10 ? 0.0785 0.0941 0.0957 0.0141  0.0049  -0.0182 10   VAL B O   
56  C  CB  . VAL A 10 ? 0.0786 0.0963 0.0948 0.0029  0.0021  -0.0054 10   VAL B CB  
57  C  CG1 . VAL A 10 ? 0.0899 0.1102 0.1016 0.0049  -0.0057 -0.0074 10   VAL B CG1 
58  C  CG2 . VAL A 10 ? 0.1000 0.1027 0.1146 0.0023  0.0053  0.0039  10   VAL B CG2 
59  N  N   . PHE A 11 ? 0.0805 0.0916 0.0909 0.0080  -0.0043 -0.0025 11   PHE B N   
60  C  CA  . PHE A 11 ? 0.0892 0.1015 0.0956 0.0093  0.0001  -0.0033 11   PHE B CA  
61  C  C   . PHE A 11 ? 0.0896 0.1035 0.0984 0.0132  -0.0007 0.0003  11   PHE B C   
62  O  O   . PHE A 11 ? 0.0850 0.0962 0.0855 0.0151  0.0004  0.0055  11   PHE B O   
63  C  CB  . PHE A 11 ? 0.0948 0.1009 0.0976 0.0100  -0.0016 0.0006  11   PHE B CB  
64  C  CG  . PHE A 11 ? 0.0976 0.0990 0.0971 0.0097  0.0022  0.0001  11   PHE B CG  
65  C  CD1 . PHE A 11 ? 0.1039 0.1089 0.1177 0.0059  0.0065  -0.0028 11   PHE B CD1 
66  C  CD2 . PHE A 11 ? 0.1095 0.1175 0.1011 0.0085  0.0087  -0.0050 11   PHE B CD2 
67  C  CE1 . PHE A 11 ? 0.1249 0.1163 0.1267 -0.0009 -0.0050 -0.0106 11   PHE B CE1 
68  C  CE2 . PHE A 11 ? 0.1311 0.1257 0.1237 0.0032  0.0118  0.0094  11   PHE B CE2 
69  C  CZ  . PHE A 11 ? 0.1207 0.1105 0.1290 0.0035  0.0124  -0.0035 11   PHE B CZ  
70  N  N   . SER A 12 ? 0.0950 0.1136 0.0960 0.0139  0.0004  -0.0069 12   SER B N   
71  C  CA  . SER A 12 ? 0.1104 0.1315 0.1093 0.0106  -0.0055 -0.0041 12   SER B CA  
72  C  C   . SER A 12 ? 0.1062 0.1281 0.1090 0.0075  -0.0090 -0.0050 12   SER B C   
73  O  O   . SER A 12 ? 0.1229 0.1544 0.1249 0.0106  -0.0030 -0.0071 12   SER B O   
74  C  CB  . SER A 12 ? 0.1159 0.1401 0.1181 0.0096  -0.0055 -0.0036 12   SER B CB  
75  O  OG  . SER A 12 ? 0.1855 0.2083 0.1669 0.0115  -0.0011 0.0001  12   SER B OG  
76  N  N   . ALA A 13 ? 0.1005 0.1216 0.1064 0.0066  -0.0128 -0.0119 13   ALA B N   
77  C  CA  . ALA A 13 ? 0.1034 0.1192 0.1067 0.0076  -0.0086 -0.0108 13   ALA B CA  
78  C  C   . ALA A 13 ? 0.1003 0.1104 0.1052 0.0059  -0.0079 -0.0117 13   ALA B C   
79  O  O   . ALA A 13 ? 0.1092 0.1177 0.1197 0.0114  -0.0116 -0.0148 13   ALA B O   
80  C  CB  . ALA A 13 ? 0.0994 0.1236 0.1210 0.0034  -0.0128 -0.0175 13   ALA B CB  
81  N  N   . ASN A 14 ? 0.0915 0.0945 0.0974 0.0065  -0.0086 -0.0120 14   ASN B N   
82  C  CA  . ASN A 14 ? 0.0967 0.0973 0.0949 0.0044  -0.0049 -0.0079 14   ASN B CA  
83  C  C   . ASN A 14 ? 0.0965 0.0893 0.0832 0.0029  -0.0024 -0.0092 14   ASN B C   
84  O  O   . ASN A 14 ? 0.1026 0.0805 0.0855 0.0074  -0.0064 -0.0128 14   ASN B O   
85  C  CB  . ASN A 14 ? 0.0891 0.0807 0.0902 0.0025  -0.0089 -0.0047 14   ASN B CB  
86  C  CG  . ASN A 14 ? 0.0825 0.0827 0.0854 0.0021  0.0027  -0.0047 14   ASN B CG  
87  O  OD1 . ASN A 14 ? 0.0832 0.0930 0.1014 0.0063  -0.0034 -0.0049 14   ASN B OD1 
88  N  ND2 . ASN A 14 ? 0.0922 0.1117 0.1007 -0.0036 -0.0054 -0.0022 14   ASN B ND2 
89  N  N   . CYS A 15 ? 0.0946 0.0943 0.0771 0.0029  -0.0075 0.0026  15   CYS B N   
90  C  CA  . CYS A 15 ? 0.1013 0.0992 0.0922 0.0018  -0.0033 0.0008  15   CYS B CA  
91  C  C   . CYS A 15 ? 0.1100 0.1053 0.0997 0.0004  0.0019  0.0030  15   CYS B C   
92  O  O   . CYS A 15 ? 0.1116 0.0967 0.0924 0.0001  -0.0023 0.0088  15   CYS B O   
93  C  CB  . CYS A 15 ? 0.0948 0.0868 0.0815 -0.0005 -0.0019 0.0063  15   CYS B CB  
94  S  SG  . CYS A 15 ? 0.0803 0.0843 0.0736 -0.0046 -0.0097 0.0101  15   CYS B SG  
95  N  N   . ALA A 16 ? 0.1208 0.1184 0.1142 -0.0011 -0.0046 0.0061  16   ALA B N   
96  C  CA  . ALA A 16 ? 0.1419 0.1467 0.1281 0.0004  -0.0032 0.0086  16   ALA B CA  
97  C  C   . ALA A 16 ? 0.1584 0.1696 0.1510 -0.0004 -0.0007 0.0109  16   ALA B C   
98  O  O   . ALA A 16 ? 0.1770 0.1978 0.1648 -0.0008 0.0030  0.0158  16   ALA B O   
99  C  CB  . ALA A 16 ? 0.1358 0.1461 0.1288 0.0032  -0.0047 0.0124  16   ALA B CB  
100 N  N   . ALA A 17 ? 0.1817 0.1968 0.1665 0.0021  0.0057  0.0016  17   ALA B N   
101 C  CA  . ALA A 17 ? 0.1857 0.2059 0.1817 0.0028  0.0067  0.0042  17   ALA B CA  
102 C  C   . ALA A 17 ? 0.2001 0.2202 0.1969 -0.0011 0.0076  0.0023  17   ALA B C   
103 O  O   . ALA A 17 ? 0.2196 0.2527 0.2104 0.0001  0.0126  0.0051  17   ALA B O   
104 C  CB  . ALA A 17 ? 0.2007 0.2179 0.1936 0.0058  0.0056  -0.0027 17   ALA B CB  
105 N  N   . CYS A 18 ? 0.1993 0.2169 0.1946 0.0032  0.0067  0.0047  18   CYS B N   
106 C  CA  . CYS A 18 ? 0.1966 0.2110 0.1934 0.0011  0.0060  0.0117  18   CYS B CA  
107 C  C   . CYS A 18 ? 0.2095 0.2151 0.2123 0.0000  0.0032  0.0093  18   CYS B C   
108 O  O   . CYS A 18 ? 0.2157 0.2201 0.2411 -0.0040 0.0087  0.0148  18   CYS B O   
109 C  CB  . CYS A 18 ? 0.1901 0.2022 0.1891 0.0015  0.0097  0.0099  18   CYS B CB  
110 S  SG  . CYS A 18 ? 0.1460 0.1945 0.1129 0.0202  0.0254  0.0395  18   CYS B SG  
111 N  N   . HIS A 19 ? 0.2078 0.2143 0.2086 0.0000  0.0021  0.0112  19   HIS B N   
112 C  CA  . HIS A 19 ? 0.2236 0.2256 0.2247 0.0009  0.0047  0.0071  19   HIS B CA  
113 C  C   . HIS A 19 ? 0.2457 0.2515 0.2537 0.0046  -0.0003 0.0062  19   HIS B C   
114 O  O   . HIS A 19 ? 0.2603 0.2632 0.2671 0.0053  -0.0001 0.0045  19   HIS B O   
115 C  CB  . HIS A 19 ? 0.1906 0.1976 0.1971 0.0001  -0.0043 0.0048  19   HIS B CB  
116 C  CG  . HIS A 19 ? 0.1436 0.1271 0.1401 0.0011  0.0157  0.0112  19   HIS B CG  
117 N  ND1 . HIS A 19 ? 0.1238 0.1268 0.1087 0.0131  0.0080  0.0077  19   HIS B ND1 
118 C  CD2 . HIS A 19 ? 0.1090 0.1048 0.0980 0.0032  -0.0060 -0.0010 19   HIS B CD2 
119 C  CE1 . HIS A 19 ? 0.1017 0.0741 0.1017 -0.0112 0.0009  0.0017  19   HIS B CE1 
120 N  NE2 . HIS A 19 ? 0.0923 0.0663 0.0764 0.0022  0.0028  -0.0071 19   HIS B NE2 
121 N  N   . ALA A 20 ? 0.2801 0.2848 0.2834 0.0031  -0.0026 0.0042  20   ALA B N   
122 C  CA  . ALA A 20 ? 0.3023 0.3148 0.3046 0.0001  -0.0038 0.0036  20   ALA B CA  
123 C  C   . ALA A 20 ? 0.3317 0.3340 0.3339 -0.0008 -0.0006 0.0031  20   ALA B C   
124 O  O   . ALA A 20 ? 0.3414 0.3461 0.3455 -0.0039 0.0023  0.0034  20   ALA B O   
125 C  CB  . ALA A 20 ? 0.3067 0.3130 0.3089 0.0013  -0.0053 0.0035  20   ALA B CB  
126 N  N   . GLY A 21 ? 0.3543 0.3590 0.3593 0.0016  0.0008  0.0025  21   GLY B N   
127 C  CA  . GLY A 21 ? 0.3699 0.3731 0.3738 0.0050  -0.0005 0.0043  21   GLY B CA  
128 C  C   . GLY A 21 ? 0.3906 0.3905 0.3920 0.0008  -0.0001 0.0015  21   GLY B C   
129 O  O   . GLY A 21 ? 0.3970 0.4015 0.3986 0.0011  0.0024  0.0020  21   GLY B O   
130 N  N   . GLY A 22 ? 0.4086 0.4098 0.4068 0.0014  0.0006  0.0000  22   GLY B N   
131 C  CA  . GLY A 22 ? 0.4218 0.4173 0.4179 0.0002  -0.0010 -0.0011 22   GLY B CA  
132 C  C   . GLY A 22 ? 0.4325 0.4334 0.4327 0.0004  -0.0009 -0.0003 22   GLY B C   
133 O  O   . GLY A 22 ? 0.4374 0.4352 0.4343 0.0016  -0.0016 0.0014  22   GLY B O   
134 N  N   . ILE A 23 ? 0.4451 0.4463 0.4453 -0.0002 0.0011  0.0000  23   ILE B N   
135 C  CA  . ILE A 23 ? 0.4495 0.4531 0.4526 -0.0009 0.0001  -0.0005 23   ILE B CA  
136 C  C   . ILE A 23 ? 0.4599 0.4606 0.4617 0.0005  0.0001  -0.0007 23   ILE B C   
137 O  O   . ILE A 23 ? 0.4616 0.4620 0.4642 0.0006  0.0000  -0.0006 23   ILE B O   
138 C  CB  . ILE A 23 ? 0.4528 0.4546 0.4539 -0.0011 0.0010  0.0000  23   ILE B CB  
139 N  N   . ASN A 24 ? 0.4685 0.4699 0.4714 0.0009  -0.0004 -0.0007 24   ASN B N   
140 C  CA  . ASN A 24 ? 0.4731 0.4730 0.4756 0.0016  -0.0001 -0.0007 24   ASN B CA  
141 C  C   . ASN A 24 ? 0.4810 0.4803 0.4801 0.0005  0.0004  -0.0006 24   ASN B C   
142 O  O   . ASN A 24 ? 0.4868 0.4827 0.4849 0.0011  -0.0006 -0.0010 24   ASN B O   
143 C  CB  . ASN A 24 ? 0.4753 0.4751 0.4762 0.0009  -0.0003 0.0000  24   ASN B CB  
144 N  N   . LEU A 25 ? 0.4859 0.4847 0.4851 0.0005  0.0003  -0.0011 25   LEU B N   
145 C  CA  . LEU A 25 ? 0.4865 0.4859 0.4852 0.0003  0.0006  -0.0004 25   LEU B CA  
146 C  C   . LEU A 25 ? 0.4896 0.4893 0.4889 0.0003  0.0003  0.0003  25   LEU B C   
147 O  O   . LEU A 25 ? 0.4934 0.4909 0.4910 0.0003  0.0010  0.0020  25   LEU B O   
148 C  CB  . LEU A 25 ? 0.4886 0.4875 0.4879 0.0012  0.0005  -0.0009 25   LEU B CB  
149 N  N   . VAL A 26 ? 0.4900 0.4896 0.4891 0.0000  0.0000  0.0003  26   VAL B N   
150 C  CA  . VAL A 26 ? 0.4873 0.4867 0.4863 0.0003  0.0002  -0.0006 26   VAL B CA  
151 C  C   . VAL A 26 ? 0.4872 0.4869 0.4859 0.0008  -0.0003 -0.0005 26   VAL B C   
152 O  O   . VAL A 26 ? 0.4935 0.4904 0.4867 0.0019  -0.0022 0.0005  26   VAL B O   
153 C  CB  . VAL A 26 ? 0.4888 0.4879 0.4884 -0.0001 0.0002  0.0000  26   VAL B CB  
154 N  N   . ASN A 27 ? 0.4843 0.4823 0.4814 0.0005  -0.0004 -0.0008 27   ASN B N   
155 C  CA  . ASN A 27 ? 0.4770 0.4752 0.4754 0.0009  -0.0002 0.0000  27   ASN B CA  
156 C  C   . ASN A 27 ? 0.4731 0.4714 0.4703 0.0000  -0.0010 -0.0007 27   ASN B C   
157 O  O   . ASN A 27 ? 0.4769 0.4750 0.4732 -0.0012 -0.0020 -0.0009 27   ASN B O   
158 C  CB  . ASN A 27 ? 0.4800 0.4779 0.4778 0.0002  0.0000  0.0003  27   ASN B CB  
159 N  N   . ALA A 28 ? 0.4619 0.4614 0.4598 0.0002  -0.0006 0.0004  28   ALA B N   
160 C  CA  . ALA A 28 ? 0.4506 0.4512 0.4459 -0.0010 -0.0002 0.0011  28   ALA B CA  
161 C  C   . ALA A 28 ? 0.4399 0.4408 0.4387 -0.0005 -0.0014 0.0003  28   ALA B C   
162 O  O   . ALA A 28 ? 0.4433 0.4464 0.4446 -0.0005 -0.0007 0.0005  28   ALA B O   
163 C  CB  . ALA A 28 ? 0.4535 0.4533 0.4511 -0.0011 -0.0005 0.0011  28   ALA B CB  
164 N  N   . GLU A 29 ? 0.4233 0.4225 0.4221 -0.0005 0.0005  -0.0001 29   GLU B N   
165 C  CA  . GLU A 29 ? 0.4056 0.4016 0.4092 0.0007  -0.0001 -0.0001 29   GLU B CA  
166 C  C   . GLU A 29 ? 0.3907 0.3908 0.3903 0.0002  0.0012  -0.0010 29   GLU B C   
167 O  O   . GLU A 29 ? 0.3890 0.3951 0.3910 0.0004  0.0013  0.0007  29   GLU B O   
168 C  CB  . GLU A 29 ? 0.4083 0.4065 0.4083 -0.0005 0.0005  -0.0008 29   GLU B CB  
169 N  N   . LYS A 30 ? 0.3702 0.3713 0.3737 0.0002  0.0005  0.0010  30   LYS B N   
170 C  CA  . LYS A 30 ? 0.3525 0.3601 0.3593 -0.0004 -0.0003 0.0005  30   LYS B CA  
171 C  C   . LYS A 30 ? 0.3433 0.3435 0.3468 0.0013  0.0003  0.0014  30   LYS B C   
172 O  O   . LYS A 30 ? 0.3514 0.3464 0.3527 -0.0006 -0.0011 -0.0002 30   LYS B O   
173 C  CB  . LYS A 30 ? 0.3553 0.3586 0.3598 0.0011  -0.0003 0.0004  30   LYS B CB  
174 N  N   . THR A 31 ? 0.3275 0.3293 0.3323 0.0001  0.0006  0.0010  31   THR B N   
175 C  CA  . THR A 31 ? 0.3147 0.3118 0.3125 0.0008  0.0035  0.0013  31   THR B CA  
176 C  C   . THR A 31 ? 0.2988 0.2973 0.3035 0.0027  0.0013  -0.0008 31   THR B C   
177 O  O   . THR A 31 ? 0.3085 0.3097 0.3089 0.0042  0.0015  -0.0025 31   THR B O   
178 C  CB  . THR A 31 ? 0.3149 0.3156 0.3192 0.0003  0.0017  0.0028  31   THR B CB  
179 N  N   . LEU A 32 ? 0.2794 0.2714 0.2806 0.0045  0.0032  -0.0005 32   LEU B N   
180 C  CA  . LEU A 32 ? 0.2602 0.2487 0.2600 0.0063  0.0008  -0.0034 32   LEU B CA  
181 C  C   . LEU A 32 ? 0.2463 0.2324 0.2445 0.0052  0.0035  -0.0022 32   LEU B C   
182 O  O   . LEU A 32 ? 0.2385 0.1983 0.2255 0.0162  0.0060  -0.0067 32   LEU B O   
183 C  CB  . LEU A 32 ? 0.2518 0.2428 0.2514 0.0073  0.0019  -0.0010 32   LEU B CB  
184 C  CG  . LEU A 32 ? 0.2293 0.2279 0.2274 0.0022  0.0004  -0.0021 32   LEU B CG  
185 C  CD1 . LEU A 32 ? 0.2289 0.2183 0.2359 0.0070  0.0063  -0.0035 32   LEU B CD1 
186 C  CD2 . LEU A 32 ? 0.2443 0.2226 0.2271 0.0092  0.0008  -0.0023 32   LEU B CD2 
187 N  N   . LYS A 33 ? 0.2354 0.2238 0.2333 0.0056  0.0082  -0.0015 33   LYS B N   
188 C  CA  . LYS A 33 ? 0.2330 0.2242 0.2304 0.0025  0.0062  -0.0012 33   LYS B CA  
189 C  C   . LYS A 33 ? 0.2174 0.2044 0.2192 0.0000  0.0056  -0.0001 33   LYS B C   
190 O  O   . LYS A 33 ? 0.2123 0.1879 0.2112 0.0013  0.0110  -0.0026 33   LYS B O   
191 C  CB  . LYS A 33 ? 0.2445 0.2290 0.2460 0.0013  0.0083  -0.0022 33   LYS B CB  
192 C  CG  . LYS A 33 ? 0.2686 0.2707 0.2750 0.0001  0.0021  0.0030  33   LYS B CG  
193 C  CD  . LYS A 33 ? 0.2924 0.2881 0.2870 0.0021  -0.0016 0.0016  33   LYS B CD  
194 C  CE  . LYS A 33 ? 0.2971 0.2944 0.2853 0.0021  -0.0035 0.0025  33   LYS B CE  
195 N  NZ  . LYS A 33 ? 0.3088 0.3099 0.3023 -0.0004 -0.0047 -0.0043 33   LYS B NZ  
196 N  N   . LYS A 34 ? 0.2052 0.1975 0.2079 -0.0017 0.0057  0.0020  34   LYS B N   
197 C  CA  . LYS A 34 ? 0.2032 0.1993 0.2088 0.0016  0.0036  -0.0004 34   LYS B CA  
198 C  C   . LYS A 34 ? 0.1991 0.1947 0.2034 0.0028  0.0033  0.0005  34   LYS B C   
199 O  O   . LYS A 34 ? 0.1836 0.1947 0.2021 0.0052  0.0022  -0.0066 34   LYS B O   
200 C  CB  . LYS A 34 ? 0.2002 0.1984 0.2020 0.0018  0.0017  0.0018  34   LYS B CB  
201 C  CG  . LYS A 34 ? 0.1993 0.2024 0.2052 0.0003  0.0044  0.0006  34   LYS B CG  
202 C  CD  . LYS A 34 ? 0.1998 0.1971 0.2038 0.0024  0.0039  0.0001  34   LYS B CD  
203 C  CE  . LYS A 34 ? 0.2052 0.2048 0.2033 -0.0026 0.0036  0.0030  34   LYS B CE  
204 N  NZ  . LYS A 34 ? 0.2076 0.2005 0.2089 0.0005  0.0063  0.0038  34   LYS B NZ  
205 N  N   . GLU A 35 ? 0.2002 0.2022 0.2103 -0.0003 0.0018  0.0019  35   GLU B N   
206 C  CA  . GLU A 35 ? 0.2045 0.2039 0.2162 -0.0003 0.0021  -0.0006 35   GLU B CA  
207 C  C   . GLU A 35 ? 0.2001 0.2009 0.2109 -0.0029 0.0021  0.0003  35   GLU B C   
208 O  O   . GLU A 35 ? 0.2083 0.2042 0.2202 -0.0043 0.0009  -0.0027 35   GLU B O   
209 C  CB  . GLU A 35 ? 0.2174 0.2132 0.2237 -0.0006 0.0009  0.0027  35   GLU B CB  
210 C  CG  . GLU A 35 ? 0.2498 0.2507 0.2651 0.0044  0.0003  0.0034  35   GLU B CG  
211 C  CD  . GLU A 35 ? 0.2922 0.2919 0.2858 0.0006  -0.0054 0.0049  35   GLU B CD  
212 O  OE1 . GLU A 35 ? 0.3094 0.2822 0.3112 -0.0022 0.0001  0.0164  35   GLU B OE1 
213 O  OE2 . GLU A 35 ? 0.3321 0.3347 0.3322 0.0018  0.0086  0.0200  35   GLU B OE2 
214 N  N   . ALA A 36 ? 0.1894 0.1932 0.2063 -0.0019 0.0049  0.0023  36   ALA B N   
215 C  CA  . ALA A 36 ? 0.1867 0.1923 0.2018 -0.0004 0.0048  0.0006  36   ALA B CA  
216 C  C   . ALA A 36 ? 0.1799 0.1915 0.1961 0.0006  0.0053  -0.0016 36   ALA B C   
217 O  O   . ALA A 36 ? 0.1863 0.2050 0.2020 -0.0009 0.0075  -0.0011 36   ALA B O   
218 C  CB  . ALA A 36 ? 0.1903 0.1942 0.2011 -0.0046 0.0067  0.0031  36   ALA B CB  
219 N  N   . LEU A 37 ? 0.1651 0.1735 0.1798 0.0027  0.0083  -0.0082 37   LEU B N   
220 C  CA  . LEU A 37 ? 0.1599 0.1680 0.1750 0.0053  0.0041  -0.0063 37   LEU B CA  
221 C  C   . LEU A 37 ? 0.1556 0.1623 0.1726 0.0071  0.0028  -0.0075 37   LEU B C   
222 O  O   . LEU A 37 ? 0.1453 0.1517 0.1710 0.0103  0.0113  -0.0045 37   LEU B O   
223 C  CB  . LEU A 37 ? 0.1610 0.1623 0.1669 0.0051  0.0006  -0.0080 37   LEU B CB  
224 C  CG  . LEU A 37 ? 0.1558 0.1476 0.1582 0.0127  -0.0001 -0.0062 37   LEU B CG  
225 C  CD1 . LEU A 37 ? 0.1709 0.1724 0.1710 0.0023  -0.0030 -0.0082 37   LEU B CD1 
226 C  CD2 . LEU A 37 ? 0.1755 0.1436 0.1654 0.0161  -0.0011 -0.0088 37   LEU B CD2 
227 N  N   . GLU A 38 ? 0.1472 0.1578 0.1733 0.0081  -0.0008 -0.0090 38   GLU B N   
228 C  CA  . GLU A 38 ? 0.1483 0.1600 0.1706 0.0021  -0.0013 -0.0063 38   GLU B CA  
229 C  C   . GLU A 38 ? 0.1346 0.1415 0.1557 0.0046  -0.0008 -0.0046 38   GLU B C   
230 O  O   . GLU A 38 ? 0.1322 0.1456 0.1575 -0.0013 0.0047  -0.0075 38   GLU B O   
231 C  CB  . GLU A 38 ? 0.1655 0.1707 0.1832 0.0018  -0.0014 -0.0088 38   GLU B CB  
232 C  CG  . GLU A 38 ? 0.1991 0.2158 0.2284 -0.0024 -0.0078 -0.0073 38   GLU B CG  
233 C  CD  . GLU A 38 ? 0.2643 0.2763 0.2662 -0.0036 -0.0005 -0.0048 38   GLU B CD  
234 O  OE1 . GLU A 38 ? 0.3129 0.3034 0.3068 -0.0105 0.0003  -0.0015 38   GLU B OE1 
235 O  OE2 . GLU A 38 ? 0.3270 0.3071 0.3103 -0.0056 -0.0024 -0.0150 38   GLU B OE2 
236 N  N   . LYS A 39 ? 0.1290 0.1303 0.1433 0.0042  -0.0047 0.0002  39   LYS B N   
237 C  CA  . LYS A 39 ? 0.1233 0.1267 0.1347 0.0028  -0.0017 -0.0019 39   LYS B CA  
238 C  C   . LYS A 39 ? 0.1131 0.1196 0.1223 -0.0030 -0.0004 -0.0006 39   LYS B C   
239 O  O   . LYS A 39 ? 0.1017 0.1077 0.1170 -0.0131 0.0055  -0.0104 39   LYS B O   
240 C  CB  . LYS A 39 ? 0.1390 0.1401 0.1422 0.0058  -0.0001 0.0031  39   LYS B CB  
241 C  CG  . LYS A 39 ? 0.1442 0.1498 0.1560 0.0004  0.0012  0.0041  39   LYS B CG  
242 C  CD  . LYS A 39 ? 0.1821 0.1811 0.1840 -0.0013 0.0081  -0.0019 39   LYS B CD  
243 C  CE  . LYS A 39 ? 0.1891 0.1959 0.2019 -0.0023 0.0007  -0.0025 39   LYS B CE  
244 N  NZ  . LYS A 39 ? 0.2597 0.2378 0.2452 0.0052  0.0042  0.0103  39   LYS B NZ  
245 N  N   . PHE A 40 ? 0.1016 0.1100 0.1171 -0.0054 -0.0041 -0.0048 40   PHE B N   
246 C  CA  . PHE A 40 ? 0.0967 0.1058 0.1125 -0.0031 -0.0010 -0.0047 40   PHE B CA  
247 C  C   . PHE A 40 ? 0.0895 0.1049 0.1149 -0.0026 -0.0030 -0.0062 40   PHE B C   
248 O  O   . PHE A 40 ? 0.0702 0.1023 0.1150 -0.0006 -0.0030 -0.0061 40   PHE B O   
249 C  CB  . PHE A 40 ? 0.0846 0.0965 0.1063 -0.0039 -0.0035 -0.0010 40   PHE B CB  
250 C  CG  . PHE A 40 ? 0.0897 0.0920 0.1018 -0.0009 -0.0003 0.0019  40   PHE B CG  
251 C  CD1 . PHE A 40 ? 0.0917 0.0798 0.0727 -0.0010 -0.0020 0.0099  40   PHE B CD1 
252 C  CD2 . PHE A 40 ? 0.1211 0.1163 0.1298 -0.0052 0.0081  -0.0008 40   PHE B CD2 
253 C  CE1 . PHE A 40 ? 0.0702 0.0965 0.0961 -0.0075 -0.0108 -0.0011 40   PHE B CE1 
254 C  CE2 . PHE A 40 ? 0.1144 0.1130 0.1173 -0.0075 0.0051  0.0043  40   PHE B CE2 
255 C  CZ  . PHE A 40 ? 0.0954 0.1076 0.1111 -0.0049 0.0064  -0.0045 40   PHE B CZ  
256 N  N   . GLY A 41 ? 0.0903 0.1094 0.1155 0.0021  0.0029  -0.0075 41   GLY B N   
257 C  CA  . GLY A 41 ? 0.1001 0.1146 0.1233 -0.0024 -0.0002 -0.0070 41   GLY B CA  
258 C  C   . GLY A 41 ? 0.1012 0.1169 0.1292 0.0011  -0.0007 -0.0064 41   GLY B C   
259 O  O   . GLY A 41 ? 0.1267 0.1274 0.1419 0.0054  -0.0017 -0.0058 41   GLY B O   
260 N  N   . MET A 42 ? 0.0953 0.1153 0.1269 0.0025  -0.0047 -0.0090 42   MET B N   
261 C  CA  . MET A 42 ? 0.1041 0.1178 0.1310 0.0049  -0.0040 -0.0109 42   MET B CA  
262 C  C   . MET A 42 ? 0.1031 0.1186 0.1297 0.0037  -0.0047 -0.0117 42   MET B C   
263 O  O   . MET A 42 ? 0.1099 0.1269 0.1479 0.0072  -0.0097 -0.0271 42   MET B O   
264 C  CB  . MET A 42 ? 0.1126 0.1218 0.1333 0.0046  -0.0072 -0.0089 42   MET B CB  
265 C  CG  . MET A 42 ? 0.1168 0.1505 0.1473 0.0001  0.0067  -0.0143 42   MET B CG  
266 S  SD  . MET A 42 ? 0.1008 0.2172 0.1642 0.0503  0.0206  0.0101  42   MET B SD  
267 C  CE  . MET A 42 ? 0.1583 0.1890 0.1853 0.0292  0.0152  0.0111  42   MET B CE  
268 N  N   . ASN A 43 ? 0.0973 0.1144 0.1297 0.0011  -0.0052 -0.0113 43   ASN B N   
269 C  CA  . ASN A 43 ? 0.0957 0.1130 0.1242 0.0048  -0.0027 -0.0060 43   ASN B CA  
270 C  C   . ASN A 43 ? 0.0952 0.1102 0.1175 0.0088  -0.0014 -0.0042 43   ASN B C   
271 O  O   . ASN A 43 ? 0.0897 0.1117 0.1323 0.0126  0.0066  -0.0043 43   ASN B O   
272 C  CB  . ASN A 43 ? 0.0947 0.1151 0.1317 -0.0001 -0.0017 -0.0078 43   ASN B CB  
273 C  CG  . ASN A 43 ? 0.1204 0.1340 0.1479 0.0076  -0.0035 -0.0068 43   ASN B CG  
274 O  OD1 . ASN A 43 ? 0.1665 0.1641 0.1913 -0.0046 -0.0046 -0.0072 43   ASN B OD1 
275 N  ND2 . ASN A 43 ? 0.1290 0.1626 0.1907 0.0167  0.0232  -0.0127 43   ASN B ND2 
276 N  N   . SER A 44 ? 0.0869 0.1013 0.1140 0.0077  0.0050  -0.0057 44   SER B N   
277 C  CA  . SER A 44 ? 0.0918 0.1065 0.1084 0.0108  0.0036  -0.0011 44   SER B CA  
278 C  C   . SER A 44 ? 0.0896 0.0999 0.1006 0.0103  0.0064  -0.0009 44   SER B C   
279 O  O   . SER A 44 ? 0.0850 0.1002 0.1033 0.0172  0.0126  0.0005  44   SER B O   
280 C  CB  . SER A 44 ? 0.0846 0.1100 0.1047 0.0120  0.0043  -0.0069 44   SER B CB  
281 O  OG  . SER A 44 ? 0.1063 0.1126 0.1231 0.0307  0.0092  -0.0032 44   SER B OG  
282 N  N   . ILE A 45 ? 0.0846 0.1007 0.0888 0.0069  0.0057  0.0035  45   ILE B N   
283 C  CA  . ILE A 45 ? 0.0946 0.1015 0.0983 0.0066  0.0082  0.0003  45   ILE B CA  
284 C  C   . ILE A 45 ? 0.0975 0.0960 0.0923 0.0032  0.0042  0.0034  45   ILE B C   
285 O  O   . ILE A 45 ? 0.0978 0.0903 0.0982 0.0063  0.0103  -0.0078 45   ILE B O   
286 C  CB  . ILE A 45 ? 0.0873 0.1051 0.1026 0.0050  0.0074  -0.0001 45   ILE B CB  
287 C  CG1 . ILE A 45 ? 0.1083 0.1263 0.1111 0.0074  0.0022  0.0027  45   ILE B CG1 
288 C  CG2 . ILE A 45 ? 0.0984 0.1108 0.1185 0.0044  0.0062  -0.0010 45   ILE B CG2 
289 C  CD1 . ILE A 45 ? 0.1435 0.1551 0.1308 -0.0061 -0.0143 -0.0169 45   ILE B CD1 
290 N  N   . VAL A 46 ? 0.0978 0.0957 0.0939 0.0025  0.0044  -0.0021 46   VAL B N   
291 C  CA  . VAL A 46 ? 0.1153 0.1084 0.1019 0.0070  0.0021  0.0026  46   VAL B CA  
292 C  C   . VAL A 46 ? 0.1104 0.1032 0.0935 0.0065  -0.0006 -0.0016 46   VAL B C   
293 O  O   . VAL A 46 ? 0.1148 0.1046 0.0861 0.0176  -0.0008 0.0043  46   VAL B O   
294 C  CB  . VAL A 46 ? 0.1182 0.1190 0.1066 0.0121  -0.0031 0.0055  46   VAL B CB  
295 C  CG1 . VAL A 46 ? 0.1410 0.1605 0.1333 0.0148  0.0014  0.0183  46   VAL B CG1 
296 C  CG2 . VAL A 46 ? 0.1595 0.1600 0.1437 0.0116  0.0061  0.0180  46   VAL B CG2 
297 N  N   . ALA A 47 ? 0.1027 0.0998 0.0893 0.0102  -0.0044 -0.0011 47   ALA B N   
298 C  CA  . ALA A 47 ? 0.1070 0.0978 0.0919 0.0058  -0.0019 -0.0043 47   ALA B CA  
299 C  C   . ALA A 47 ? 0.0981 0.0914 0.0896 0.0054  -0.0014 -0.0064 47   ALA B C   
300 O  O   . ALA A 47 ? 0.1025 0.0812 0.0860 0.0166  -0.0031 -0.0127 47   ALA B O   
301 C  CB  . ALA A 47 ? 0.1123 0.1018 0.1028 0.0053  0.0012  -0.0069 47   ALA B CB  
302 N  N   . ILE A 48 ? 0.0944 0.0913 0.0913 0.0095  -0.0021 -0.0105 48   ILE B N   
303 C  CA  . ILE A 48 ? 0.1026 0.0990 0.0956 0.0094  0.0002  -0.0056 48   ILE B CA  
304 C  C   . ILE A 48 ? 0.1041 0.0964 0.0970 0.0072  0.0056  -0.0021 48   ILE B C   
305 O  O   . ILE A 48 ? 0.0946 0.0855 0.0934 0.0197  0.0086  -0.0008 48   ILE B O   
306 C  CB  . ILE A 48 ? 0.0938 0.0947 0.0946 0.0107  -0.0016 -0.0086 48   ILE B CB  
307 C  CG1 . ILE A 48 ? 0.1150 0.1028 0.1061 0.0123  -0.0054 -0.0145 48   ILE B CG1 
308 C  CG2 . ILE A 48 ? 0.0873 0.0948 0.0835 0.0100  -0.0053 -0.0081 48   ILE B CG2 
309 C  CD1 . ILE A 48 ? 0.1335 0.1353 0.1408 0.0183  -0.0087 -0.0025 48   ILE B CD1 
310 N  N   . THR A 49 ? 0.1149 0.0942 0.1025 0.0100  0.0085  -0.0002 49   THR B N   
311 C  CA  . THR A 49 ? 0.1174 0.0962 0.1014 0.0038  0.0051  0.0016  49   THR B CA  
312 C  C   . THR A 49 ? 0.1180 0.0895 0.0924 0.0059  0.0040  0.0014  49   THR B C   
313 O  O   . THR A 49 ? 0.1296 0.0824 0.0755 0.0143  0.0111  0.0002  49   THR B O   
314 C  CB  . THR A 49 ? 0.1315 0.1018 0.1231 0.0038  0.0110  0.0073  49   THR B CB  
315 O  OG1 . THR A 49 ? 0.1594 0.1334 0.1438 -0.0005 0.0076  0.0235  49   THR B OG1 
316 C  CG2 . THR A 49 ? 0.1474 0.1074 0.1324 0.0066  0.0121  0.0065  49   THR B CG2 
317 N  N   . THR A 50 ? 0.1223 0.0913 0.0958 0.0033  0.0035  -0.0015 50   THR B N   
318 C  CA  . THR A 50 ? 0.1275 0.1019 0.1031 0.0008  0.0006  -0.0020 50   THR B CA  
319 C  C   . THR A 50 ? 0.1113 0.0916 0.0938 0.0029  -0.0022 -0.0075 50   THR B C   
320 O  O   . THR A 50 ? 0.1158 0.1044 0.0950 0.0184  -0.0146 -0.0087 50   THR B O   
321 C  CB  . THR A 50 ? 0.1477 0.1248 0.1091 -0.0009 0.0019  -0.0013 50   THR B CB  
322 O  OG1 . THR A 50 ? 0.2258 0.1872 0.2067 0.0025  -0.0029 0.0035  50   THR B OG1 
323 C  CG2 . THR A 50 ? 0.1400 0.1121 0.1201 -0.0008 0.0112  0.0001  50   THR B CG2 
324 N  N   . VAL A 51 ? 0.0885 0.0839 0.0754 0.0042  -0.0025 -0.0063 51   VAL B N   
325 C  CA  . VAL A 51 ? 0.0862 0.0812 0.0805 0.0027  -0.0030 -0.0027 51   VAL B CA  
326 C  C   . VAL A 51 ? 0.0793 0.0669 0.0722 0.0010  -0.0017 0.0002  51   VAL B C   
327 O  O   . VAL A 51 ? 0.0919 0.0725 0.0856 -0.0079 0.0037  0.0055  51   VAL B O   
328 C  CB  . VAL A 51 ? 0.0813 0.0866 0.0833 -0.0028 -0.0035 0.0024  51   VAL B CB  
329 C  CG1 . VAL A 51 ? 0.0873 0.0900 0.0971 -0.0007 -0.0118 0.0006  51   VAL B CG1 
330 C  CG2 . VAL A 51 ? 0.0750 0.0841 0.1003 0.0068  -0.0015 -0.0030 51   VAL B CG2 
331 N  N   . VAL A 52 ? 0.0778 0.0651 0.0680 0.0086  0.0004  0.0040  52   VAL B N   
332 C  CA  . VAL A 52 ? 0.0718 0.0633 0.0657 0.0040  -0.0009 0.0031  52   VAL B CA  
333 C  C   . VAL A 52 ? 0.0691 0.0632 0.0640 0.0076  0.0014  0.0020  52   VAL B C   
334 O  O   . VAL A 52 ? 0.0739 0.0726 0.0669 0.0065  0.0030  0.0020  52   VAL B O   
335 C  CB  . VAL A 52 ? 0.0712 0.0579 0.0615 0.0069  0.0005  0.0069  52   VAL B CB  
336 C  CG1 . VAL A 52 ? 0.0889 0.0678 0.0765 0.0068  -0.0089 -0.0043 52   VAL B CG1 
337 C  CG2 . VAL A 52 ? 0.0919 0.0602 0.0719 0.0100  -0.0115 0.0109  52   VAL B CG2 
338 N  N   . THR A 53 ? 0.0759 0.0671 0.0649 0.0088  -0.0039 0.0039  53   THR B N   
339 C  CA  . THR A 53 ? 0.0778 0.0693 0.0740 0.0010  -0.0043 0.0029  53   THR B CA  
340 C  C   . THR A 53 ? 0.0784 0.0681 0.0704 0.0033  -0.0022 0.0039  53   THR B C   
341 O  O   . THR A 53 ? 0.0835 0.0680 0.0757 0.0012  -0.0116 0.0077  53   THR B O   
342 C  CB  . THR A 53 ? 0.0866 0.0735 0.0782 0.0031  -0.0047 0.0030  53   THR B CB  
343 O  OG1 . THR A 53 ? 0.0901 0.0935 0.0850 -0.0076 0.0019  0.0088  53   THR B OG1 
344 C  CG2 . THR A 53 ? 0.0909 0.0795 0.0865 0.0018  0.0103  0.0162  53   THR B CG2 
345 N  N   . ASN A 54 ? 0.0869 0.0766 0.0751 0.0031  -0.0113 0.0032  54   ASN B N   
346 C  CA  . ASN A 54 ? 0.0961 0.0947 0.0885 0.0007  -0.0084 -0.0022 54   ASN B CA  
347 C  C   . ASN A 54 ? 0.1084 0.1060 0.0990 -0.0031 -0.0073 -0.0023 54   ASN B C   
348 O  O   . ASN A 54 ? 0.0985 0.1105 0.0976 -0.0034 -0.0065 -0.0115 54   ASN B O   
349 C  CB  . ASN A 54 ? 0.0945 0.1011 0.0872 0.0015  -0.0088 -0.0025 54   ASN B CB  
350 C  CG  . ASN A 54 ? 0.1361 0.1287 0.1158 -0.0058 -0.0091 0.0032  54   ASN B CG  
351 O  OD1 . ASN A 54 ? 0.1570 0.1466 0.1334 0.0122  0.0072  0.0329  54   ASN B OD1 
352 N  ND2 . ASN A 54 ? 0.1974 0.1795 0.1654 -0.0096 0.0191  -0.0086 54   ASN B ND2 
353 N  N   . GLY A 55 ? 0.1242 0.1169 0.1229 0.0079  -0.0175 -0.0065 55   GLY B N   
354 C  CA  . GLY A 55 ? 0.1397 0.1443 0.1464 -0.0034 -0.0100 0.0004  55   GLY B CA  
355 C  C   . GLY A 55 ? 0.1291 0.1184 0.1399 -0.0122 -0.0065 -0.0011 55   GLY B C   
356 O  O   . GLY A 55 ? 0.1310 0.1183 0.1345 0.0030  -0.0026 0.0090  55   GLY B O   
357 N  N   . LYS A 56 ? 0.1177 0.1231 0.1177 -0.0039 0.0004  -0.0121 56   LYS B N   
358 C  CA  . LYS A 56 ? 0.1159 0.1139 0.1155 -0.0025 0.0042  -0.0045 56   LYS B CA  
359 C  C   . LYS A 56 ? 0.1047 0.1002 0.1113 -0.0049 0.0065  -0.0073 56   LYS B C   
360 O  O   . LYS A 56 ? 0.1035 0.0781 0.1041 -0.0043 0.0122  -0.0107 56   LYS B O   
361 C  CB  . LYS A 56 ? 0.1137 0.1163 0.1207 -0.0058 0.0044  -0.0050 56   LYS B CB  
362 C  CG  . LYS A 56 ? 0.1083 0.1127 0.1256 -0.0004 0.0030  -0.0141 56   LYS B CG  
363 C  CD  . LYS A 56 ? 0.0951 0.1113 0.1097 -0.0051 0.0026  -0.0124 56   LYS B CD  
364 C  CE  . LYS A 56 ? 0.0998 0.1088 0.1091 -0.0054 0.0028  -0.0157 56   LYS B CE  
365 N  NZ  . LYS A 56 ? 0.0822 0.0998 0.0995 -0.0197 0.0016  -0.0335 56   LYS B NZ  
366 N  N   . ALA A 57 ? 0.1154 0.1101 0.1146 -0.0034 0.0075  0.0046  57   ALA B N   
367 C  CA  . ALA A 57 ? 0.1114 0.1164 0.1159 -0.0030 0.0062  0.0021  57   ALA B CA  
368 C  C   . ALA A 57 ? 0.1143 0.1210 0.1164 -0.0012 0.0072  0.0043  57   ALA B C   
369 O  O   . ALA A 57 ? 0.1084 0.1244 0.1260 -0.0066 0.0081  0.0091  57   ALA B O   
370 C  CB  . ALA A 57 ? 0.1183 0.1193 0.1164 -0.0036 0.0085  -0.0004 57   ALA B CB  
371 N  N   . GLY A 58 ? 0.1089 0.1209 0.1183 -0.0039 0.0057  0.0030  58   GLY B N   
372 C  CA  . GLY A 58 ? 0.1207 0.1203 0.1169 -0.0039 0.0053  0.0004  58   GLY B CA  
373 C  C   . GLY A 58 ? 0.1248 0.1207 0.1180 -0.0074 0.0023  -0.0014 58   GLY B C   
374 O  O   . GLY A 58 ? 0.1371 0.1478 0.1297 -0.0115 0.0039  -0.0125 58   GLY B O   
375 N  N   . MET A 59 ? 0.1241 0.1161 0.1148 -0.0076 0.0034  0.0036  59   MET B N   
376 C  CA  . MET A 59 ? 0.1243 0.1136 0.1151 -0.0088 -0.0018 0.0057  59   MET B CA  
377 C  C   . MET A 59 ? 0.1136 0.1010 0.1009 -0.0064 -0.0029 0.0073  59   MET B C   
378 O  O   . MET A 59 ? 0.1202 0.0998 0.0859 -0.0177 0.0029  0.0082  59   MET B O   
379 C  CB  . MET A 59 ? 0.1292 0.1191 0.1294 -0.0036 -0.0036 0.0092  59   MET B CB  
380 C  CG  . MET A 59 ? 0.1571 0.1417 0.1494 -0.0070 -0.0005 0.0132  59   MET B CG  
381 S  SD  . MET A 59 ? 0.1775 0.1579 0.1934 0.0029  -0.0047 -0.0176 59   MET B SD  
382 C  CE  . MET A 59 ? 0.1913 0.1659 0.1765 -0.0130 -0.0192 -0.0165 59   MET B CE  
383 N  N   . PRO A 60 ? 0.1061 0.0958 0.0827 -0.0083 -0.0025 0.0112  60   PRO B N   
384 C  CA  . PRO A 60 ? 0.0963 0.0956 0.0845 -0.0054 -0.0036 0.0065  60   PRO B CA  
385 C  C   . PRO A 60 ? 0.0845 0.0830 0.0767 -0.0039 -0.0048 0.0054  60   PRO B C   
386 O  O   . PRO A 60 ? 0.0841 0.0691 0.0762 -0.0102 -0.0135 0.0117  60   PRO B O   
387 C  CB  . PRO A 60 ? 0.0989 0.0966 0.0857 -0.0056 -0.0021 0.0017  60   PRO B CB  
388 C  CG  . PRO A 60 ? 0.1104 0.0998 0.0907 -0.0026 -0.0040 0.0059  60   PRO B CG  
389 C  CD  . PRO A 60 ? 0.1126 0.1040 0.0862 -0.0057 -0.0011 0.0117  60   PRO B CD  
390 N  N   . ALA A 61 ? 0.0788 0.0840 0.0818 -0.0040 -0.0057 0.0070  61   ALA B N   
391 C  CA  . ALA A 61 ? 0.0785 0.0715 0.0687 0.0026  -0.0086 0.0070  61   ALA B CA  
392 C  C   . ALA A 61 ? 0.0789 0.0742 0.0726 0.0034  -0.0050 0.0052  61   ALA B C   
393 O  O   . ALA A 61 ? 0.0843 0.0852 0.0758 -0.0002 0.0002  -0.0060 61   ALA B O   
394 C  CB  . ALA A 61 ? 0.0870 0.0776 0.0783 0.0109  -0.0115 0.0205  61   ALA B CB  
395 N  N   . PHE A 62 ? 0.0717 0.0670 0.0665 0.0082  -0.0079 -0.0013 62   PHE B N   
396 C  CA  . PHE A 62 ? 0.0726 0.0669 0.0716 0.0037  -0.0045 0.0007  62   PHE B CA  
397 C  C   . PHE A 62 ? 0.0773 0.0716 0.0766 0.0008  -0.0052 0.0000  62   PHE B C   
398 O  O   . PHE A 62 ? 0.0865 0.0626 0.0928 -0.0063 -0.0010 0.0018  62   PHE B O   
399 C  CB  . PHE A 62 ? 0.0739 0.0580 0.0684 0.0031  -0.0079 0.0005  62   PHE B CB  
400 C  CG  . PHE A 62 ? 0.0604 0.0531 0.0612 0.0027  -0.0051 -0.0012 62   PHE B CG  
401 C  CD1 . PHE A 62 ? 0.0575 0.0541 0.0602 -0.0003 -0.0125 -0.0064 62   PHE B CD1 
402 C  CD2 . PHE A 62 ? 0.0763 0.0532 0.0595 0.0090  -0.0096 0.0094  62   PHE B CD2 
403 C  CE1 . PHE A 62 ? 0.0775 0.0551 0.0737 0.0026  -0.0082 -0.0033 62   PHE B CE1 
404 C  CE2 . PHE A 62 ? 0.0723 0.0609 0.0564 0.0038  -0.0062 -0.0023 62   PHE B CE2 
405 C  CZ  . PHE A 62 ? 0.0631 0.0638 0.0691 -0.0023 -0.0054 0.0111  62   PHE B CZ  
406 N  N   . LYS A 63 ? 0.0842 0.0707 0.0810 -0.0005 -0.0045 0.0097  63   LYS B N   
407 C  CA  . LYS A 63 ? 0.0961 0.0837 0.0901 0.0008  -0.0062 0.0088  63   LYS B CA  
408 C  C   . LYS A 63 ? 0.0949 0.0843 0.0920 -0.0026 -0.0093 0.0117  63   LYS B C   
409 O  O   . LYS A 63 ? 0.1179 0.0820 0.1028 -0.0098 -0.0043 0.0228  63   LYS B O   
410 C  CB  . LYS A 63 ? 0.1041 0.0837 0.0832 0.0002  -0.0083 0.0079  63   LYS B CB  
411 C  CG  . LYS A 63 ? 0.1121 0.1005 0.0941 0.0027  -0.0075 0.0084  63   LYS B CG  
412 C  CD  . LYS A 63 ? 0.1201 0.1210 0.1046 0.0063  -0.0161 0.0078  63   LYS B CD  
413 C  CE  . LYS A 63 ? 0.1557 0.1423 0.1333 0.0015  -0.0260 0.0169  63   LYS B CE  
414 N  NZ  . LYS A 63 ? 0.1441 0.1101 0.1340 0.0036  -0.0342 0.0135  63   LYS B NZ  
415 N  N   . GLY A 64 ? 0.0944 0.0713 0.0940 0.0005  -0.0098 0.0108  64   GLY B N   
416 C  CA  . GLY A 64 ? 0.0999 0.0796 0.1036 -0.0007 -0.0059 0.0080  64   GLY B CA  
417 C  C   . GLY A 64 ? 0.1064 0.0860 0.1162 -0.0018 -0.0104 0.0040  64   GLY B C   
418 O  O   . GLY A 64 ? 0.1450 0.1112 0.1530 -0.0050 -0.0088 0.0144  64   GLY B O   
419 N  N   . ARG A 65 ? 0.1039 0.0819 0.1058 -0.0031 -0.0058 0.0052  65   ARG B N   
420 C  CA  . ARG A 65 ? 0.0956 0.0861 0.1009 -0.0019 -0.0043 0.0021  65   ARG B CA  
421 C  C   . ARG A 65 ? 0.0916 0.0815 0.0960 -0.0002 -0.0052 0.0019  65   ARG B C   
422 O  O   . ARG A 65 ? 0.0963 0.0911 0.0982 -0.0076 -0.0038 0.0026  65   ARG B O   
423 C  CB  . ARG A 65 ? 0.0847 0.0824 0.0959 -0.0024 -0.0045 -0.0011 65   ARG B CB  
424 C  CG  . ARG A 65 ? 0.0780 0.0707 0.0837 0.0082  -0.0052 0.0055  65   ARG B CG  
425 C  CD  . ARG A 65 ? 0.0918 0.0899 0.0889 0.0016  -0.0024 -0.0014 65   ARG B CD  
426 N  NE  . ARG A 65 ? 0.0943 0.0847 0.0738 0.0104  -0.0082 0.0012  65   ARG B NE  
427 C  CZ  . ARG A 65 ? 0.0835 0.0697 0.0692 0.0046  0.0010  -0.0048 65   ARG B CZ  
428 N  NH1 . ARG A 65 ? 0.1109 0.0829 0.0584 0.0147  0.0006  -0.0211 65   ARG B NH1 
429 N  NH2 . ARG A 65 ? 0.1204 0.0741 0.0664 0.0188  -0.0024 -0.0038 65   ARG B NH2 
430 N  N   . LEU A 66 ? 0.0964 0.0880 0.0936 0.0011  -0.0033 0.0103  66   LEU B N   
431 C  CA  . LEU A 66 ? 0.1000 0.0888 0.0995 -0.0020 -0.0032 0.0052  66   LEU B CA  
432 C  C   . LEU A 66 ? 0.1058 0.0929 0.1053 0.0010  -0.0043 0.0092  66   LEU B C   
433 O  O   . LEU A 66 ? 0.1148 0.1092 0.1075 0.0031  -0.0038 0.0110  66   LEU B O   
434 C  CB  . LEU A 66 ? 0.1002 0.0928 0.1008 0.0023  0.0003  0.0100  66   LEU B CB  
435 C  CG  . LEU A 66 ? 0.0924 0.0729 0.0965 0.0086  -0.0098 0.0057  66   LEU B CG  
436 C  CD1 . LEU A 66 ? 0.1009 0.0755 0.1126 0.0002  -0.0104 0.0079  66   LEU B CD1 
437 C  CD2 . LEU A 66 ? 0.1145 0.1084 0.1077 -0.0151 -0.0116 0.0057  66   LEU B CD2 
438 N  N   . THR A 67 ? 0.1141 0.0901 0.1092 -0.0005 0.0009  0.0101  67   THR B N   
439 C  CA  . THR A 67 ? 0.1188 0.1076 0.1128 -0.0025 0.0008  0.0119  67   THR B CA  
440 C  C   . THR A 67 ? 0.1244 0.1076 0.1133 -0.0031 0.0005  0.0133  67   THR B C   
441 O  O   . THR A 67 ? 0.1202 0.0904 0.1130 -0.0029 0.0063  0.0155  67   THR B O   
442 C  CB  . THR A 67 ? 0.1299 0.1096 0.1164 -0.0076 0.0046  0.0074  67   THR B CB  
443 O  OG1 . THR A 67 ? 0.1313 0.1320 0.1420 -0.0062 0.0120  0.0204  67   THR B OG1 
444 C  CG2 . THR A 67 ? 0.1554 0.1172 0.1294 -0.0163 0.0017  0.0077  67   THR B CG2 
445 N  N   . ASP A 68 ? 0.1299 0.1168 0.1195 -0.0071 0.0015  0.0160  68   ASP B N   
446 C  CA  . ASP A 68 ? 0.1333 0.1298 0.1186 -0.0050 0.0032  0.0132  68   ASP B CA  
447 C  C   . ASP A 68 ? 0.1358 0.1261 0.1170 -0.0020 0.0052  0.0109  68   ASP B C   
448 O  O   . ASP A 68 ? 0.1315 0.1306 0.1194 0.0025  0.0023  0.0209  68   ASP B O   
449 C  CB  . ASP A 68 ? 0.1504 0.1400 0.1191 -0.0026 -0.0010 0.0112  68   ASP B CB  
450 C  CG  . ASP A 68 ? 0.1759 0.1773 0.1667 -0.0002 -0.0017 0.0190  68   ASP B CG  
451 O  OD1 . ASP A 68 ? 0.2613 0.2286 0.2270 -0.0081 0.0007  0.0426  68   ASP B OD1 
452 O  OD2 . ASP A 68 ? 0.1878 0.1854 0.2014 0.0093  0.0136  0.0134  68   ASP B OD2 
453 N  N   . ASP A 69 ? 0.1353 0.1284 0.1263 0.0003  0.0060  0.0108  69   ASP B N   
454 C  CA  . ASP A 69 ? 0.1295 0.1316 0.1282 -0.0030 0.0028  0.0094  69   ASP B CA  
455 C  C   . ASP A 69 ? 0.1178 0.1136 0.1221 -0.0049 0.0063  0.0063  69   ASP B C   
456 O  O   . ASP A 69 ? 0.1091 0.1201 0.1265 -0.0075 0.0120  0.0108  69   ASP B O   
457 C  CB  . ASP A 69 ? 0.1472 0.1487 0.1473 -0.0045 0.0050  0.0053  69   ASP B CB  
458 C  CG  . ASP A 69 ? 0.1898 0.1875 0.1816 -0.0096 0.0056  0.0171  69   ASP B CG  
459 O  OD1 . ASP A 69 ? 0.2404 0.2248 0.2119 -0.0231 0.0099  0.0134  69   ASP B OD1 
460 O  OD2 . ASP A 69 ? 0.2531 0.2430 0.2652 -0.0278 0.0101  0.0096  69   ASP B OD2 
461 N  N   . GLN A 70 ? 0.1076 0.1019 0.1149 -0.0027 0.0047  0.0046  70   GLN B N   
462 C  CA  . GLN A 70 ? 0.0949 0.0982 0.1112 -0.0038 0.0005  0.0011  70   GLN B CA  
463 C  C   . GLN A 70 ? 0.0850 0.0868 0.1031 -0.0018 0.0009  0.0021  70   GLN B C   
464 O  O   . GLN A 70 ? 0.0802 0.0757 0.0989 0.0026  0.0022  -0.0019 70   GLN B O   
465 C  CB  . GLN A 70 ? 0.0934 0.0895 0.1091 -0.0050 0.0000  0.0004  70   GLN B CB  
466 C  CG  . GLN A 70 ? 0.0865 0.0978 0.1156 -0.0017 -0.0044 0.0016  70   GLN B CG  
467 C  CD  . GLN A 70 ? 0.1186 0.1130 0.1304 -0.0023 -0.0073 -0.0105 70   GLN B CD  
468 O  OE1 . GLN A 70 ? 0.1108 0.1163 0.1350 -0.0014 -0.0103 -0.0093 70   GLN B OE1 
469 N  NE2 . GLN A 70 ? 0.1717 0.1697 0.1461 0.0175  -0.0132 -0.0052 70   GLN B NE2 
470 N  N   . ILE A 71 ? 0.0850 0.0876 0.1051 -0.0066 -0.0002 0.0005  71   ILE B N   
471 C  CA  . ILE A 71 ? 0.0919 0.0929 0.1032 -0.0053 0.0015  0.0028  71   ILE B CA  
472 C  C   . ILE A 71 ? 0.0866 0.0903 0.1029 -0.0021 -0.0021 0.0046  71   ILE B C   
473 O  O   . ILE A 71 ? 0.0923 0.0870 0.1088 0.0007  0.0011  0.0094  71   ILE B O   
474 C  CB  . ILE A 71 ? 0.0949 0.0826 0.0942 -0.0042 0.0002  0.0054  71   ILE B CB  
475 C  CG1 . ILE A 71 ? 0.1004 0.0779 0.1017 -0.0067 -0.0035 -0.0024 71   ILE B CG1 
476 C  CG2 . ILE A 71 ? 0.0774 0.0895 0.1011 -0.0060 -0.0005 -0.0021 71   ILE B CG2 
477 C  CD1 . ILE A 71 ? 0.1022 0.1102 0.1199 -0.0028 0.0017  0.0017  71   ILE B CD1 
478 N  N   . ALA A 72 ? 0.0909 0.0919 0.0986 -0.0005 -0.0004 0.0058  72   ALA B N   
479 C  CA  . ALA A 72 ? 0.0953 0.0986 0.0977 -0.0040 0.0007  0.0013  72   ALA B CA  
480 C  C   . ALA A 72 ? 0.0956 0.0999 0.0986 -0.0008 0.0031  -0.0001 72   ALA B C   
481 O  O   . ALA A 72 ? 0.1073 0.1114 0.1034 0.0038  0.0077  0.0004  72   ALA B O   
482 C  CB  . ALA A 72 ? 0.1120 0.1169 0.1034 -0.0033 0.0058  0.0055  72   ALA B CB  
483 N  N   . ALA A 73 ? 0.0879 0.0931 0.0943 0.0002  0.0016  0.0028  73   ALA B N   
484 C  CA  . ALA A 73 ? 0.0826 0.0883 0.0946 -0.0017 0.0004  0.0002  73   ALA B CA  
485 C  C   . ALA A 73 ? 0.0778 0.0832 0.0929 0.0008  0.0017  -0.0023 73   ALA B C   
486 O  O   . ALA A 73 ? 0.0836 0.0876 0.0972 -0.0036 -0.0010 -0.0036 73   ALA B O   
487 C  CB  . ALA A 73 ? 0.0708 0.0847 0.0969 -0.0008 -0.0074 0.0033  73   ALA B CB  
488 N  N   . VAL A 74 ? 0.0693 0.0781 0.0864 0.0032  0.0035  0.0041  74   VAL B N   
489 C  CA  . VAL A 74 ? 0.0743 0.0815 0.0847 0.0010  0.0014  0.0020  74   VAL B CA  
490 C  C   . VAL A 74 ? 0.0683 0.0807 0.0820 0.0017  0.0022  -0.0003 74   VAL B C   
491 O  O   . VAL A 74 ? 0.0715 0.0819 0.0807 -0.0005 0.0012  -0.0080 74   VAL B O   
492 C  CB  . VAL A 74 ? 0.0773 0.0764 0.0850 0.0064  -0.0003 0.0016  74   VAL B CB  
493 C  CG1 . VAL A 74 ? 0.0678 0.0781 0.0899 0.0143  0.0017  -0.0001 74   VAL B CG1 
494 C  CG2 . VAL A 74 ? 0.0772 0.0804 0.0722 0.0049  -0.0059 0.0082  74   VAL B CG2 
495 N  N   . ALA A 75 ? 0.0795 0.0774 0.0833 -0.0016 0.0051  0.0013  75   ALA B N   
496 C  CA  . ALA A 75 ? 0.0891 0.0877 0.0825 -0.0023 0.0002  0.0008  75   ALA B CA  
497 C  C   . ALA A 75 ? 0.0947 0.0881 0.0834 -0.0030 -0.0038 0.0030  75   ALA B C   
498 O  O   . ALA A 75 ? 0.1016 0.0795 0.0921 0.0039  -0.0095 -0.0122 75   ALA B O   
499 C  CB  . ALA A 75 ? 0.0936 0.0953 0.0920 -0.0070 -0.0027 0.0058  75   ALA B CB  
500 N  N   . ALA A 76 ? 0.0977 0.0967 0.0990 0.0011  -0.0007 -0.0016 76   ALA B N   
501 C  CA  . ALA A 76 ? 0.0984 0.0962 0.0971 0.0025  -0.0005 -0.0042 76   ALA B CA  
502 C  C   . ALA A 76 ? 0.0996 0.1018 0.1001 0.0059  -0.0019 -0.0049 76   ALA B C   
503 O  O   . ALA A 76 ? 0.1022 0.1016 0.0951 0.0076  0.0008  -0.0102 76   ALA B O   
504 C  CB  . ALA A 76 ? 0.0973 0.1067 0.1066 0.0063  0.0038  0.0005  76   ALA B CB  
505 N  N   . TYR A 77 ? 0.1040 0.0946 0.0942 0.0076  0.0019  -0.0049 77   TYR B N   
506 C  CA  . TYR A 77 ? 0.1010 0.0966 0.0956 0.0080  -0.0011 -0.0089 77   TYR B CA  
507 C  C   . TYR A 77 ? 0.1007 0.0932 0.0840 0.0109  0.0013  -0.0033 77   TYR B C   
508 O  O   . TYR A 77 ? 0.1086 0.0776 0.0833 0.0176  -0.0039 -0.0078 77   TYR B O   
509 C  CB  . TYR A 77 ? 0.1150 0.1054 0.1065 0.0085  0.0014  -0.0119 77   TYR B CB  
510 C  CG  . TYR A 77 ? 0.1121 0.1093 0.1070 0.0066  -0.0024 -0.0092 77   TYR B CG  
511 C  CD1 . TYR A 77 ? 0.1339 0.1288 0.1267 0.0208  -0.0053 0.0005  77   TYR B CD1 
512 C  CD2 . TYR A 77 ? 0.1251 0.1241 0.1070 0.0208  0.0015  -0.0003 77   TYR B CD2 
513 C  CE1 . TYR A 77 ? 0.1285 0.1412 0.1218 0.0175  -0.0084 -0.0036 77   TYR B CE1 
514 C  CE2 . TYR A 77 ? 0.1462 0.1370 0.1194 0.0077  0.0064  0.0010  77   TYR B CE2 
515 C  CZ  . TYR A 77 ? 0.1514 0.1319 0.1177 0.0084  -0.0007 0.0036  77   TYR B CZ  
516 O  OH  . TYR A 77 ? 0.1697 0.1718 0.1224 0.0184  -0.0105 0.0082  77   TYR B OH  
517 N  N   . VAL A 78 ? 0.0959 0.0909 0.0892 0.0104  0.0049  -0.0017 78   VAL B N   
518 C  CA  . VAL A 78 ? 0.0957 0.0974 0.0946 0.0083  0.0029  -0.0010 78   VAL B CA  
519 C  C   . VAL A 78 ? 0.0900 0.0936 0.0932 0.0082  0.0011  -0.0007 78   VAL B C   
520 O  O   . VAL A 78 ? 0.0953 0.0873 0.0935 0.0123  0.0135  -0.0032 78   VAL B O   
521 C  CB  . VAL A 78 ? 0.0956 0.0997 0.1046 0.0074  0.0084  -0.0018 78   VAL B CB  
522 C  CG1 . VAL A 78 ? 0.0912 0.1079 0.1237 0.0050  0.0072  -0.0041 78   VAL B CG1 
523 C  CG2 . VAL A 78 ? 0.1249 0.1131 0.1198 0.0059  0.0074  -0.0076 78   VAL B CG2 
524 N  N   . LEU A 79 ? 0.0807 0.0907 0.0932 0.0073  -0.0003 0.0013  79   LEU B N   
525 C  CA  . LEU A 79 ? 0.0835 0.0928 0.0975 0.0070  -0.0014 -0.0037 79   LEU B CA  
526 C  C   . LEU A 79 ? 0.0864 0.0900 0.0991 0.0099  0.0013  -0.0030 79   LEU B C   
527 O  O   . LEU A 79 ? 0.0918 0.0928 0.1129 0.0010  0.0005  -0.0067 79   LEU B O   
528 C  CB  . LEU A 79 ? 0.0933 0.1020 0.1034 0.0097  -0.0011 -0.0049 79   LEU B CB  
529 C  CG  . LEU A 79 ? 0.1048 0.1130 0.1247 0.0116  -0.0066 0.0001  79   LEU B CG  
530 C  CD1 . LEU A 79 ? 0.1488 0.1599 0.1413 0.0121  -0.0015 0.0073  79   LEU B CD1 
531 C  CD2 . LEU A 79 ? 0.1193 0.1348 0.1509 0.0057  -0.0194 -0.0074 79   LEU B CD2 
532 N  N   . ASP A 80 ? 0.0893 0.0850 0.0946 0.0121  -0.0027 -0.0076 80   ASP B N   
533 C  CA  . ASP A 80 ? 0.0952 0.0931 0.0994 0.0099  -0.0018 -0.0011 80   ASP B CA  
534 C  C   . ASP A 80 ? 0.1059 0.0951 0.1020 0.0114  0.0012  0.0017  80   ASP B C   
535 O  O   . ASP A 80 ? 0.1234 0.0897 0.0951 0.0235  0.0096  0.0052  80   ASP B O   
536 C  CB  . ASP A 80 ? 0.0971 0.0935 0.0916 0.0066  -0.0064 -0.0001 80   ASP B CB  
537 C  CG  . ASP A 80 ? 0.0985 0.1010 0.0992 0.0102  -0.0055 -0.0074 80   ASP B CG  
538 O  OD1 . ASP A 80 ? 0.1015 0.1052 0.0844 0.0125  -0.0072 -0.0100 80   ASP B OD1 
539 O  OD2 . ASP A 80 ? 0.0928 0.1373 0.1081 0.0189  -0.0133 -0.0128 80   ASP B OD2 
540 N  N   . GLN A 81 ? 0.1153 0.1001 0.1070 0.0103  0.0052  0.0041  81   GLN B N   
541 C  CA  . GLN A 81 ? 0.1277 0.1192 0.1144 0.0110  0.0049  0.0069  81   GLN B CA  
542 C  C   . GLN A 81 ? 0.1309 0.1214 0.1212 0.0127  0.0115  0.0088  81   GLN B C   
543 O  O   . GLN A 81 ? 0.1406 0.1244 0.1178 0.0166  0.0136  0.0160  81   GLN B O   
544 C  CB  . GLN A 81 ? 0.1361 0.1322 0.1312 0.0138  0.0062  0.0057  81   GLN B CB  
545 C  CG  . GLN A 81 ? 0.1635 0.1556 0.1463 0.0023  0.0029  0.0056  81   GLN B CG  
546 C  CD  . GLN A 81 ? 0.2023 0.1943 0.1921 0.0045  -0.0085 0.0089  81   GLN B CD  
547 O  OE1 . GLN A 81 ? 0.2117 0.2223 0.2135 0.0178  -0.0127 0.0253  81   GLN B OE1 
548 N  NE2 . GLN A 81 ? 0.2379 0.2399 0.2105 -0.0024 0.0022  0.0148  81   GLN B NE2 
549 N  N   . ALA A 82 ? 0.1382 0.1215 0.1247 0.0075  0.0100  0.0036  82   ALA B N   
550 C  CA  . ALA A 82 ? 0.1482 0.1312 0.1342 0.0050  0.0095  0.0045  82   ALA B CA  
551 C  C   . ALA A 82 ? 0.1557 0.1301 0.1458 0.0061  0.0132  0.0035  82   ALA B C   
552 O  O   . ALA A 82 ? 0.1683 0.1258 0.1456 0.0037  0.0224  0.0039  82   ALA B O   
553 C  CB  . ALA A 82 ? 0.1504 0.1431 0.1469 0.0052  0.0067  0.0052  82   ALA B CB  
554 N  N   . GLU A 83 ? 0.1699 0.1338 0.1445 0.0076  0.0146  0.0068  83   GLU B N   
555 C  CA  . GLU A 83 ? 0.1703 0.1536 0.1626 0.0061  0.0154  0.0025  83   GLU B CA  
556 C  C   . GLU A 83 ? 0.1854 0.1631 0.1770 0.0080  0.0153  0.0063  83   GLU B C   
557 O  O   . GLU A 83 ? 0.1970 0.1637 0.1852 0.0087  0.0218  0.0023  83   GLU B O   
558 C  CB  . GLU A 83 ? 0.1690 0.1513 0.1562 0.0047  0.0116  0.0045  83   GLU B CB  
559 C  CG  . GLU A 83 ? 0.1609 0.1455 0.1440 0.0015  0.0097  0.0039  83   GLU B CG  
560 C  CD  . GLU A 83 ? 0.1475 0.1314 0.1336 -0.0015 0.0103  0.0115  83   GLU B CD  
561 O  OE1 . GLU A 83 ? 0.1479 0.1590 0.1432 0.0057  0.0189  0.0236  83   GLU B OE1 
562 O  OE2 . GLU A 83 ? 0.1520 0.1534 0.1151 -0.0065 0.0195  0.0062  83   GLU B OE2 
563 N  N   . LYS A 84 ? 0.1977 0.1822 0.1878 0.0116  0.0094  0.0069  84   LYS B N   
564 C  CA  . LYS A 84 ? 0.2166 0.2077 0.2073 0.0096  0.0037  0.0063  84   LYS B CA  
565 C  C   . LYS A 84 ? 0.2268 0.2147 0.2176 0.0113  0.0042  0.0117  84   LYS B C   
566 O  O   . LYS A 84 ? 0.2492 0.2236 0.2328 0.0210  0.0066  0.0168  84   LYS B O   
567 C  CB  . LYS A 84 ? 0.2149 0.2125 0.2144 0.0114  0.0009  0.0066  84   LYS B CB  
568 C  CG  . LYS A 84 ? 0.2284 0.2229 0.2281 0.0027  -0.0007 0.0053  84   LYS B CG  
569 C  CD  . LYS A 84 ? 0.2317 0.2367 0.2313 0.0001  0.0003  0.0060  84   LYS B CD  
570 C  CE  . LYS A 84 ? 0.2470 0.2529 0.2436 -0.0044 -0.0015 -0.0018 84   LYS B CE  
571 N  NZ  . LYS A 84 ? 0.2454 0.2482 0.2514 -0.0050 -0.0016 -0.0104 84   LYS B NZ  
572 N  N   . GLY A 85 ? 0.2389 0.2256 0.2278 0.0100  0.0056  0.0107  85   GLY B N   
573 C  CA  . GLY A 85 ? 0.2422 0.2312 0.2316 0.0062  0.0050  0.0089  85   GLY B CA  
574 C  C   . GLY A 85 ? 0.2529 0.2403 0.2366 0.0036  0.0044  0.0099  85   GLY B C   
575 O  O   . GLY A 85 ? 0.2673 0.2513 0.2454 0.0035  0.0079  0.0155  85   GLY B O   
576 N  N   . TRP A 86 ? 0.2612 0.2407 0.2369 0.0055  0.0049  0.0088  86   TRP B N   
577 C  CA  . TRP A 86 ? 0.2523 0.2409 0.2343 0.0048  0.0027  0.0080  86   TRP B CA  
578 C  C   . TRP A 86 ? 0.2622 0.2498 0.2423 0.0022  0.0020  0.0107  86   TRP B C   
579 O  O   . TRP A 86 ? 0.2743 0.2713 0.2508 0.0050  0.0093  0.0139  86   TRP B O   
580 C  CB  . TRP A 86 ? 0.2425 0.2144 0.2226 0.0058  0.0031  0.0094  86   TRP B CB  
581 C  CG  . TRP A 86 ? 0.2289 0.1975 0.2164 0.0034  0.0040  0.0060  86   TRP B CG  
582 C  CD1 . TRP A 86 ? 0.2238 0.1941 0.2133 0.0025  0.0034  -0.0005 86   TRP B CD1 
583 C  CD2 . TRP A 86 ? 0.2264 0.2212 0.2169 0.0027  0.0034  -0.0020 86   TRP B CD2 
584 N  NE1 . TRP A 86 ? 0.2109 0.1940 0.2022 -0.0035 -0.0002 -0.0026 86   TRP B NE1 
585 C  CE2 . TRP A 86 ? 0.2197 0.2130 0.2139 0.0085  0.0073  0.0029  86   TRP B CE2 
586 C  CE3 . TRP A 86 ? 0.2262 0.2101 0.2130 0.0060  0.0048  0.0070  86   TRP B CE3 
587 C  CZ2 . TRP A 86 ? 0.2131 0.2146 0.2133 0.0054  0.0050  0.0033  86   TRP B CZ2 
588 C  CZ3 . TRP A 86 ? 0.2249 0.2275 0.2201 0.0096  0.0065  0.0031  86   TRP B CZ3 
589 C  CH2 . TRP A 86 ? 0.2238 0.2232 0.2141 0.0092  0.0066  0.0040  86   TRP B CH2 
590 FE FE  . HEC B .  ? 0.0680 0.0627 0.0791 -0.0030 0.0026  0.0114  1087 HEC B FE  
591 C  CHA . HEC B .  ? 0.0896 0.0983 0.1057 -0.0058 0.0031  -0.0044 1087 HEC B CHA 
592 C  CHB . HEC B .  ? 0.0644 0.0791 0.0840 0.0090  -0.0016 -0.0025 1087 HEC B CHB 
593 C  CHC . HEC B .  ? 0.0703 0.0742 0.0747 0.0005  -0.0035 0.0064  1087 HEC B CHC 
594 C  CHD . HEC B .  ? 0.0853 0.0934 0.0977 -0.0093 0.0162  -0.0001 1087 HEC B CHD 
595 N  NA  . HEC B .  ? 0.0763 0.0780 0.0905 0.0017  -0.0051 -0.0017 1087 HEC B NA  
596 C  C1A . HEC B .  ? 0.0896 0.0805 0.1052 -0.0043 0.0049  -0.0038 1087 HEC B C1A 
597 C  C2A . HEC B .  ? 0.0744 0.0785 0.1079 0.0008  0.0050  -0.0030 1087 HEC B C2A 
598 C  C3A . HEC B .  ? 0.0685 0.0706 0.0916 0.0132  -0.0060 -0.0010 1087 HEC B C3A 
599 C  C4A . HEC B .  ? 0.0737 0.0615 0.0824 0.0089  0.0038  -0.0056 1087 HEC B C4A 
600 C  CMA . HEC B .  ? 0.0804 0.0936 0.0915 0.0087  -0.0045 -0.0167 1087 HEC B CMA 
601 C  CAA . HEC B .  ? 0.0895 0.0911 0.1032 0.0059  -0.0026 -0.0079 1087 HEC B CAA 
602 C  CBA . HEC B .  ? 0.0841 0.0952 0.0968 -0.0011 -0.0031 -0.0021 1087 HEC B CBA 
603 C  CGA . HEC B .  ? 0.1004 0.1132 0.1065 -0.0011 -0.0142 0.0032  1087 HEC B CGA 
604 O  O1A . HEC B .  ? 0.1102 0.1406 0.0997 -0.0035 -0.0107 0.0042  1087 HEC B O1A 
605 O  O2A . HEC B .  ? 0.1316 0.1340 0.1291 -0.0290 -0.0277 -0.0033 1087 HEC B O2A 
606 N  NB  . HEC B .  ? 0.0754 0.0719 0.0605 -0.0024 0.0106  0.0124  1087 HEC B NB  
607 C  C1B . HEC B .  ? 0.0532 0.0656 0.0594 0.0033  0.0016  0.0025  1087 HEC B C1B 
608 C  C2B . HEC B .  ? 0.0650 0.0655 0.0564 0.0026  -0.0023 0.0059  1087 HEC B C2B 
609 C  C3B . HEC B .  ? 0.0699 0.0600 0.0507 0.0086  -0.0114 0.0054  1087 HEC B C3B 
610 C  C4B . HEC B .  ? 0.0791 0.0590 0.0532 0.0016  -0.0069 0.0152  1087 HEC B C4B 
611 C  CMB . HEC B .  ? 0.0676 0.0756 0.0731 0.0022  0.0009  -0.0016 1087 HEC B CMB 
612 C  CAB . HEC B .  ? 0.0693 0.0660 0.0613 0.0018  0.0033  0.0096  1087 HEC B CAB 
613 C  CBB . HEC B .  ? 0.0734 0.0657 0.0511 -0.0188 0.0047  0.0024  1087 HEC B CBB 
614 N  NC  . HEC B .  ? 0.0707 0.0820 0.0883 0.0076  0.0091  0.0004  1087 HEC B NC  
615 C  C1C . HEC B .  ? 0.0585 0.0986 0.0878 0.0043  -0.0043 -0.0025 1087 HEC B C1C 
616 C  C2C . HEC B .  ? 0.0511 0.0916 0.0680 0.0005  -0.0064 0.0100  1087 HEC B C2C 
617 C  C3C . HEC B .  ? 0.0784 0.0946 0.1096 -0.0030 0.0116  0.0016  1087 HEC B C3C 
618 C  C4C . HEC B .  ? 0.0803 0.0929 0.0895 -0.0099 0.0077  0.0071  1087 HEC B C4C 
619 C  CMC . HEC B .  ? 0.0939 0.0959 0.0881 -0.0076 0.0016  -0.0012 1087 HEC B CMC 
620 C  CAC . HEC B .  ? 0.0982 0.1037 0.0936 0.0002  0.0108  0.0070  1087 HEC B CAC 
621 C  CBC . HEC B .  ? 0.1245 0.1079 0.1330 0.0056  0.0203  -0.0162 1087 HEC B CBC 
622 N  ND  . HEC B .  ? 0.0955 0.0994 0.1014 -0.0036 0.0134  -0.0018 1087 HEC B ND  
623 C  C1D . HEC B .  ? 0.0858 0.0932 0.0908 -0.0042 0.0108  0.0080  1087 HEC B C1D 
624 C  C2D . HEC B .  ? 0.1024 0.1220 0.1356 -0.0129 0.0123  -0.0046 1087 HEC B C2D 
625 C  C3D . HEC B .  ? 0.1182 0.1305 0.1360 -0.0161 0.0097  -0.0029 1087 HEC B C3D 
626 C  C4D . HEC B .  ? 0.0905 0.0919 0.1116 -0.0119 0.0078  -0.0086 1087 HEC B C4D 
627 C  CMD . HEC B .  ? 0.1090 0.1301 0.1448 -0.0069 0.0236  -0.0060 1087 HEC B CMD 
628 C  CAD . HEC B .  ? 0.1277 0.1352 0.1391 -0.0201 -0.0032 -0.0105 1087 HEC B CAD 
629 C  CBD . HEC B .  ? 0.1955 0.1833 0.1869 -0.0204 -0.0019 0.0010  1087 HEC B CBD 
630 C  CGD . HEC B .  ? 0.2169 0.2024 0.2127 -0.0012 -0.0060 -0.0058 1087 HEC B CGD 
631 O  O1D . HEC B .  ? 0.2389 0.2148 0.2192 -0.0080 -0.0012 -0.0032 1087 HEC B O1D 
632 O  O2D . HEC B .  ? 0.2787 0.2836 0.2687 -0.0095 -0.0194 -0.0099 1087 HEC B O2D 
633 N  N1  . IMD C .  ? 0.0586 0.0639 0.0860 0.0013  0.0026  0.0005  1088 IMD B N1  
634 C  C2  . IMD C .  ? 0.0853 0.0591 0.0887 -0.0011 -0.0039 -0.0029 1088 IMD B C2  
635 N  N3  . IMD C .  ? 0.0685 0.0825 0.0890 0.0019  -0.0082 0.0043  1088 IMD B N3  
636 C  C4  . IMD C .  ? 0.0898 0.0898 0.0904 -0.0028 -0.0033 -0.0058 1088 IMD B C4  
637 C  C5  . IMD C .  ? 0.0748 0.0736 0.0706 -0.0025 0.0083  -0.0050 1088 IMD B C5  
638 O  O   . HOH D .  ? 0.5128 0.5027 0.5058 -0.0013 -0.0043 -0.0006 87   HOH B O   
639 O  O   . HOH D .  ? 1.0823 1.0834 1.0833 -0.0001 -0.0002 0.0002  88   HOH B O   
640 O  O   . HOH D .  ? 0.0364 0.1061 0.0728 0.0244  -0.0001 0.0029  89   HOH B O   
641 O  O   . HOH D .  ? 0.0762 0.0918 0.0876 -0.0420 0.0029  0.0026  90   HOH B O   
642 O  O   . HOH D .  ? 0.0983 0.0890 0.0677 -0.0064 0.0022  0.0202  91   HOH B O   
643 O  O   . HOH D .  ? 0.1352 0.1291 0.1607 -0.0252 -0.0041 -0.0283 92   HOH B O   
644 O  O   . HOH D .  ? 0.4882 0.4880 0.4953 0.0011  0.0006  0.0048  93   HOH B O   
645 O  O   . HOH D .  ? 0.1934 0.1449 0.1284 -0.0331 -0.0337 0.0083  94   HOH B O   
646 O  O   . HOH D .  ? 0.1434 0.1351 0.1124 0.0289  -0.0222 -0.0093 95   HOH B O   
647 O  O   . HOH D .  ? 0.1496 0.1498 0.1421 0.0367  0.0282  0.0141  96   HOH B O   
648 O  O   . HOH D .  ? 0.1216 0.1010 0.1638 0.0012  0.0479  -0.0031 97   HOH B O   
649 O  O   . HOH D .  ? 0.1849 0.2329 0.1970 0.0154  -0.0007 0.0006  98   HOH B O   
650 O  O   . HOH D .  ? 0.2264 0.2057 0.1978 -0.0035 0.0165  0.0075  99   HOH B O   
651 O  O   . HOH D .  ? 0.2543 0.1495 0.1672 -0.0076 -0.0502 -0.0150 100  HOH B O   
652 O  O   . HOH D .  ? 0.2323 0.1785 0.2192 0.0133  -0.0124 0.0518  101  HOH B O   
653 O  O   . HOH D .  ? 0.1859 0.2280 0.2483 0.0194  0.0233  0.0107  102  HOH B O   
654 O  O   . HOH D .  ? 0.1514 0.1883 0.1942 0.0212  0.0023  -0.0170 103  HOH B O   
655 O  O   . HOH D .  ? 0.2253 0.1927 0.2344 -0.0047 -0.0107 -0.0029 104  HOH B O   
656 O  O   . HOH D .  ? 0.1364 0.1370 0.1266 0.0121  0.0145  0.0618  105  HOH B O   
657 O  O   . HOH D .  ? 0.2065 0.1727 0.1868 0.0116  0.0197  -0.0232 106  HOH B O   
658 O  O   . HOH D .  ? 0.1791 0.1741 0.1933 0.0060  0.0235  0.0254  107  HOH B O   
659 O  O   . HOH D .  ? 0.3862 0.3901 0.3999 -0.0012 -0.0116 -0.0009 108  HOH B O   
660 O  O   . HOH D .  ? 0.3264 0.3270 0.3103 0.0177  0.0139  -0.0034 109  HOH B O   
661 O  O   . HOH D .  ? 0.2443 0.2536 0.2777 0.0126  -0.0050 -0.0287 110  HOH B O   
662 O  O   . HOH D .  ? 0.1513 0.2585 0.2400 0.0360  -0.0050 -0.0025 111  HOH B O   
663 O  O   . HOH D .  ? 0.2151 0.2495 0.1986 -0.0196 0.0426  0.0073  112  HOH B O   
664 O  O   . HOH D .  ? 0.2891 0.2789 0.2835 -0.0174 -0.0034 0.0383  113  HOH B O   
665 O  O   . HOH D .  ? 0.2269 0.2518 0.2815 -0.0062 0.0156  -0.0360 114  HOH B O   
666 O  O   . HOH D .  ? 0.2409 0.2265 0.2813 -0.0298 -0.0084 -0.0017 115  HOH B O   
667 O  O   . HOH D .  ? 0.4645 0.4502 0.4519 -0.0042 0.0050  -0.0017 116  HOH B O   
668 O  O   . HOH D .  ? 0.2727 0.1982 0.2363 -0.0312 0.0168  0.0240  117  HOH B O   
669 O  O   . HOH D .  ? 0.1446 0.1900 0.2065 0.0012  0.0012  -0.0236 118  HOH B O   
670 O  O   . HOH D .  ? 0.2051 0.2752 0.2426 -0.0008 -0.0193 0.0044  119  HOH B O   
671 O  O   . HOH D .  ? 0.2881 0.3010 0.3150 0.0024  -0.0076 0.0132  120  HOH B O   
672 O  O   . HOH D .  ? 0.2540 0.2601 0.2203 -0.0104 -0.0236 -0.0225 121  HOH B O   
673 O  O   . HOH D .  ? 0.2815 0.2489 0.2701 -0.0046 0.0028  0.0157  122  HOH B O   
674 O  O   . HOH D .  ? 0.2363 0.2583 0.2426 -0.0037 -0.0156 -0.0511 123  HOH B O   
675 O  O   . HOH D .  ? 0.2651 0.3018 0.3299 -0.0001 0.0153  0.0012  124  HOH B O   
676 O  O   . HOH D .  ? 0.2640 0.2671 0.2703 0.0068  -0.0107 0.0167  125  HOH B O   
677 O  O   . HOH D .  ? 0.2203 0.2925 0.2620 0.0057  0.0047  -0.0171 126  HOH B O   
678 O  O   . HOH D .  ? 0.2888 0.3321 0.2970 0.0083  -0.0055 -0.0190 127  HOH B O   
679 O  O   . HOH D .  ? 0.5074 0.5103 0.5154 0.0010  0.0003  -0.0002 128  HOH B O   
680 O  O   . HOH D .  ? 0.4064 0.3959 0.4171 -0.0043 -0.0017 0.0103  129  HOH B O   
681 O  O   . HOH D .  ? 0.3047 0.3248 0.3270 -0.0198 0.0002  0.0115  130  HOH B O   
682 O  O   . HOH D .  ? 0.2998 0.3054 0.3240 0.0187  -0.0080 -0.0113 131  HOH B O   
683 O  O   . HOH D .  ? 0.3854 0.3835 0.4010 -0.0047 0.0050  -0.0029 132  HOH B O   
684 O  O   . HOH D .  ? 0.2895 0.2923 0.3156 -0.0020 -0.0010 -0.0003 133  HOH B O   
685 O  O   . HOH D .  ? 0.3317 0.3191 0.2910 -0.0058 0.0213  0.0250  134  HOH B O   
686 O  O   . HOH D .  ? 0.3277 0.3573 0.3695 0.0027  0.0119  0.0039  135  HOH B O   
687 O  O   . HOH D .  ? 0.3771 0.3855 0.3867 0.0089  -0.0105 -0.0045 136  HOH B O   
688 O  O   . HOH D .  ? 0.4496 0.4377 0.4303 0.0040  -0.0003 0.0090  137  HOH B O   
689 O  O   . HOH D .  ? 0.4615 0.4595 0.4454 -0.0024 0.0029  0.0029  138  HOH B O   
690 O  O   . HOH D .  ? 0.3660 0.3494 0.3628 0.0086  -0.0033 -0.0029 139  HOH B O   
691 O  O   . HOH D .  ? 0.3096 0.3210 0.2959 -0.0005 -0.0055 -0.0037 140  HOH B O   
692 O  O   . HOH D .  ? 0.5086 0.5008 0.5005 -0.0058 -0.0037 0.0025  141  HOH B O   
693 O  O   . HOH D .  ? 0.3214 0.3352 0.3137 -0.0008 -0.0160 -0.0010 142  HOH B O   
694 O  O   . HOH D .  ? 0.4012 0.3918 0.3764 -0.0014 -0.0035 0.0101  143  HOH B O   
695 O  O   . HOH D .  ? 0.2911 0.3092 0.3189 0.0017  0.0003  0.0227  144  HOH B O   
696 O  O   . HOH D .  ? 0.4018 0.3888 0.4020 -0.0057 -0.0103 -0.0073 145  HOH B O   
697 O  O   . HOH D .  ? 0.3994 0.4006 0.3917 0.0087  -0.0012 -0.0017 146  HOH B O   
698 O  O   . HOH D .  ? 0.8981 0.8988 0.9016 0.0010  -0.0015 0.0004  147  HOH B O   
699 O  O   . HOH D .  ? 0.5749 0.5803 0.5759 0.0003  0.0042  0.0034  148  HOH B O   
700 O  O   . HOH D .  ? 0.5264 0.5140 0.5122 -0.0002 0.0035  0.0089  149  HOH B O   
701 O  O   . HOH D .  ? 0.3221 0.3092 0.2926 -0.0210 -0.0046 -0.0081 150  HOH B O   
702 O  O   . HOH D .  ? 0.5212 0.5156 0.5197 0.0010  0.0013  0.0046  151  HOH B O   
703 O  O   . HOH D .  ? 0.2343 0.2130 0.1980 0.0261  -0.0039 -0.0220 152  HOH B O   
704 O  O   . HOH D .  ? 0.6063 0.6014 0.6030 0.0009  0.0017  -0.0008 153  HOH B O   
705 O  O   . HOH D .  ? 0.1898 0.2106 0.2060 0.0156  0.0124  -0.0216 154  HOH B O   
706 O  O   . HOH D .  ? 0.3833 0.4081 0.4044 0.0059  0.0087  -0.0010 155  HOH B O   
707 O  O   . HOH D .  ? 0.5061 0.4951 0.4892 -0.0018 -0.0015 0.0040  156  HOH B O   
708 O  O   . HOH D .  ? 0.5682 0.5588 0.5578 -0.0003 0.0039  0.0069  157  HOH B O   
# 
